data_9BOZ
#
_entry.id   9BOZ
#
_cell.length_a   1.00
_cell.length_b   1.00
_cell.length_c   1.00
_cell.angle_alpha   90.00
_cell.angle_beta   90.00
_cell.angle_gamma   90.00
#
_symmetry.space_group_name_H-M   'P 1'
#
loop_
_entity.id
_entity.type
_entity.pdbx_description
1 polymer 'Glycine receptor subunit alpha-3'
2 polymer 'Glycine receptor subunit beta,Green fluorescent protein'
3 non-polymer 2-acetamido-2-deoxy-beta-D-glucopyranose
#
loop_
_entity_poly.entity_id
_entity_poly.type
_entity_poly.pdbx_seq_one_letter_code
_entity_poly.pdbx_strand_id
1 'polypeptide(L)'
;ARSRSAPMSPSDFLDKLMGRTSGYDARIRPNFKGPPVNVTCNIFINSFGSIAETTMDYRVNIFLRQKWNDPRLAYSEYPD
DSLDLDPSMLDSIWKPDLFFANEKGANFHEVTTDNKLLRIFKNGNVLYSIRLTLTLSCPMDLKNFPMDVQTCIMQLESFG
YTMNDLIFEWQDEAPVQVAEGLTLPQFLLKEEKDLRYCTKHYNTGKFTCIEVRFHLERQMGYYLIQMYIPSLLIVILSWV
SFWINMDAAPARVALGITTVLTMTTQSSGSRASLPKVSYVKAIDIWMAVCLLFVFSALLEYAAVNFVSRQHKELLRFRRK
RKNKTEAFDMDDEVRESRFSFTAYGMGPCLQAKDGMTPKGPNHPVQVMPKSPDEMRKVFIDRAKKIDTISRACFPLAFLI
FNIFYWVIYKILRHEDIHQQQD
;
A,B,C,D
2 'polypeptide(L)'
;KSSKKGKGKKKQYLCPSQQSAEDLARVPANSTSNILNRLLVSYDPRIRPNFKGIPVDVVVNIFINSFGSIQETTMDYRVN
IFLRQKWNDPRLKLPSDFRGSDALTVDPTMYKCLWKPDLFFANEKSANFHDVTQENILLFIFRDGDVLVSMRLSITLSCP
LDLTLFPMDTQRCKMQLESFGYTTDDLRFIWQSGDPVQLEKIALPQFDIKKEDIEYGNCTKYYKGTGYYTCVEVIFTLRR
QVGFYMMGVYAPTLLIVVLSWLSFWINPDASAARVPLGIFSVLSLASECTTLAAELPKVSYVKALDVWLIACLLFGFASL
VEYAVVQVMLNGGSSAAAVSKGEELFTGVVPILVELDGDVNGHKFSVSGEGEGDATYGKLTLKFICTTGKLPVPWPTLVT
TFSYGVQCFSRYPDHMKQHDFFKSAMPEGYVQERTIFFKDDGNYKTRAEVKFEGDTLVNRIELKGIDFKEDGNILGHKLE
YNYNSHNVYIMADKQKNGIKVNFKIRHNIEDGSVQLADHYQQNTPIGDGPVLLPDNHYLSTQSALSKDPNEKRDHMVLLE
FVTAAGITHGMDELYKSGSGSGVGETRCKKVCTSKSDLRSNDFSIVGSLPRDFELSNYDCYGKPIEVNNGLGKSQAKNNK
KPPPAKPVIPTAAKRIDLYARALFPFCFLFFNVIYWSIYL
;
E
#
# COMPACT_ATOMS: atom_id res chain seq x y z
N SER A 9 48.49 -27.03 1.95
CA SER A 9 47.41 -26.37 2.66
C SER A 9 46.38 -25.81 1.68
N PRO A 10 45.09 -26.01 1.99
CA PRO A 10 44.05 -25.48 1.09
C PRO A 10 44.08 -23.97 0.95
N SER A 11 44.46 -23.23 2.00
CA SER A 11 44.56 -21.79 1.88
C SER A 11 45.66 -21.39 0.89
N ASP A 12 46.81 -22.08 0.96
CA ASP A 12 47.86 -21.84 -0.02
C ASP A 12 47.41 -22.20 -1.43
N PHE A 13 46.63 -23.27 -1.57
CA PHE A 13 46.09 -23.63 -2.88
C PHE A 13 45.17 -22.54 -3.42
N LEU A 14 44.31 -21.99 -2.56
CA LEU A 14 43.45 -20.89 -2.99
C LEU A 14 44.27 -19.66 -3.38
N ASP A 15 45.30 -19.34 -2.61
CA ASP A 15 46.15 -18.21 -2.94
C ASP A 15 46.85 -18.41 -4.27
N LYS A 16 47.31 -19.64 -4.54
CA LYS A 16 48.05 -19.92 -5.76
C LYS A 16 47.13 -20.03 -6.97
N LEU A 17 45.86 -20.39 -6.78
CA LEU A 17 44.98 -20.64 -7.91
C LEU A 17 44.50 -19.32 -8.54
N MET A 18 43.79 -18.50 -7.75
CA MET A 18 43.23 -17.27 -8.30
C MET A 18 43.60 -16.03 -7.48
N GLY A 19 44.57 -16.15 -6.57
CA GLY A 19 44.95 -15.05 -5.72
C GLY A 19 45.80 -14.03 -6.45
N ARG A 20 46.30 -13.06 -5.68
CA ARG A 20 47.13 -12.00 -6.25
C ARG A 20 48.41 -12.57 -6.85
N THR A 21 49.04 -13.51 -6.15
CA THR A 21 50.28 -14.11 -6.64
C THR A 21 50.05 -15.03 -7.84
N SER A 22 48.80 -15.40 -8.11
CA SER A 22 48.52 -16.28 -9.24
C SER A 22 48.67 -15.58 -10.59
N GLY A 23 48.75 -14.25 -10.60
CA GLY A 23 48.79 -13.52 -11.85
C GLY A 23 47.51 -13.64 -12.65
N TYR A 24 46.37 -13.67 -11.97
CA TYR A 24 45.07 -13.80 -12.61
C TYR A 24 44.27 -12.52 -12.41
N ASP A 25 43.63 -12.06 -13.48
CA ASP A 25 42.80 -10.86 -13.45
C ASP A 25 41.34 -11.27 -13.61
N ALA A 26 40.50 -10.80 -12.68
CA ALA A 26 39.07 -11.10 -12.74
C ALA A 26 38.31 -10.20 -13.70
N ARG A 27 38.96 -9.18 -14.25
CA ARG A 27 38.32 -8.25 -15.17
C ARG A 27 38.50 -8.64 -16.62
N ILE A 28 39.09 -9.79 -16.90
CA ILE A 28 39.35 -10.26 -18.26
C ILE A 28 38.60 -11.56 -18.47
N ARG A 29 37.80 -11.60 -19.54
CA ARG A 29 37.04 -12.80 -19.85
C ARG A 29 37.98 -13.93 -20.28
N PRO A 30 37.61 -15.18 -20.03
CA PRO A 30 38.43 -16.30 -20.51
C PRO A 30 38.46 -16.35 -22.03
N ASN A 31 39.57 -16.86 -22.55
CA ASN A 31 39.79 -16.97 -24.00
C ASN A 31 39.66 -15.62 -24.68
N PHE A 32 40.34 -14.62 -24.12
CA PHE A 32 40.29 -13.28 -24.68
C PHE A 32 40.89 -13.26 -26.08
N LYS A 33 40.26 -12.50 -26.97
CA LYS A 33 40.67 -12.43 -28.38
C LYS A 33 40.68 -13.82 -29.02
N GLY A 34 39.70 -14.64 -28.67
CA GLY A 34 39.60 -15.98 -29.18
C GLY A 34 38.16 -16.44 -29.30
N PRO A 35 37.94 -17.75 -29.15
CA PRO A 35 36.58 -18.27 -29.25
C PRO A 35 35.73 -17.78 -28.11
N PRO A 36 34.44 -17.57 -28.33
CA PRO A 36 33.56 -17.13 -27.25
C PRO A 36 33.37 -18.20 -26.19
N VAL A 37 33.10 -17.75 -24.96
CA VAL A 37 32.90 -18.64 -23.83
C VAL A 37 31.43 -19.05 -23.77
N ASN A 38 31.20 -20.36 -23.65
CA ASN A 38 29.85 -20.91 -23.61
C ASN A 38 29.36 -21.00 -22.17
N VAL A 39 28.04 -20.87 -22.00
CA VAL A 39 27.41 -20.93 -20.69
C VAL A 39 26.21 -21.86 -20.77
N THR A 40 26.13 -22.81 -19.85
CA THR A 40 24.99 -23.72 -19.73
C THR A 40 24.29 -23.38 -18.42
N CYS A 41 23.23 -22.59 -18.51
CA CYS A 41 22.53 -22.07 -17.34
C CYS A 41 21.17 -22.75 -17.20
N ASN A 42 20.83 -23.12 -15.96
CA ASN A 42 19.54 -23.69 -15.64
C ASN A 42 18.99 -23.02 -14.39
N ILE A 43 17.67 -23.06 -14.25
CA ILE A 43 17.00 -22.40 -13.14
C ILE A 43 16.16 -23.43 -12.39
N PHE A 44 15.86 -23.10 -11.13
CA PHE A 44 15.04 -23.96 -10.27
C PHE A 44 14.03 -23.07 -9.56
N ILE A 45 12.76 -23.16 -9.99
CA ILE A 45 11.72 -22.35 -9.38
C ILE A 45 11.46 -22.84 -7.96
N ASN A 46 11.47 -21.91 -7.01
CA ASN A 46 11.20 -22.23 -5.61
C ASN A 46 9.84 -21.77 -5.13
N SER A 47 9.29 -20.70 -5.71
CA SER A 47 7.96 -20.23 -5.36
C SER A 47 7.40 -19.43 -6.52
N PHE A 48 6.11 -19.15 -6.45
CA PHE A 48 5.39 -18.44 -7.50
C PHE A 48 4.27 -17.65 -6.85
N GLY A 49 3.35 -17.13 -7.67
CA GLY A 49 2.20 -16.42 -7.16
C GLY A 49 2.33 -14.92 -7.28
N SER A 50 1.38 -14.23 -6.63
CA SER A 50 1.29 -12.77 -6.64
C SER A 50 1.17 -12.22 -8.06
N ILE A 51 0.41 -12.92 -8.90
CA ILE A 51 0.15 -12.46 -10.26
C ILE A 51 -0.92 -11.36 -10.17
N ALA A 52 -0.49 -10.11 -10.25
CA ALA A 52 -1.37 -8.96 -10.13
C ALA A 52 -1.57 -8.35 -11.51
N GLU A 53 -2.80 -8.46 -12.03
CA GLU A 53 -3.10 -7.87 -13.33
C GLU A 53 -3.13 -6.35 -13.29
N THR A 54 -3.31 -5.76 -12.11
CA THR A 54 -3.31 -4.30 -12.00
C THR A 54 -1.95 -3.72 -12.37
N THR A 55 -0.87 -4.34 -11.87
CA THR A 55 0.48 -3.90 -12.19
C THR A 55 1.11 -4.69 -13.33
N MET A 56 0.46 -5.77 -13.76
CA MET A 56 0.93 -6.59 -14.88
C MET A 56 2.32 -7.15 -14.61
N ASP A 57 2.44 -7.91 -13.51
CA ASP A 57 3.72 -8.45 -13.10
C ASP A 57 3.48 -9.65 -12.19
N TYR A 58 4.57 -10.40 -11.96
CA TYR A 58 4.52 -11.55 -11.06
C TYR A 58 5.89 -11.76 -10.46
N ARG A 59 5.93 -12.50 -9.37
CA ARG A 59 7.14 -12.68 -8.56
C ARG A 59 7.63 -14.12 -8.65
N VAL A 60 8.95 -14.29 -8.68
CA VAL A 60 9.58 -15.60 -8.67
C VAL A 60 10.73 -15.58 -7.67
N ASN A 61 11.16 -16.78 -7.28
CA ASN A 61 12.21 -16.99 -6.28
C ASN A 61 13.22 -18.00 -6.80
N ILE A 62 13.71 -17.77 -8.01
CA ILE A 62 14.48 -18.79 -8.73
C ILE A 62 15.78 -19.14 -7.99
N PHE A 63 16.34 -20.29 -8.36
CA PHE A 63 17.62 -20.77 -7.85
C PHE A 63 18.64 -20.79 -8.98
N LEU A 64 18.79 -19.65 -9.68
CA LEU A 64 19.59 -19.57 -10.89
C LEU A 64 20.98 -20.14 -10.68
N ARG A 65 21.40 -20.99 -11.63
CA ARG A 65 22.74 -21.57 -11.63
C ARG A 65 23.38 -21.32 -12.98
N GLN A 66 24.70 -21.14 -12.97
CA GLN A 66 25.47 -20.89 -14.19
C GLN A 66 26.67 -21.80 -14.24
N LYS A 67 27.03 -22.22 -15.46
CA LYS A 67 28.18 -23.08 -15.69
C LYS A 67 28.98 -22.56 -16.88
N TRP A 68 30.29 -22.70 -16.80
CA TRP A 68 31.19 -22.34 -17.89
C TRP A 68 32.54 -23.03 -17.65
N ASN A 69 33.53 -22.67 -18.46
CA ASN A 69 34.85 -23.28 -18.36
C ASN A 69 35.91 -22.24 -18.68
N ASP A 70 37.10 -22.43 -18.09
CA ASP A 70 38.24 -21.56 -18.34
C ASP A 70 39.53 -22.29 -17.97
N PRO A 71 40.49 -22.37 -18.89
CA PRO A 71 41.75 -23.08 -18.59
C PRO A 71 42.56 -22.45 -17.47
N ARG A 72 42.39 -21.14 -17.23
CA ARG A 72 43.19 -20.48 -16.19
C ARG A 72 42.85 -21.01 -14.81
N LEU A 73 41.56 -21.28 -14.54
CA LEU A 73 41.14 -21.80 -13.25
C LEU A 73 41.34 -23.31 -13.12
N ALA A 74 41.76 -23.99 -14.18
CA ALA A 74 42.02 -25.42 -14.09
C ALA A 74 43.21 -25.69 -13.17
N TYR A 75 43.12 -26.78 -12.41
CA TYR A 75 44.15 -27.14 -11.45
C TYR A 75 44.47 -28.63 -11.56
N SER A 76 45.68 -28.98 -11.12
CA SER A 76 46.10 -30.38 -11.14
C SER A 76 46.87 -30.77 -9.88
N GLU A 77 46.84 -29.96 -8.82
CA GLU A 77 47.59 -30.24 -7.60
C GLU A 77 46.73 -30.92 -6.54
N TYR A 78 45.57 -30.35 -6.22
CA TYR A 78 44.73 -30.92 -5.17
C TYR A 78 44.14 -32.25 -5.63
N PRO A 79 44.06 -33.25 -4.75
CA PRO A 79 43.54 -34.56 -5.19
C PRO A 79 42.06 -34.55 -5.53
N ASP A 80 41.24 -33.84 -4.74
CA ASP A 80 39.81 -33.83 -5.00
C ASP A 80 39.50 -33.07 -6.29
N ASP A 81 38.50 -33.54 -7.02
CA ASP A 81 38.13 -32.96 -8.30
C ASP A 81 37.08 -31.87 -8.20
N SER A 82 36.57 -31.60 -6.99
CA SER A 82 35.57 -30.56 -6.80
C SER A 82 35.67 -30.03 -5.39
N LEU A 83 35.95 -28.73 -5.25
CA LEU A 83 36.09 -28.10 -3.95
C LEU A 83 35.12 -26.93 -3.83
N ASP A 84 34.57 -26.76 -2.63
CA ASP A 84 33.66 -25.66 -2.36
C ASP A 84 34.45 -24.36 -2.20
N LEU A 85 33.72 -23.25 -2.21
CA LEU A 85 34.35 -21.94 -2.17
C LEU A 85 33.37 -20.93 -1.57
N ASP A 86 33.91 -19.77 -1.19
CA ASP A 86 33.14 -18.73 -0.52
C ASP A 86 32.94 -17.50 -1.40
N PRO A 87 31.83 -16.78 -1.23
CA PRO A 87 31.59 -15.59 -2.06
C PRO A 87 32.60 -14.48 -1.86
N SER A 88 33.28 -14.42 -0.71
CA SER A 88 34.15 -13.29 -0.40
C SER A 88 35.26 -13.16 -1.42
N MET A 89 35.92 -14.26 -1.77
CA MET A 89 36.89 -14.25 -2.86
C MET A 89 36.28 -14.59 -4.21
N LEU A 90 35.03 -15.07 -4.23
CA LEU A 90 34.31 -15.18 -5.49
C LEU A 90 34.11 -13.81 -6.12
N ASP A 91 34.01 -12.77 -5.29
CA ASP A 91 33.98 -11.40 -5.81
C ASP A 91 35.24 -11.07 -6.58
N SER A 92 36.33 -11.81 -6.33
CA SER A 92 37.61 -11.57 -6.96
C SER A 92 37.88 -12.50 -8.15
N ILE A 93 36.86 -13.19 -8.66
CA ILE A 93 37.01 -14.04 -9.83
C ILE A 93 36.01 -13.60 -10.89
N TRP A 94 36.24 -14.06 -12.12
CA TRP A 94 35.40 -13.67 -13.23
C TRP A 94 34.01 -14.27 -13.11
N LYS A 95 32.99 -13.46 -13.39
CA LYS A 95 31.60 -13.90 -13.37
C LYS A 95 30.94 -13.41 -14.65
N PRO A 96 30.39 -14.31 -15.48
CA PRO A 96 29.75 -13.86 -16.71
C PRO A 96 28.55 -12.97 -16.42
N ASP A 97 28.35 -11.97 -17.27
CA ASP A 97 27.23 -11.05 -17.10
C ASP A 97 25.92 -11.75 -17.44
N LEU A 98 24.88 -11.44 -16.67
CA LEU A 98 23.56 -12.01 -16.90
C LEU A 98 22.52 -11.14 -16.22
N PHE A 99 21.66 -10.50 -17.00
CA PHE A 99 20.57 -9.69 -16.47
C PHE A 99 19.28 -10.06 -17.18
N PHE A 100 18.17 -9.96 -16.45
CA PHE A 100 16.87 -10.34 -16.97
C PHE A 100 16.26 -9.16 -17.71
N ALA A 101 15.69 -9.44 -18.89
CA ALA A 101 15.19 -8.37 -19.75
C ALA A 101 13.95 -7.72 -19.16
N ASN A 102 12.90 -8.52 -18.92
CA ASN A 102 11.62 -7.99 -18.44
C ASN A 102 11.53 -8.21 -16.94
N GLU A 103 12.20 -7.32 -16.20
CA GLU A 103 12.13 -7.32 -14.75
C GLU A 103 12.03 -5.88 -14.25
N LYS A 104 11.36 -5.69 -13.13
CA LYS A 104 11.11 -4.37 -12.55
C LYS A 104 11.57 -4.33 -11.11
N GLY A 105 12.82 -4.75 -10.87
CA GLY A 105 13.39 -4.70 -9.54
C GLY A 105 13.65 -6.06 -8.95
N ALA A 106 14.92 -6.47 -8.94
CA ALA A 106 15.34 -7.74 -8.37
C ALA A 106 16.53 -7.51 -7.45
N ASN A 107 16.68 -8.38 -6.45
CA ASN A 107 17.73 -8.23 -5.47
C ASN A 107 18.17 -9.60 -4.97
N PHE A 108 19.36 -9.65 -4.39
CA PHE A 108 19.90 -10.87 -3.81
C PHE A 108 19.29 -11.09 -2.43
N HIS A 109 19.77 -12.10 -1.72
CA HIS A 109 19.35 -12.36 -0.35
C HIS A 109 20.58 -12.57 0.52
N GLU A 110 20.68 -11.81 1.61
CA GLU A 110 21.82 -11.85 2.51
C GLU A 110 21.27 -12.06 3.93
N VAL A 111 21.09 -13.32 4.31
CA VAL A 111 20.53 -13.68 5.60
C VAL A 111 21.51 -14.61 6.30
N THR A 112 22.21 -14.09 7.31
CA THR A 112 23.14 -14.81 8.17
C THR A 112 24.41 -15.20 7.42
N THR A 113 24.42 -15.01 6.11
CA THR A 113 25.54 -15.33 5.23
C THR A 113 25.15 -14.93 3.82
N ASP A 114 26.11 -15.00 2.91
CA ASP A 114 25.81 -14.81 1.51
C ASP A 114 25.16 -16.07 0.94
N ASN A 115 24.29 -15.87 -0.05
CA ASN A 115 23.55 -16.97 -0.68
C ASN A 115 24.14 -17.33 -2.05
N LYS A 116 25.46 -17.25 -2.18
CA LYS A 116 26.15 -17.60 -3.42
C LYS A 116 27.02 -18.83 -3.18
N LEU A 117 26.88 -19.83 -4.05
CA LEU A 117 27.67 -21.05 -3.97
C LEU A 117 28.60 -21.11 -5.18
N LEU A 118 29.90 -21.26 -4.92
CA LEU A 118 30.91 -21.33 -5.96
C LEU A 118 31.64 -22.66 -5.86
N ARG A 119 31.74 -23.36 -6.98
CA ARG A 119 32.41 -24.65 -7.04
C ARG A 119 33.30 -24.70 -8.26
N ILE A 120 34.51 -25.25 -8.10
CA ILE A 120 35.49 -25.37 -9.17
C ILE A 120 35.78 -26.84 -9.39
N PHE A 121 35.67 -27.27 -10.64
CA PHE A 121 35.95 -28.66 -11.01
C PHE A 121 37.40 -28.81 -11.44
N LYS A 122 37.87 -30.06 -11.41
CA LYS A 122 39.27 -30.34 -11.75
C LYS A 122 39.55 -30.02 -13.21
N ASN A 123 38.61 -30.32 -14.10
CA ASN A 123 38.81 -30.06 -15.53
C ASN A 123 38.79 -28.58 -15.86
N GLY A 124 38.40 -27.71 -14.92
CA GLY A 124 38.32 -26.29 -15.15
C GLY A 124 36.91 -25.74 -15.18
N ASN A 125 35.90 -26.60 -15.20
CA ASN A 125 34.52 -26.14 -15.18
C ASN A 125 34.21 -25.48 -13.85
N VAL A 126 33.38 -24.43 -13.89
CA VAL A 126 33.01 -23.66 -12.71
C VAL A 126 31.49 -23.71 -12.57
N LEU A 127 31.03 -24.07 -11.38
CA LEU A 127 29.60 -24.10 -11.06
C LEU A 127 29.27 -22.89 -10.20
N TYR A 128 28.31 -22.09 -10.65
CA TYR A 128 27.95 -20.83 -9.98
C TYR A 128 26.43 -20.82 -9.77
N SER A 129 26.00 -21.10 -8.54
CA SER A 129 24.60 -21.08 -8.18
C SER A 129 24.36 -19.95 -7.18
N ILE A 130 23.38 -19.10 -7.48
CA ILE A 130 23.10 -17.92 -6.68
C ILE A 130 21.59 -17.77 -6.54
N ARG A 131 21.13 -17.42 -5.34
CA ARG A 131 19.71 -17.29 -5.06
C ARG A 131 19.25 -15.87 -5.37
N LEU A 132 18.13 -15.76 -6.08
CA LEU A 132 17.62 -14.47 -6.55
C LEU A 132 16.13 -14.36 -6.25
N THR A 133 15.66 -13.12 -6.18
CA THR A 133 14.24 -12.80 -6.01
C THR A 133 13.88 -11.75 -7.05
N LEU A 134 13.02 -12.12 -8.00
CA LEU A 134 12.71 -11.28 -9.14
C LEU A 134 11.23 -10.87 -9.13
N THR A 135 10.94 -9.83 -9.90
CA THR A 135 9.56 -9.37 -10.15
C THR A 135 9.46 -9.12 -11.65
N LEU A 136 9.11 -10.17 -12.40
CA LEU A 136 9.03 -10.08 -13.85
C LEU A 136 7.68 -9.50 -14.27
N SER A 137 7.66 -8.97 -15.49
CA SER A 137 6.46 -8.35 -16.06
C SER A 137 6.10 -9.04 -17.36
N CYS A 138 4.84 -9.43 -17.49
CA CYS A 138 4.31 -10.04 -18.71
C CYS A 138 3.01 -9.35 -19.08
N PRO A 139 2.84 -8.91 -20.33
CA PRO A 139 1.55 -8.33 -20.73
C PRO A 139 0.43 -9.35 -20.59
N MET A 140 -0.75 -8.85 -20.21
CA MET A 140 -1.93 -9.67 -19.98
C MET A 140 -3.02 -9.27 -20.97
N ASP A 141 -3.64 -10.27 -21.60
CA ASP A 141 -4.76 -10.04 -22.50
C ASP A 141 -6.04 -10.54 -21.85
N LEU A 142 -7.09 -9.72 -21.95
CA LEU A 142 -8.37 -10.00 -21.30
C LEU A 142 -9.47 -10.18 -22.33
N LYS A 143 -9.17 -10.86 -23.43
CA LYS A 143 -10.19 -11.17 -24.41
C LYS A 143 -11.25 -12.11 -23.84
N ASN A 144 -10.89 -12.93 -22.86
CA ASN A 144 -11.86 -13.77 -22.15
C ASN A 144 -11.34 -13.92 -20.72
N PHE A 145 -11.80 -13.03 -19.84
CA PHE A 145 -11.24 -12.95 -18.49
C PHE A 145 -11.40 -14.24 -17.68
N PRO A 146 -12.58 -14.85 -17.58
CA PRO A 146 -12.69 -16.04 -16.73
C PRO A 146 -12.03 -17.28 -17.30
N MET A 147 -11.77 -17.33 -18.60
CA MET A 147 -11.30 -18.54 -19.26
C MET A 147 -10.15 -18.23 -20.21
N ASP A 148 -9.17 -17.46 -19.74
CA ASP A 148 -8.01 -17.14 -20.55
C ASP A 148 -6.84 -18.06 -20.22
N VAL A 149 -5.84 -18.04 -21.08
CA VAL A 149 -4.60 -18.77 -20.89
C VAL A 149 -3.46 -17.78 -20.98
N GLN A 150 -2.72 -17.60 -19.89
CA GLN A 150 -1.62 -16.64 -19.86
C GLN A 150 -0.30 -17.34 -20.12
N THR A 151 0.61 -16.63 -20.78
CA THR A 151 1.94 -17.13 -21.12
C THR A 151 2.96 -16.07 -20.69
N CYS A 152 3.40 -16.16 -19.45
CA CYS A 152 4.40 -15.24 -18.94
C CYS A 152 5.81 -15.78 -19.19
N ILE A 153 6.71 -14.88 -19.58
CA ILE A 153 8.02 -15.26 -20.08
C ILE A 153 9.10 -14.79 -19.11
N MET A 154 10.28 -15.39 -19.27
CA MET A 154 11.46 -15.03 -18.47
C MET A 154 12.64 -15.04 -19.42
N GLN A 155 13.11 -13.85 -19.81
CA GLN A 155 14.16 -13.71 -20.81
C GLN A 155 15.48 -13.42 -20.12
N LEU A 156 16.48 -14.27 -20.37
CA LEU A 156 17.83 -14.08 -19.86
C LEU A 156 18.74 -13.70 -21.01
N GLU A 157 19.55 -12.65 -20.81
CA GLU A 157 20.45 -12.19 -21.86
C GLU A 157 21.61 -11.43 -21.24
N SER A 158 22.74 -11.46 -21.94
CA SER A 158 23.92 -10.70 -21.51
C SER A 158 23.75 -9.23 -21.84
N PHE A 159 24.57 -8.41 -21.19
CA PHE A 159 24.51 -6.97 -21.40
C PHE A 159 25.88 -6.39 -21.68
N GLY A 160 26.92 -7.00 -21.13
CA GLY A 160 28.27 -6.47 -21.27
C GLY A 160 29.07 -7.12 -22.39
N TYR A 161 28.53 -8.18 -22.98
CA TYR A 161 29.24 -8.92 -24.03
C TYR A 161 28.29 -9.22 -25.17
N THR A 162 28.87 -9.43 -26.35
CA THR A 162 28.13 -9.74 -27.56
C THR A 162 28.27 -11.22 -27.89
N MET A 163 27.73 -11.62 -29.04
CA MET A 163 27.86 -13.00 -29.49
C MET A 163 29.29 -13.38 -29.79
N ASN A 164 30.16 -12.40 -30.05
CA ASN A 164 31.56 -12.71 -30.34
C ASN A 164 32.31 -13.18 -29.09
N ASP A 165 31.88 -12.74 -27.91
CA ASP A 165 32.58 -13.06 -26.66
C ASP A 165 31.81 -13.99 -25.75
N LEU A 166 30.50 -13.84 -25.61
CA LEU A 166 29.71 -14.62 -24.68
C LEU A 166 28.47 -15.17 -25.37
N ILE A 167 28.18 -16.45 -25.13
CA ILE A 167 26.97 -17.10 -25.65
C ILE A 167 26.30 -17.85 -24.50
N PHE A 168 25.01 -18.12 -24.69
CA PHE A 168 24.22 -18.84 -23.70
C PHE A 168 23.62 -20.09 -24.32
N GLU A 169 23.21 -21.03 -23.47
CA GLU A 169 22.67 -22.30 -23.92
C GLU A 169 21.88 -22.94 -22.79
N TRP A 170 20.68 -23.42 -23.09
CA TRP A 170 19.90 -24.15 -22.11
C TRP A 170 20.49 -25.53 -21.86
N GLN A 171 20.29 -26.03 -20.65
CA GLN A 171 20.72 -27.38 -20.32
C GLN A 171 19.85 -28.41 -21.03
N ASP A 172 20.45 -29.57 -21.33
CA ASP A 172 19.77 -30.57 -22.14
C ASP A 172 18.62 -31.22 -21.37
N GLU A 173 18.92 -31.86 -20.25
CA GLU A 173 17.90 -32.56 -19.46
C GLU A 173 17.56 -31.76 -18.21
N ALA A 174 16.26 -31.70 -17.91
CA ALA A 174 15.73 -30.97 -16.75
C ALA A 174 16.26 -29.54 -16.69
N PRO A 175 15.97 -28.70 -17.69
CA PRO A 175 16.52 -27.34 -17.69
C PRO A 175 15.83 -26.42 -16.70
N VAL A 176 14.51 -26.55 -16.56
CA VAL A 176 13.71 -25.69 -15.68
C VAL A 176 12.96 -26.62 -14.73
N GLN A 177 13.50 -26.83 -13.54
CA GLN A 177 12.84 -27.67 -12.56
C GLN A 177 11.89 -26.84 -11.70
N VAL A 178 10.89 -27.53 -11.15
CA VAL A 178 9.89 -26.90 -10.29
C VAL A 178 9.84 -27.69 -8.99
N ALA A 179 9.86 -26.97 -7.87
CA ALA A 179 9.80 -27.62 -6.56
C ALA A 179 8.48 -28.39 -6.42
N GLU A 180 8.57 -29.61 -5.92
CA GLU A 180 7.39 -30.46 -5.78
C GLU A 180 6.42 -29.84 -4.78
N GLY A 181 5.12 -29.94 -5.09
CA GLY A 181 4.08 -29.38 -4.26
C GLY A 181 3.79 -27.91 -4.47
N LEU A 182 4.45 -27.26 -5.43
CA LEU A 182 4.19 -25.86 -5.70
C LEU A 182 2.79 -25.70 -6.29
N THR A 183 2.02 -24.76 -5.74
CA THR A 183 0.66 -24.51 -6.18
C THR A 183 0.43 -23.01 -6.32
N LEU A 184 -0.06 -22.60 -7.49
CA LEU A 184 -0.40 -21.21 -7.70
C LEU A 184 -1.64 -20.83 -6.89
N PRO A 185 -1.77 -19.57 -6.48
CA PRO A 185 -2.95 -19.16 -5.71
C PRO A 185 -4.24 -19.24 -6.51
N GLN A 186 -4.23 -18.71 -7.73
CA GLN A 186 -5.41 -18.73 -8.58
C GLN A 186 -5.23 -19.60 -9.82
N PHE A 187 -4.13 -19.41 -10.56
CA PHE A 187 -3.90 -20.15 -11.79
C PHE A 187 -3.37 -21.54 -11.48
N LEU A 188 -2.93 -22.26 -12.51
CA LEU A 188 -2.24 -23.53 -12.36
C LEU A 188 -1.14 -23.61 -13.42
N LEU A 189 0.03 -24.09 -13.01
CA LEU A 189 1.19 -24.13 -13.89
C LEU A 189 1.19 -25.46 -14.64
N LYS A 190 1.10 -25.40 -15.97
CA LYS A 190 1.07 -26.61 -16.78
C LYS A 190 2.46 -27.24 -16.86
N GLU A 191 2.48 -28.55 -17.06
CA GLU A 191 3.74 -29.28 -17.09
C GLU A 191 4.63 -28.81 -18.24
N GLU A 192 4.05 -28.62 -19.42
N GLU A 192 4.05 -28.62 -19.42
CA GLU A 192 4.83 -28.23 -20.59
CA GLU A 192 4.83 -28.23 -20.59
C GLU A 192 5.40 -26.82 -20.42
C GLU A 192 5.40 -26.82 -20.42
N LYS A 193 6.67 -26.67 -20.79
CA LYS A 193 7.36 -25.38 -20.72
C LYS A 193 8.12 -25.19 -22.02
N ASP A 194 8.06 -23.98 -22.58
CA ASP A 194 8.65 -23.68 -23.87
C ASP A 194 10.03 -23.06 -23.67
N LEU A 195 11.00 -23.53 -24.47
CA LEU A 195 12.36 -23.00 -24.45
C LEU A 195 12.78 -22.69 -25.88
N ARG A 196 13.31 -21.49 -26.09
CA ARG A 196 13.73 -21.05 -27.42
C ARG A 196 14.76 -19.94 -27.26
N TYR A 197 15.05 -19.24 -28.36
CA TYR A 197 16.06 -18.20 -28.39
C TYR A 197 15.40 -16.85 -28.65
N CYS A 198 15.98 -15.80 -28.08
CA CYS A 198 15.43 -14.45 -28.11
C CYS A 198 16.51 -13.45 -28.49
N THR A 199 17.38 -13.81 -29.43
CA THR A 199 18.52 -12.97 -29.79
C THR A 199 18.06 -11.60 -30.26
N LYS A 200 18.39 -10.57 -29.49
CA LYS A 200 17.99 -9.20 -29.80
C LYS A 200 19.12 -8.45 -30.50
N HIS A 201 18.73 -7.44 -31.28
CA HIS A 201 19.66 -6.61 -32.04
C HIS A 201 19.42 -5.16 -31.64
N TYR A 202 20.14 -4.70 -30.63
CA TYR A 202 20.05 -3.32 -30.18
C TYR A 202 20.83 -2.43 -31.16
N ASN A 203 20.92 -1.13 -30.83
CA ASN A 203 21.75 -0.23 -31.62
C ASN A 203 23.23 -0.53 -31.47
N THR A 204 23.64 -1.12 -30.34
CA THR A 204 25.05 -1.40 -30.11
C THR A 204 25.53 -2.70 -30.74
N GLY A 205 24.62 -3.54 -31.24
CA GLY A 205 25.04 -4.76 -31.89
C GLY A 205 24.13 -5.95 -31.64
N LYS A 206 24.74 -7.13 -31.47
CA LYS A 206 24.01 -8.39 -31.32
C LYS A 206 24.33 -8.98 -29.95
N PHE A 207 23.28 -9.30 -29.19
CA PHE A 207 23.43 -9.85 -27.85
C PHE A 207 22.75 -11.22 -27.77
N THR A 208 23.42 -12.17 -27.11
CA THR A 208 22.83 -13.47 -26.90
C THR A 208 21.69 -13.40 -25.89
N CYS A 209 20.78 -14.36 -25.98
CA CYS A 209 19.58 -14.32 -25.16
C CYS A 209 19.07 -15.74 -24.92
N ILE A 210 18.33 -15.90 -23.83
CA ILE A 210 17.74 -17.18 -23.43
C ILE A 210 16.32 -16.92 -22.95
N GLU A 211 15.38 -17.72 -23.43
CA GLU A 211 13.96 -17.51 -23.15
C GLU A 211 13.32 -18.80 -22.65
N VAL A 212 12.46 -18.67 -21.64
CA VAL A 212 11.66 -19.77 -21.13
C VAL A 212 10.24 -19.26 -20.92
N ARG A 213 9.26 -20.03 -21.35
CA ARG A 213 7.85 -19.64 -21.25
C ARG A 213 7.11 -20.52 -20.25
N PHE A 214 6.21 -19.91 -19.50
CA PHE A 214 5.37 -20.60 -18.53
C PHE A 214 3.92 -20.50 -18.99
N HIS A 215 3.25 -21.64 -19.08
CA HIS A 215 1.84 -21.70 -19.48
C HIS A 215 0.97 -21.70 -18.23
N LEU A 216 0.20 -20.63 -18.04
CA LEU A 216 -0.70 -20.49 -16.91
C LEU A 216 -2.14 -20.45 -17.39
N GLU A 217 -2.99 -21.30 -16.83
CA GLU A 217 -4.41 -21.36 -17.17
C GLU A 217 -5.23 -21.00 -15.94
N ARG A 218 -6.13 -20.05 -16.10
CA ARG A 218 -6.95 -19.59 -14.98
C ARG A 218 -8.00 -20.63 -14.63
N GLN A 219 -8.29 -20.76 -13.33
CA GLN A 219 -9.28 -21.70 -12.84
C GLN A 219 -10.62 -20.99 -12.71
N MET A 220 -11.63 -21.49 -13.43
CA MET A 220 -12.92 -20.82 -13.55
C MET A 220 -13.82 -21.02 -12.34
N GLY A 221 -13.53 -22.01 -11.48
CA GLY A 221 -14.47 -22.37 -10.43
C GLY A 221 -14.78 -21.21 -9.49
N TYR A 222 -13.74 -20.52 -9.01
CA TYR A 222 -13.94 -19.40 -8.10
C TYR A 222 -14.76 -18.30 -8.75
N TYR A 223 -14.33 -17.86 -9.94
CA TYR A 223 -15.04 -16.79 -10.62
C TYR A 223 -16.46 -17.20 -10.96
N LEU A 224 -16.64 -18.45 -11.39
CA LEU A 224 -17.98 -18.97 -11.65
C LEU A 224 -18.87 -18.82 -10.41
N ILE A 225 -18.49 -19.48 -9.32
CA ILE A 225 -19.36 -19.53 -8.14
C ILE A 225 -19.57 -18.15 -7.56
N GLN A 226 -18.60 -17.24 -7.73
CA GLN A 226 -18.72 -15.94 -7.11
C GLN A 226 -19.40 -14.89 -8.00
N MET A 227 -19.47 -15.10 -9.31
CA MET A 227 -20.04 -14.05 -10.13
C MET A 227 -21.20 -14.51 -11.01
N TYR A 228 -21.11 -15.71 -11.60
CA TYR A 228 -22.15 -16.13 -12.54
C TYR A 228 -23.41 -16.59 -11.84
N ILE A 229 -23.28 -17.21 -10.66
CA ILE A 229 -24.46 -17.66 -9.93
C ILE A 229 -25.37 -16.49 -9.54
N PRO A 230 -24.87 -15.38 -8.99
CA PRO A 230 -25.78 -14.27 -8.66
C PRO A 230 -26.56 -13.74 -9.85
N SER A 231 -25.95 -13.66 -11.03
CA SER A 231 -26.68 -13.18 -12.21
C SER A 231 -27.80 -14.14 -12.59
N LEU A 232 -27.53 -15.45 -12.53
CA LEU A 232 -28.57 -16.44 -12.80
C LEU A 232 -29.70 -16.34 -11.78
N LEU A 233 -29.35 -16.16 -10.50
CA LEU A 233 -30.38 -15.99 -9.48
C LEU A 233 -31.22 -14.76 -9.75
N ILE A 234 -30.59 -13.66 -10.16
CA ILE A 234 -31.33 -12.43 -10.42
C ILE A 234 -32.26 -12.59 -11.62
N VAL A 235 -31.79 -13.26 -12.68
CA VAL A 235 -32.66 -13.41 -13.85
C VAL A 235 -33.81 -14.37 -13.56
N ILE A 236 -33.55 -15.42 -12.77
CA ILE A 236 -34.66 -16.30 -12.39
C ILE A 236 -35.63 -15.55 -11.48
N LEU A 237 -35.13 -14.65 -10.63
CA LEU A 237 -36.02 -13.80 -9.84
C LEU A 237 -36.85 -12.89 -10.74
N SER A 238 -36.25 -12.40 -11.81
CA SER A 238 -36.99 -11.59 -12.78
C SER A 238 -38.10 -12.41 -13.42
N TRP A 239 -37.83 -13.68 -13.74
CA TRP A 239 -38.88 -14.54 -14.27
C TRP A 239 -39.96 -14.80 -13.23
N VAL A 240 -39.57 -14.95 -11.96
CA VAL A 240 -40.53 -15.12 -10.89
C VAL A 240 -41.46 -13.92 -10.81
N SER A 241 -40.89 -12.72 -10.92
CA SER A 241 -41.71 -11.51 -11.03
C SER A 241 -42.59 -11.57 -12.28
N PHE A 242 -42.02 -12.06 -13.39
CA PHE A 242 -42.76 -12.20 -14.63
C PHE A 242 -44.05 -13.01 -14.43
N TRP A 243 -43.98 -14.03 -13.57
CA TRP A 243 -45.18 -14.83 -13.30
C TRP A 243 -46.23 -14.09 -12.48
N ILE A 244 -45.89 -12.96 -11.87
CA ILE A 244 -46.87 -12.22 -11.07
C ILE A 244 -47.91 -11.60 -11.98
N ASN A 245 -49.17 -11.62 -11.53
CA ASN A 245 -50.28 -11.08 -12.30
C ASN A 245 -50.18 -9.55 -12.38
N MET A 246 -51.10 -8.95 -13.12
CA MET A 246 -51.08 -7.52 -13.35
C MET A 246 -51.68 -6.72 -12.20
N ASP A 247 -52.31 -7.37 -11.22
CA ASP A 247 -52.93 -6.64 -10.13
C ASP A 247 -51.89 -5.99 -9.23
N ALA A 248 -50.85 -6.73 -8.84
CA ALA A 248 -49.81 -6.23 -7.95
C ALA A 248 -48.72 -5.54 -8.77
N ALA A 249 -49.10 -4.41 -9.37
CA ALA A 249 -48.14 -3.62 -10.15
C ALA A 249 -47.00 -3.07 -9.32
N PRO A 250 -47.22 -2.44 -8.15
CA PRO A 250 -46.07 -1.92 -7.39
C PRO A 250 -45.06 -2.99 -7.00
N ALA A 251 -45.53 -4.18 -6.61
CA ALA A 251 -44.61 -5.25 -6.24
C ALA A 251 -43.77 -5.68 -7.43
N ARG A 252 -44.40 -5.84 -8.60
CA ARG A 252 -43.68 -6.26 -9.80
C ARG A 252 -42.65 -5.23 -10.21
N VAL A 253 -43.03 -3.94 -10.21
CA VAL A 253 -42.08 -2.91 -10.62
C VAL A 253 -40.95 -2.78 -9.60
N ALA A 254 -41.25 -2.97 -8.31
CA ALA A 254 -40.20 -2.92 -7.30
C ALA A 254 -39.23 -4.08 -7.48
N LEU A 255 -39.73 -5.27 -7.79
CA LEU A 255 -38.85 -6.41 -8.03
C LEU A 255 -37.96 -6.15 -9.24
N GLY A 256 -38.55 -5.62 -10.31
CA GLY A 256 -37.75 -5.31 -11.50
C GLY A 256 -36.66 -4.28 -11.21
N ILE A 257 -37.02 -3.23 -10.48
CA ILE A 257 -36.05 -2.19 -10.14
C ILE A 257 -34.94 -2.77 -9.27
N THR A 258 -35.30 -3.61 -8.29
CA THR A 258 -34.30 -4.21 -7.43
C THR A 258 -33.36 -5.11 -8.23
N THR A 259 -33.90 -5.87 -9.18
CA THR A 259 -33.06 -6.70 -10.02
C THR A 259 -32.09 -5.85 -10.83
N VAL A 260 -32.57 -4.73 -11.39
CA VAL A 260 -31.67 -3.88 -12.16
C VAL A 260 -30.61 -3.26 -11.26
N LEU A 261 -30.98 -2.92 -10.02
CA LEU A 261 -30.01 -2.37 -9.08
C LEU A 261 -28.92 -3.39 -8.78
N THR A 262 -29.32 -4.62 -8.46
CA THR A 262 -28.35 -5.66 -8.16
C THR A 262 -27.45 -5.93 -9.35
N MET A 263 -28.01 -5.99 -10.56
CA MET A 263 -27.21 -6.24 -11.74
C MET A 263 -26.20 -5.13 -11.96
N THR A 264 -26.62 -3.87 -11.83
CA THR A 264 -25.69 -2.76 -12.01
C THR A 264 -24.59 -2.77 -10.96
N THR A 265 -24.94 -3.02 -9.70
CA THR A 265 -23.94 -3.02 -8.64
C THR A 265 -22.94 -4.16 -8.83
N GLN A 266 -23.43 -5.36 -9.19
CA GLN A 266 -22.54 -6.48 -9.42
C GLN A 266 -21.63 -6.23 -10.61
N SER A 267 -22.16 -5.65 -11.69
CA SER A 267 -21.32 -5.33 -12.84
C SER A 267 -20.25 -4.30 -12.48
N SER A 268 -20.63 -3.27 -11.72
CA SER A 268 -19.66 -2.26 -11.32
C SER A 268 -18.56 -2.86 -10.46
N GLY A 269 -18.93 -3.71 -9.51
CA GLY A 269 -17.92 -4.34 -8.67
C GLY A 269 -17.00 -5.24 -9.47
N SER A 270 -17.57 -6.06 -10.36
CA SER A 270 -16.77 -6.98 -11.16
C SER A 270 -15.80 -6.23 -12.07
N ARG A 271 -16.26 -5.14 -12.69
CA ARG A 271 -15.41 -4.36 -13.58
C ARG A 271 -14.43 -3.46 -12.83
N ALA A 272 -14.70 -3.17 -11.55
CA ALA A 272 -13.75 -2.41 -10.75
C ALA A 272 -12.69 -3.29 -10.08
N SER A 273 -12.97 -4.57 -9.91
CA SER A 273 -11.98 -5.50 -9.36
C SER A 273 -10.99 -6.00 -10.39
N LEU A 274 -10.88 -5.32 -11.53
CA LEU A 274 -10.04 -5.75 -12.65
C LEU A 274 -9.31 -4.55 -13.21
N PRO A 275 -8.16 -4.77 -13.86
CA PRO A 275 -7.48 -3.66 -14.54
C PRO A 275 -8.35 -3.09 -15.66
N LYS A 276 -8.22 -1.78 -15.87
CA LYS A 276 -9.05 -1.05 -16.83
C LYS A 276 -8.51 -1.31 -18.23
N VAL A 277 -9.07 -2.33 -18.89
CA VAL A 277 -8.65 -2.72 -20.23
C VAL A 277 -9.57 -2.04 -21.24
N SER A 278 -9.00 -1.69 -22.40
CA SER A 278 -9.73 -0.91 -23.38
C SER A 278 -10.90 -1.69 -23.98
N TYR A 279 -10.65 -2.91 -24.43
CA TYR A 279 -11.66 -3.68 -25.14
C TYR A 279 -12.59 -4.38 -24.14
N VAL A 280 -13.46 -5.25 -24.64
CA VAL A 280 -14.50 -5.87 -23.83
C VAL A 280 -13.99 -7.22 -23.32
N LYS A 281 -14.62 -7.70 -22.25
CA LYS A 281 -14.26 -8.97 -21.62
C LYS A 281 -15.48 -9.88 -21.55
N ALA A 282 -15.22 -11.17 -21.35
CA ALA A 282 -16.30 -12.16 -21.31
C ALA A 282 -17.26 -11.88 -20.16
N ILE A 283 -16.72 -11.56 -18.98
CA ILE A 283 -17.56 -11.23 -17.85
C ILE A 283 -18.37 -9.97 -18.15
N ASP A 284 -17.75 -8.99 -18.80
CA ASP A 284 -18.44 -7.75 -19.13
C ASP A 284 -19.62 -8.01 -20.05
N ILE A 285 -19.42 -8.81 -21.10
CA ILE A 285 -20.51 -9.07 -22.05
C ILE A 285 -21.59 -9.92 -21.41
N TRP A 286 -21.20 -10.88 -20.55
CA TRP A 286 -22.19 -11.69 -19.85
C TRP A 286 -23.08 -10.83 -18.95
N MET A 287 -22.46 -9.94 -18.16
CA MET A 287 -23.24 -9.08 -17.30
C MET A 287 -24.05 -8.06 -18.08
N ALA A 288 -23.55 -7.60 -19.23
CA ALA A 288 -24.34 -6.72 -20.08
C ALA A 288 -25.55 -7.43 -20.63
N VAL A 289 -25.41 -8.70 -21.01
CA VAL A 289 -26.54 -9.48 -21.48
C VAL A 289 -27.57 -9.65 -20.38
N CYS A 290 -27.11 -9.96 -19.16
CA CYS A 290 -28.05 -10.10 -18.04
C CYS A 290 -28.77 -8.79 -17.75
N LEU A 291 -28.03 -7.67 -17.76
CA LEU A 291 -28.63 -6.36 -17.54
C LEU A 291 -29.65 -6.04 -18.62
N LEU A 292 -29.34 -6.36 -19.87
CA LEU A 292 -30.27 -6.12 -20.97
C LEU A 292 -31.52 -6.96 -20.82
N PHE A 293 -31.37 -8.21 -20.35
CA PHE A 293 -32.54 -9.06 -20.12
C PHE A 293 -33.43 -8.49 -19.02
N VAL A 294 -32.83 -8.02 -17.93
CA VAL A 294 -33.62 -7.40 -16.86
C VAL A 294 -34.33 -6.14 -17.38
N PHE A 295 -33.61 -5.33 -18.17
CA PHE A 295 -34.19 -4.12 -18.73
C PHE A 295 -35.36 -4.45 -19.64
N SER A 296 -35.20 -5.48 -20.48
CA SER A 296 -36.27 -5.88 -21.39
C SER A 296 -37.48 -6.39 -20.62
N ALA A 297 -37.25 -7.15 -19.53
CA ALA A 297 -38.36 -7.61 -18.72
C ALA A 297 -39.13 -6.44 -18.12
N LEU A 298 -38.40 -5.45 -17.58
CA LEU A 298 -39.06 -4.28 -17.02
C LEU A 298 -39.81 -3.50 -18.09
N LEU A 299 -39.21 -3.36 -19.28
CA LEU A 299 -39.85 -2.64 -20.37
C LEU A 299 -41.14 -3.33 -20.82
N GLU A 300 -41.11 -4.66 -20.95
CA GLU A 300 -42.33 -5.37 -21.34
C GLU A 300 -43.39 -5.29 -20.24
N TYR A 301 -42.97 -5.30 -18.97
CA TYR A 301 -43.94 -5.10 -17.89
C TYR A 301 -44.59 -3.72 -17.98
N ALA A 302 -43.79 -2.70 -18.27
CA ALA A 302 -44.36 -1.36 -18.44
C ALA A 302 -45.31 -1.31 -19.62
N ALA A 303 -44.97 -1.98 -20.72
CA ALA A 303 -45.87 -2.05 -21.87
C ALA A 303 -47.17 -2.75 -21.52
N VAL A 304 -47.09 -3.81 -20.72
CA VAL A 304 -48.30 -4.51 -20.29
C VAL A 304 -49.17 -3.60 -19.44
N ASN A 305 -48.54 -2.83 -18.54
CA ASN A 305 -49.30 -1.87 -17.74
C ASN A 305 -49.96 -0.83 -18.63
N PHE A 306 -49.23 -0.33 -19.62
CA PHE A 306 -49.77 0.70 -20.51
C PHE A 306 -50.96 0.18 -21.31
N VAL A 307 -50.85 -1.03 -21.85
CA VAL A 307 -51.92 -1.59 -22.67
C VAL A 307 -53.13 -1.98 -21.81
N SER A 308 -52.94 -2.14 -20.50
CA SER A 308 -54.07 -2.46 -19.63
C SER A 308 -55.05 -1.30 -19.53
N ARG A 309 -54.54 -0.07 -19.59
CA ARG A 309 -55.37 1.13 -19.51
C ARG A 309 -55.76 1.65 -20.88
N GLN A 310 -55.83 0.79 -21.90
CA GLN A 310 -56.18 1.17 -23.26
C GLN A 310 -57.57 0.69 -23.65
N HIS A 311 -58.53 0.90 -22.76
CA HIS A 311 -59.94 0.54 -23.06
C HIS A 311 -60.70 1.83 -23.37
N LYS A 312 -60.00 2.97 -23.35
CA LYS A 312 -60.64 4.28 -23.59
C LYS A 312 -60.25 4.78 -24.98
N LYS A 377 -62.63 -4.66 -22.90
CA LYS A 377 -63.14 -5.66 -23.84
C LYS A 377 -62.05 -6.71 -24.08
N VAL A 378 -61.42 -6.64 -25.25
CA VAL A 378 -60.37 -7.57 -25.61
C VAL A 378 -58.98 -7.07 -25.21
N PHE A 379 -58.87 -5.83 -24.74
CA PHE A 379 -57.57 -5.30 -24.34
C PHE A 379 -56.99 -6.08 -23.18
N ILE A 380 -57.82 -6.43 -22.18
CA ILE A 380 -57.34 -7.22 -21.06
C ILE A 380 -56.91 -8.61 -21.53
N ASP A 381 -57.70 -9.22 -22.42
CA ASP A 381 -57.34 -10.53 -22.95
C ASP A 381 -56.05 -10.45 -23.75
N ARG A 382 -55.87 -9.40 -24.55
CA ARG A 382 -54.64 -9.24 -25.30
C ARG A 382 -53.44 -9.05 -24.39
N ALA A 383 -53.61 -8.27 -23.32
CA ALA A 383 -52.52 -8.10 -22.36
C ALA A 383 -52.16 -9.41 -21.69
N LYS A 384 -53.16 -10.20 -21.30
CA LYS A 384 -52.89 -11.50 -20.70
C LYS A 384 -52.17 -12.42 -21.69
N LYS A 385 -52.61 -12.40 -22.95
CA LYS A 385 -51.98 -13.25 -23.96
C LYS A 385 -50.53 -12.87 -24.18
N ILE A 386 -50.24 -11.56 -24.30
CA ILE A 386 -48.85 -11.14 -24.55
C ILE A 386 -48.00 -11.42 -23.32
N ASP A 387 -48.55 -11.24 -22.12
CA ASP A 387 -47.80 -11.56 -20.90
C ASP A 387 -47.45 -13.04 -20.86
N THR A 388 -48.42 -13.90 -21.17
CA THR A 388 -48.16 -15.35 -21.16
C THR A 388 -47.14 -15.73 -22.23
N ILE A 389 -47.25 -15.14 -23.42
CA ILE A 389 -46.32 -15.45 -24.51
C ILE A 389 -44.91 -15.04 -24.13
N SER A 390 -44.75 -13.83 -23.56
CA SER A 390 -43.43 -13.39 -23.15
C SER A 390 -42.89 -14.25 -22.01
N ARG A 391 -43.74 -14.65 -21.06
CA ARG A 391 -43.30 -15.50 -19.97
C ARG A 391 -42.87 -16.88 -20.48
N ALA A 392 -43.50 -17.38 -21.54
CA ALA A 392 -43.09 -18.65 -22.12
C ALA A 392 -41.88 -18.53 -23.02
N CYS A 393 -41.62 -17.36 -23.58
CA CYS A 393 -40.55 -17.19 -24.55
C CYS A 393 -39.23 -16.77 -23.92
N PHE A 394 -39.26 -15.89 -22.92
CA PHE A 394 -38.03 -15.34 -22.36
C PHE A 394 -37.09 -16.40 -21.78
N PRO A 395 -37.55 -17.36 -20.96
CA PRO A 395 -36.60 -18.37 -20.45
C PRO A 395 -35.90 -19.16 -21.54
N LEU A 396 -36.59 -19.48 -22.62
CA LEU A 396 -35.96 -20.20 -23.71
C LEU A 396 -34.88 -19.36 -24.39
N ALA A 397 -35.16 -18.06 -24.59
CA ALA A 397 -34.15 -17.18 -25.16
C ALA A 397 -32.94 -17.06 -24.24
N PHE A 398 -33.17 -16.95 -22.93
CA PHE A 398 -32.06 -16.90 -21.99
C PHE A 398 -31.25 -18.17 -22.05
N LEU A 399 -31.91 -19.33 -22.11
CA LEU A 399 -31.20 -20.60 -22.15
C LEU A 399 -30.36 -20.72 -23.41
N ILE A 400 -30.92 -20.36 -24.57
CA ILE A 400 -30.17 -20.52 -25.81
C ILE A 400 -29.01 -19.52 -25.85
N PHE A 401 -29.22 -18.29 -25.37
CA PHE A 401 -28.11 -17.35 -25.32
C PHE A 401 -27.01 -17.82 -24.39
N ASN A 402 -27.39 -18.36 -23.22
CA ASN A 402 -26.40 -18.85 -22.28
C ASN A 402 -25.59 -20.00 -22.85
N ILE A 403 -26.26 -20.97 -23.48
CA ILE A 403 -25.54 -22.12 -24.01
C ILE A 403 -24.66 -21.69 -25.19
N PHE A 404 -25.15 -20.77 -26.03
CA PHE A 404 -24.34 -20.29 -27.14
C PHE A 404 -23.09 -19.57 -26.63
N TYR A 405 -23.26 -18.69 -25.64
CA TYR A 405 -22.13 -17.97 -25.06
C TYR A 405 -21.10 -18.92 -24.46
N TRP A 406 -21.58 -19.89 -23.66
CA TRP A 406 -20.67 -20.82 -23.03
C TRP A 406 -19.91 -21.66 -24.07
N VAL A 407 -20.63 -22.17 -25.06
CA VAL A 407 -19.98 -23.04 -26.04
C VAL A 407 -18.98 -22.25 -26.89
N ILE A 408 -19.33 -21.02 -27.29
CA ILE A 408 -18.42 -20.25 -28.12
C ILE A 408 -17.17 -19.88 -27.34
N TYR A 409 -17.32 -19.38 -26.11
CA TYR A 409 -16.16 -18.97 -25.33
C TYR A 409 -15.41 -20.14 -24.71
N LYS A 410 -15.94 -21.35 -24.79
CA LYS A 410 -15.20 -22.52 -24.34
C LYS A 410 -14.48 -23.25 -25.47
N ILE A 411 -15.05 -23.30 -26.67
CA ILE A 411 -14.50 -24.09 -27.77
C ILE A 411 -14.28 -23.26 -29.02
N LEU A 412 -15.27 -22.45 -29.41
CA LEU A 412 -15.33 -21.97 -30.78
C LEU A 412 -14.21 -20.99 -31.10
N ARG A 413 -14.01 -19.98 -30.25
CA ARG A 413 -13.04 -18.93 -30.55
C ARG A 413 -11.99 -18.73 -29.47
N HIS A 414 -12.18 -19.26 -28.27
CA HIS A 414 -11.19 -19.20 -27.21
C HIS A 414 -10.75 -20.61 -26.83
N GLU A 415 -9.87 -20.68 -25.82
CA GLU A 415 -9.23 -21.93 -25.43
C GLU A 415 -8.51 -22.57 -26.61
N ASP A 416 -7.82 -21.74 -27.38
CA ASP A 416 -7.10 -22.18 -28.57
C ASP A 416 -5.60 -22.00 -28.37
N ILE A 417 -4.82 -22.91 -28.97
CA ILE A 417 -3.37 -22.89 -28.88
C ILE A 417 -2.91 -22.95 -27.43
N SER B 9 49.43 -7.16 -23.80
CA SER B 9 48.71 -7.75 -22.69
C SER B 9 47.48 -6.92 -22.32
N PRO B 10 46.36 -7.58 -22.06
CA PRO B 10 45.13 -6.85 -21.73
C PRO B 10 45.21 -6.09 -20.42
N SER B 11 45.70 -6.74 -19.36
CA SER B 11 45.82 -6.08 -18.07
C SER B 11 46.82 -4.92 -18.14
N ASP B 12 47.95 -5.14 -18.81
CA ASP B 12 48.93 -4.07 -18.97
C ASP B 12 48.35 -2.92 -19.80
N PHE B 13 47.57 -3.25 -20.83
CA PHE B 13 46.95 -2.20 -21.64
C PHE B 13 45.97 -1.38 -20.80
N LEU B 14 45.17 -2.06 -19.97
CA LEU B 14 44.25 -1.34 -19.09
C LEU B 14 44.99 -0.47 -18.11
N ASP B 15 46.10 -0.97 -17.54
CA ASP B 15 46.90 -0.16 -16.63
C ASP B 15 47.49 1.05 -17.34
N LYS B 16 47.90 0.90 -18.59
CA LYS B 16 48.47 2.01 -19.35
C LYS B 16 47.41 3.01 -19.77
N LEU B 17 46.15 2.57 -19.91
CA LEU B 17 45.09 3.47 -20.36
C LEU B 17 44.58 4.35 -19.22
N MET B 18 44.03 3.73 -18.17
CA MET B 18 43.43 4.47 -17.07
C MET B 18 43.96 4.04 -15.70
N GLY B 19 45.07 3.30 -15.65
CA GLY B 19 45.61 2.85 -14.39
C GLY B 19 46.37 3.94 -13.65
N ARG B 20 46.97 3.54 -12.53
CA ARG B 20 47.73 4.48 -11.72
C ARG B 20 48.94 5.03 -12.48
N THR B 21 49.64 4.16 -13.20
CA THR B 21 50.80 4.59 -13.98
C THR B 21 50.42 5.42 -15.20
N SER B 22 49.15 5.41 -15.61
CA SER B 22 48.73 6.18 -16.77
C SER B 22 48.76 7.68 -16.51
N GLY B 23 48.71 8.09 -15.25
CA GLY B 23 48.68 9.52 -14.94
C GLY B 23 47.41 10.21 -15.40
N TYR B 24 46.26 9.55 -15.26
CA TYR B 24 44.97 10.08 -15.68
C TYR B 24 44.10 10.33 -14.46
N ASP B 25 43.54 11.53 -14.37
CA ASP B 25 42.68 11.92 -13.26
C ASP B 25 41.22 11.89 -13.72
N ALA B 26 40.39 11.15 -12.98
CA ALA B 26 38.99 11.01 -13.31
C ALA B 26 38.13 12.15 -12.77
N ARG B 27 38.70 13.05 -11.97
CA ARG B 27 37.97 14.15 -11.37
C ARG B 27 38.05 15.43 -12.19
N ILE B 28 38.68 15.39 -13.37
CA ILE B 28 38.87 16.56 -14.21
C ILE B 28 38.22 16.28 -15.56
N ARG B 29 37.38 17.21 -16.01
CA ARG B 29 36.71 17.04 -17.29
C ARG B 29 37.71 17.11 -18.43
N PRO B 30 37.43 16.45 -19.56
CA PRO B 30 38.31 16.58 -20.72
C PRO B 30 38.31 18.00 -21.26
N ASN B 31 39.46 18.39 -21.82
CA ASN B 31 39.66 19.75 -22.35
C ASN B 31 39.40 20.80 -21.27
N PHE B 32 40.11 20.66 -20.15
CA PHE B 32 39.93 21.56 -19.03
C PHE B 32 40.34 22.99 -19.39
N LYS B 33 39.58 23.96 -18.91
CA LYS B 33 39.79 25.37 -19.23
C LYS B 33 39.77 25.61 -20.73
N GLY B 34 38.87 24.93 -21.42
CA GLY B 34 38.74 25.07 -22.86
C GLY B 34 37.29 25.09 -23.30
N PRO B 35 37.05 24.75 -24.56
CA PRO B 35 35.67 24.72 -25.06
C PRO B 35 34.87 23.64 -24.36
N PRO B 36 33.57 23.83 -24.18
CA PRO B 36 32.76 22.80 -23.52
C PRO B 36 32.70 21.52 -24.33
N VAL B 37 32.62 20.40 -23.62
CA VAL B 37 32.58 19.09 -24.28
C VAL B 37 31.16 18.80 -24.74
N ASN B 38 31.05 18.03 -25.82
CA ASN B 38 29.77 17.66 -26.40
C ASN B 38 29.46 16.20 -26.06
N VAL B 39 28.23 15.97 -25.60
CA VAL B 39 27.77 14.63 -25.24
C VAL B 39 26.48 14.34 -26.01
N THR B 40 26.45 13.22 -26.71
CA THR B 40 25.27 12.78 -27.44
C THR B 40 24.68 11.58 -26.71
N CYS B 41 23.40 11.68 -26.35
CA CYS B 41 22.73 10.66 -25.55
C CYS B 41 21.44 10.24 -26.22
N ASN B 42 21.19 8.93 -26.22
CA ASN B 42 19.94 8.36 -26.73
C ASN B 42 19.44 7.33 -25.73
N ILE B 43 18.12 7.17 -25.66
CA ILE B 43 17.50 6.26 -24.73
C ILE B 43 16.78 5.16 -25.50
N PHE B 44 16.56 4.04 -24.83
CA PHE B 44 15.85 2.90 -25.40
C PHE B 44 14.77 2.47 -24.43
N ILE B 45 13.51 2.78 -24.76
CA ILE B 45 12.40 2.41 -23.90
C ILE B 45 12.25 0.89 -23.90
N ASN B 46 12.27 0.31 -22.70
CA ASN B 46 12.14 -1.14 -22.56
C ASN B 46 10.80 -1.57 -21.99
N SER B 47 10.14 -0.73 -21.22
CA SER B 47 8.82 -1.03 -20.69
C SER B 47 8.09 0.28 -20.42
N PHE B 48 6.86 0.17 -19.93
CA PHE B 48 6.01 1.31 -19.65
C PHE B 48 4.91 0.85 -18.70
N GLY B 49 3.92 1.70 -18.48
CA GLY B 49 2.79 1.35 -17.64
C GLY B 49 2.82 2.03 -16.30
N SER B 50 1.89 1.60 -15.46
CA SER B 50 1.71 2.14 -14.10
C SER B 50 1.48 3.65 -14.13
N ILE B 51 0.75 4.12 -15.13
CA ILE B 51 0.39 5.53 -15.23
C ILE B 51 -0.81 5.74 -14.31
N ALA B 52 -0.55 6.19 -13.08
CA ALA B 52 -1.60 6.42 -12.10
C ALA B 52 -1.77 7.91 -11.90
N GLU B 53 -2.99 8.40 -12.12
CA GLU B 53 -3.26 9.82 -11.95
C GLU B 53 -3.35 10.23 -10.48
N THR B 54 -3.35 9.27 -9.55
CA THR B 54 -3.41 9.60 -8.14
C THR B 54 -2.17 10.35 -7.69
N THR B 55 -0.99 9.91 -8.13
CA THR B 55 0.27 10.54 -7.76
C THR B 55 0.89 11.32 -8.92
N MET B 56 0.17 11.44 -10.05
CA MET B 56 0.64 12.19 -11.21
C MET B 56 2.01 11.70 -11.68
N ASP B 57 2.19 10.39 -11.70
CA ASP B 57 3.51 9.81 -11.98
C ASP B 57 3.36 8.58 -12.86
N TYR B 58 4.47 8.22 -13.52
CA TYR B 58 4.56 7.01 -14.32
C TYR B 58 5.97 6.48 -14.25
N ARG B 59 6.13 5.20 -14.61
CA ARG B 59 7.39 4.48 -14.45
C ARG B 59 7.91 4.05 -15.81
N VAL B 60 9.22 4.19 -16.03
CA VAL B 60 9.87 3.74 -17.24
C VAL B 60 11.05 2.86 -16.87
N ASN B 61 11.59 2.16 -17.87
CA ASN B 61 12.71 1.23 -17.69
C ASN B 61 13.74 1.47 -18.80
N ILE B 62 14.16 2.73 -18.96
CA ILE B 62 14.97 3.15 -20.10
C ILE B 62 16.34 2.48 -20.10
N PHE B 63 17.01 2.53 -21.24
CA PHE B 63 18.36 2.00 -21.42
C PHE B 63 19.30 3.12 -21.82
N LEU B 64 19.32 4.20 -21.03
CA LEU B 64 20.04 5.41 -21.38
C LEU B 64 21.50 5.12 -21.74
N ARG B 65 21.92 5.65 -22.89
CA ARG B 65 23.29 5.52 -23.38
C ARG B 65 23.88 6.90 -23.59
N GLN B 66 25.18 7.04 -23.33
CA GLN B 66 25.88 8.30 -23.48
C GLN B 66 27.11 8.10 -24.36
N LYS B 67 27.34 9.06 -25.26
CA LYS B 67 28.49 9.03 -26.16
C LYS B 67 29.20 10.37 -26.10
N TRP B 68 30.51 10.33 -25.89
CA TRP B 68 31.32 11.55 -25.87
C TRP B 68 32.75 11.17 -26.21
N ASN B 69 33.62 12.18 -26.29
CA ASN B 69 35.00 11.99 -26.69
C ASN B 69 35.94 12.68 -25.72
N ASP B 70 37.09 12.06 -25.50
CA ASP B 70 38.15 12.64 -24.67
C ASP B 70 39.50 12.21 -25.22
N PRO B 71 40.36 13.16 -25.61
CA PRO B 71 41.66 12.79 -26.18
C PRO B 71 42.58 12.04 -25.23
N ARG B 72 42.35 12.15 -23.93
CA ARG B 72 43.22 11.51 -22.95
C ARG B 72 43.07 9.99 -22.91
N LEU B 73 42.05 9.44 -23.57
CA LEU B 73 41.80 8.00 -23.55
C LEU B 73 42.13 7.34 -24.88
N ALA B 74 42.80 8.04 -25.78
CA ALA B 74 43.13 7.48 -27.09
C ALA B 74 44.17 6.36 -26.96
N TYR B 75 44.11 5.40 -27.88
CA TYR B 75 45.04 4.29 -27.90
C TYR B 75 45.23 3.82 -29.34
N SER B 76 46.38 3.18 -29.58
CA SER B 76 46.72 2.71 -30.92
C SER B 76 47.43 1.36 -30.92
N GLU B 77 47.57 0.69 -29.77
CA GLU B 77 48.32 -0.55 -29.73
C GLU B 77 47.46 -1.74 -30.17
N TYR B 78 46.29 -1.90 -29.56
CA TYR B 78 45.44 -3.04 -29.87
C TYR B 78 44.91 -2.94 -31.30
N PRO B 79 45.00 -4.01 -32.09
CA PRO B 79 44.47 -3.95 -33.46
C PRO B 79 42.97 -3.69 -33.53
N ASP B 80 42.20 -4.19 -32.56
CA ASP B 80 40.77 -3.96 -32.54
C ASP B 80 40.47 -2.49 -32.29
N ASP B 81 39.44 -1.99 -32.97
CA ASP B 81 39.08 -0.58 -32.89
C ASP B 81 38.13 -0.26 -31.74
N SER B 82 37.64 -1.26 -31.01
CA SER B 82 36.71 -1.02 -29.92
C SER B 82 36.82 -2.16 -28.92
N LEU B 83 37.37 -1.87 -27.74
CA LEU B 83 37.44 -2.82 -26.65
C LEU B 83 36.35 -2.50 -25.63
N ASP B 84 36.22 -3.36 -24.62
CA ASP B 84 35.20 -3.22 -23.60
C ASP B 84 35.85 -3.18 -22.22
N LEU B 85 35.14 -2.57 -21.27
CA LEU B 85 35.62 -2.47 -19.90
C LEU B 85 34.55 -2.99 -18.94
N ASP B 86 34.76 -2.81 -17.65
CA ASP B 86 33.88 -3.32 -16.61
C ASP B 86 33.45 -2.19 -15.69
N PRO B 87 32.31 -2.33 -15.01
CA PRO B 87 31.87 -1.27 -14.09
C PRO B 87 32.89 -0.94 -13.00
N SER B 88 33.62 -1.94 -12.51
CA SER B 88 34.62 -1.68 -11.48
C SER B 88 35.68 -0.71 -11.97
N MET B 89 36.09 -0.83 -13.22
CA MET B 89 36.97 0.16 -13.83
C MET B 89 36.22 1.34 -14.44
N LEU B 90 34.93 1.18 -14.71
CA LEU B 90 34.13 2.30 -15.21
C LEU B 90 34.02 3.39 -14.15
N ASP B 91 33.85 3.02 -12.88
CA ASP B 91 33.76 4.01 -11.82
C ASP B 91 35.09 4.71 -11.58
N SER B 92 36.19 4.23 -12.15
CA SER B 92 37.50 4.83 -11.96
C SER B 92 37.86 5.85 -13.02
N ILE B 93 36.99 6.10 -13.99
CA ILE B 93 37.23 7.09 -15.04
C ILE B 93 36.14 8.15 -14.96
N TRP B 94 36.36 9.24 -15.69
CA TRP B 94 35.42 10.35 -15.68
C TRP B 94 34.10 9.95 -16.34
N LYS B 95 33.00 10.35 -15.70
CA LYS B 95 31.66 10.06 -16.19
C LYS B 95 30.88 11.36 -16.26
N PRO B 96 30.30 11.70 -17.41
CA PRO B 96 29.55 12.96 -17.51
C PRO B 96 28.33 12.97 -16.61
N ASP B 97 28.13 14.07 -15.89
CA ASP B 97 27.00 14.19 -14.98
C ASP B 97 25.71 14.30 -15.78
N LEU B 98 24.67 13.62 -15.30
CA LEU B 98 23.35 13.68 -15.93
C LEU B 98 22.31 13.19 -14.93
N PHE B 99 21.34 14.04 -14.61
CA PHE B 99 20.25 13.68 -13.73
C PHE B 99 18.93 14.15 -14.35
N PHE B 100 17.86 13.43 -14.02
CA PHE B 100 16.54 13.74 -14.55
C PHE B 100 15.87 14.75 -13.63
N ALA B 101 15.57 15.94 -14.17
CA ALA B 101 15.00 17.00 -13.33
C ALA B 101 13.62 16.62 -12.81
N ASN B 102 12.78 16.03 -13.67
CA ASN B 102 11.41 15.69 -13.28
C ASN B 102 11.34 14.19 -13.00
N GLU B 103 11.69 13.82 -11.77
CA GLU B 103 11.59 12.45 -11.33
C GLU B 103 11.40 12.43 -9.82
N LYS B 104 10.77 11.36 -9.32
CA LYS B 104 10.45 11.21 -7.91
C LYS B 104 10.93 9.88 -7.38
N GLY B 105 12.19 9.54 -7.66
CA GLY B 105 12.77 8.31 -7.16
C GLY B 105 13.17 7.34 -8.26
N ALA B 106 14.47 7.17 -8.47
CA ALA B 106 15.00 6.23 -9.44
C ALA B 106 16.12 5.43 -8.78
N ASN B 107 16.44 4.30 -9.40
CA ASN B 107 17.43 3.39 -8.82
C ASN B 107 18.15 2.64 -9.93
N PHE B 108 19.31 2.08 -9.57
CA PHE B 108 20.11 1.28 -10.48
C PHE B 108 19.54 -0.14 -10.55
N HIS B 109 20.27 -1.04 -11.19
CA HIS B 109 19.88 -2.44 -11.28
C HIS B 109 21.13 -3.30 -11.17
N GLU B 110 21.14 -4.19 -10.18
CA GLU B 110 22.24 -5.15 -10.02
C GLU B 110 21.64 -6.55 -9.92
N VAL B 111 21.97 -7.39 -10.90
CA VAL B 111 21.50 -8.78 -10.94
C VAL B 111 22.67 -9.63 -11.40
N THR B 112 23.29 -10.35 -10.45
CA THR B 112 24.45 -11.21 -10.68
C THR B 112 25.68 -10.40 -11.07
N THR B 113 25.50 -9.11 -11.31
CA THR B 113 26.56 -8.17 -11.66
C THR B 113 25.91 -6.79 -11.80
N ASP B 114 26.74 -5.78 -11.97
CA ASP B 114 26.22 -4.46 -12.31
C ASP B 114 25.75 -4.43 -13.75
N ASN B 115 24.74 -3.60 -14.02
CA ASN B 115 24.12 -3.51 -15.34
C ASN B 115 24.65 -2.32 -16.13
N LYS B 116 25.94 -2.01 -15.97
CA LYS B 116 26.57 -0.91 -16.67
C LYS B 116 27.57 -1.47 -17.68
N LEU B 117 27.47 -1.00 -18.93
CA LEU B 117 28.36 -1.41 -20.01
C LEU B 117 29.17 -0.20 -20.47
N LEU B 118 30.49 -0.37 -20.52
CA LEU B 118 31.40 0.68 -20.96
C LEU B 118 32.20 0.18 -22.16
N ARG B 119 32.25 0.99 -23.22
CA ARG B 119 32.98 0.66 -24.43
C ARG B 119 33.84 1.84 -24.84
N ILE B 120 35.07 1.55 -25.26
CA ILE B 120 36.03 2.56 -25.66
C ILE B 120 36.40 2.33 -27.11
N PHE B 121 36.29 3.38 -27.92
CA PHE B 121 36.63 3.29 -29.33
C PHE B 121 38.09 3.72 -29.54
N LYS B 122 38.67 3.24 -30.66
CA LYS B 122 40.07 3.53 -30.94
C LYS B 122 40.30 5.01 -31.18
N ASN B 123 39.37 5.69 -31.85
CA ASN B 123 39.52 7.10 -32.14
C ASN B 123 39.41 7.98 -30.90
N GLY B 124 38.98 7.42 -29.77
CA GLY B 124 38.84 8.16 -28.53
C GLY B 124 37.41 8.32 -28.05
N ASN B 125 36.42 8.06 -28.89
CA ASN B 125 35.03 8.14 -28.47
C ASN B 125 34.72 7.07 -27.43
N VAL B 126 33.87 7.42 -26.47
CA VAL B 126 33.52 6.53 -25.37
C VAL B 126 32.01 6.33 -25.37
N LEU B 127 31.59 5.07 -25.32
CA LEU B 127 30.18 4.70 -25.24
C LEU B 127 29.88 4.21 -23.83
N TYR B 128 28.83 4.75 -23.23
CA TYR B 128 28.47 4.44 -21.84
C TYR B 128 26.98 4.19 -21.79
N SER B 129 26.60 2.92 -21.65
CA SER B 129 25.20 2.52 -21.58
C SER B 129 24.90 1.99 -20.19
N ILE B 130 23.86 2.52 -19.56
CA ILE B 130 23.49 2.18 -18.19
C ILE B 130 21.98 1.98 -18.13
N ARG B 131 21.56 0.92 -17.45
CA ARG B 131 20.14 0.64 -17.25
C ARG B 131 19.64 1.34 -16.00
N LEU B 132 18.50 2.01 -16.11
CA LEU B 132 17.88 2.70 -14.99
C LEU B 132 16.38 2.44 -14.98
N THR B 133 15.79 2.55 -13.80
CA THR B 133 14.33 2.48 -13.62
C THR B 133 13.90 3.79 -12.97
N LEU B 134 13.12 4.58 -13.69
CA LEU B 134 12.74 5.92 -13.26
C LEU B 134 11.28 5.95 -12.82
N THR B 135 10.92 7.04 -12.15
CA THR B 135 9.55 7.34 -11.77
C THR B 135 9.33 8.82 -12.07
N LEU B 136 8.87 9.10 -13.28
CA LEU B 136 8.70 10.48 -13.74
C LEU B 136 7.31 10.99 -13.38
N SER B 137 7.21 12.30 -13.20
CA SER B 137 5.97 12.96 -12.82
C SER B 137 5.56 13.96 -13.89
N CYS B 138 4.31 13.88 -14.32
CA CYS B 138 3.75 14.82 -15.28
C CYS B 138 2.44 15.36 -14.76
N PRO B 139 2.17 16.66 -14.96
CA PRO B 139 0.88 17.21 -14.53
C PRO B 139 -0.27 16.75 -15.40
N MET B 140 -1.10 15.86 -14.87
CA MET B 140 -2.24 15.33 -15.62
C MET B 140 -3.33 16.39 -15.74
N ASP B 141 -3.83 16.57 -16.96
CA ASP B 141 -4.93 17.50 -17.22
C ASP B 141 -6.20 16.70 -17.40
N LEU B 142 -7.22 17.03 -16.60
CA LEU B 142 -8.49 16.30 -16.60
C LEU B 142 -9.65 17.21 -16.97
N LYS B 143 -9.41 18.13 -17.91
CA LYS B 143 -10.50 18.97 -18.40
C LYS B 143 -11.58 18.14 -19.08
N ASN B 144 -11.17 17.15 -19.87
CA ASN B 144 -12.07 16.18 -20.48
C ASN B 144 -11.49 14.80 -20.17
N PHE B 145 -11.89 14.26 -19.01
CA PHE B 145 -11.23 13.06 -18.47
C PHE B 145 -11.27 11.86 -19.40
N PRO B 146 -12.43 11.42 -19.93
CA PRO B 146 -12.43 10.20 -20.74
C PRO B 146 -11.89 10.39 -22.14
N MET B 147 -11.63 11.64 -22.57
CA MET B 147 -11.20 11.92 -23.93
C MET B 147 -10.00 12.87 -23.93
N ASP B 148 -9.16 12.78 -22.92
CA ASP B 148 -8.03 13.69 -22.77
C ASP B 148 -6.82 13.19 -23.55
N VAL B 149 -5.84 14.08 -23.70
CA VAL B 149 -4.54 13.76 -24.28
C VAL B 149 -3.49 14.19 -23.28
N GLN B 150 -2.69 13.25 -22.80
CA GLN B 150 -1.70 13.51 -21.76
C GLN B 150 -0.31 13.59 -22.39
N THR B 151 0.41 14.66 -22.07
CA THR B 151 1.75 14.90 -22.60
C THR B 151 2.74 14.81 -21.44
N CYS B 152 3.25 13.61 -21.19
CA CYS B 152 4.25 13.39 -20.15
C CYS B 152 5.65 13.54 -20.73
N ILE B 153 6.51 14.22 -19.99
CA ILE B 153 7.81 14.64 -20.50
C ILE B 153 8.94 13.93 -19.77
N MET B 154 10.17 14.17 -20.22
CA MET B 154 11.36 13.57 -19.61
C MET B 154 12.51 14.54 -19.83
N GLN B 155 12.88 15.28 -18.79
CA GLN B 155 13.89 16.33 -18.90
C GLN B 155 15.24 15.76 -18.45
N LEU B 156 16.22 15.85 -19.33
CA LEU B 156 17.60 15.48 -19.02
C LEU B 156 18.45 16.74 -18.96
N GLU B 157 19.18 16.91 -17.86
CA GLU B 157 19.98 18.12 -17.69
C GLU B 157 21.14 17.82 -16.76
N SER B 158 22.21 18.61 -16.91
CA SER B 158 23.40 18.47 -16.09
C SER B 158 23.19 19.12 -14.73
N PHE B 159 24.07 18.77 -13.80
CA PHE B 159 23.99 19.31 -12.45
C PHE B 159 25.28 19.95 -11.97
N GLY B 160 26.44 19.37 -12.32
CA GLY B 160 27.71 19.84 -11.85
C GLY B 160 28.48 20.74 -12.78
N TYR B 161 28.01 20.94 -14.01
CA TYR B 161 28.70 21.78 -14.98
C TYR B 161 27.70 22.69 -15.67
N THR B 162 28.19 23.83 -16.12
CA THR B 162 27.39 24.84 -16.78
C THR B 162 27.50 24.69 -18.30
N MET B 163 26.97 25.66 -19.03
CA MET B 163 27.10 25.64 -20.49
C MET B 163 28.55 25.79 -20.92
N ASN B 164 29.38 26.42 -20.10
CA ASN B 164 30.78 26.64 -20.44
C ASN B 164 31.62 25.37 -20.39
N ASP B 165 31.10 24.29 -19.83
CA ASP B 165 31.88 23.06 -19.69
C ASP B 165 31.19 21.85 -20.28
N LEU B 166 29.87 21.75 -20.17
CA LEU B 166 29.13 20.58 -20.63
C LEU B 166 27.87 21.01 -21.38
N ILE B 167 27.63 20.35 -22.51
CA ILE B 167 26.42 20.55 -23.29
C ILE B 167 25.83 19.18 -23.62
N PHE B 168 24.53 19.17 -23.90
CA PHE B 168 23.82 17.94 -24.22
C PHE B 168 23.14 18.06 -25.58
N GLU B 169 23.23 17.01 -26.38
CA GLU B 169 22.61 16.97 -27.70
C GLU B 169 21.98 15.61 -27.91
N TRP B 170 20.90 15.60 -28.70
CA TRP B 170 20.27 14.35 -29.08
C TRP B 170 21.07 13.67 -30.19
N GLN B 171 20.63 12.46 -30.55
CA GLN B 171 21.21 11.75 -31.68
C GLN B 171 20.35 11.95 -32.91
N ASP B 172 21.00 12.21 -34.05
CA ASP B 172 20.26 12.59 -35.26
C ASP B 172 19.33 11.48 -35.72
N GLU B 173 19.79 10.23 -35.70
CA GLU B 173 18.99 9.09 -36.14
C GLU B 173 18.50 8.31 -34.93
N ALA B 174 17.22 7.94 -34.96
CA ALA B 174 16.53 7.18 -33.93
C ALA B 174 16.87 7.69 -32.52
N PRO B 175 16.54 8.94 -32.21
CA PRO B 175 16.88 9.48 -30.88
C PRO B 175 16.21 8.73 -29.74
N VAL B 176 14.98 8.27 -29.94
CA VAL B 176 14.25 7.54 -28.90
C VAL B 176 13.60 6.30 -29.51
N GLN B 177 14.25 5.15 -29.34
CA GLN B 177 13.68 3.91 -29.84
C GLN B 177 12.63 3.37 -28.86
N VAL B 178 11.72 2.56 -29.39
CA VAL B 178 10.67 1.93 -28.60
C VAL B 178 10.70 0.44 -28.88
N ALA B 179 10.72 -0.37 -27.83
CA ALA B 179 10.71 -1.82 -27.98
C ALA B 179 9.46 -2.26 -28.72
N GLU B 180 9.63 -3.15 -29.70
CA GLU B 180 8.51 -3.62 -30.50
C GLU B 180 7.51 -4.36 -29.63
N GLY B 181 6.23 -4.11 -29.89
CA GLY B 181 5.17 -4.74 -29.11
C GLY B 181 4.91 -4.11 -27.76
N LEU B 182 5.38 -2.89 -27.53
CA LEU B 182 5.13 -2.21 -26.26
C LEU B 182 3.66 -1.83 -26.18
N THR B 183 2.95 -2.41 -25.23
CA THR B 183 1.51 -2.21 -25.06
C THR B 183 1.23 -1.55 -23.72
N LEU B 184 0.29 -0.60 -23.72
CA LEU B 184 -0.15 0.06 -22.51
C LEU B 184 -1.53 -0.44 -22.11
N PRO B 185 -1.83 -0.52 -20.81
CA PRO B 185 -3.14 -1.01 -20.38
C PRO B 185 -4.29 -0.09 -20.77
N GLN B 186 -4.13 1.21 -20.50
CA GLN B 186 -5.18 2.19 -20.75
C GLN B 186 -4.86 3.07 -21.96
N PHE B 187 -3.69 3.70 -21.97
CA PHE B 187 -3.34 4.66 -22.99
C PHE B 187 -2.74 3.95 -24.20
N LEU B 188 -2.26 4.75 -25.17
CA LEU B 188 -1.53 4.25 -26.32
C LEU B 188 -0.45 5.26 -26.68
N LEU B 189 0.75 4.77 -26.96
CA LEU B 189 1.88 5.65 -27.23
C LEU B 189 1.91 6.00 -28.72
N LYS B 190 1.76 7.28 -29.03
CA LYS B 190 1.89 7.74 -30.41
C LYS B 190 3.34 7.62 -30.87
N GLU B 191 3.52 7.25 -32.14
CA GLU B 191 4.86 7.11 -32.69
C GLU B 191 5.61 8.43 -32.68
N GLU B 192 4.92 9.52 -33.02
CA GLU B 192 5.56 10.82 -33.08
C GLU B 192 6.03 11.26 -31.71
N LYS B 193 7.27 11.76 -31.64
CA LYS B 193 7.87 12.23 -30.39
C LYS B 193 8.49 13.59 -30.66
N ASP B 194 8.26 14.54 -29.75
CA ASP B 194 8.74 15.90 -29.90
C ASP B 194 10.00 16.10 -29.08
N LEU B 195 11.03 16.69 -29.70
CA LEU B 195 12.32 16.93 -29.06
C LEU B 195 12.65 18.41 -29.15
N ARG B 196 13.13 18.97 -28.04
CA ARG B 196 13.40 20.40 -27.97
C ARG B 196 14.55 20.63 -26.99
N TYR B 197 14.74 21.89 -26.62
CA TYR B 197 15.74 22.29 -25.63
C TYR B 197 15.06 23.03 -24.49
N CYS B 198 15.59 22.85 -23.29
CA CYS B 198 14.99 23.38 -22.07
C CYS B 198 16.02 24.09 -21.22
N THR B 199 16.92 24.83 -21.86
CA THR B 199 18.04 25.48 -21.16
C THR B 199 17.54 26.35 -20.02
N LYS B 200 17.87 25.97 -18.79
CA LYS B 200 17.40 26.65 -17.59
C LYS B 200 18.44 27.64 -17.08
N HIS B 201 17.96 28.59 -16.28
CA HIS B 201 18.80 29.65 -15.70
C HIS B 201 18.54 29.66 -14.20
N TYR B 202 19.29 28.83 -13.46
CA TYR B 202 19.16 28.79 -12.01
C TYR B 202 19.88 29.97 -11.39
N ASN B 203 19.90 30.00 -10.06
CA ASN B 203 20.62 31.06 -9.35
C ASN B 203 22.12 30.94 -9.50
N THR B 204 22.63 29.75 -9.79
CA THR B 204 24.07 29.52 -9.93
C THR B 204 24.58 29.76 -11.34
N GLY B 205 23.70 30.06 -12.30
CA GLY B 205 24.14 30.34 -13.64
C GLY B 205 23.25 29.75 -14.73
N LYS B 206 23.87 29.16 -15.75
CA LYS B 206 23.16 28.63 -16.91
C LYS B 206 23.49 27.15 -17.05
N PHE B 207 22.46 26.32 -17.11
CA PHE B 207 22.62 24.87 -17.18
C PHE B 207 21.99 24.32 -18.46
N THR B 208 22.68 23.37 -19.07
CA THR B 208 22.15 22.70 -20.26
C THR B 208 20.99 21.79 -19.87
N CYS B 209 20.14 21.50 -20.86
CA CYS B 209 18.96 20.68 -20.60
C CYS B 209 18.51 20.04 -21.91
N ILE B 210 17.77 18.94 -21.79
CA ILE B 210 17.22 18.22 -22.92
C ILE B 210 15.86 17.66 -22.52
N GLU B 211 14.87 17.85 -23.39
CA GLU B 211 13.50 17.47 -23.09
C GLU B 211 12.93 16.64 -24.24
N VAL B 212 12.17 15.60 -23.89
CA VAL B 212 11.49 14.75 -24.86
C VAL B 212 10.06 14.53 -24.38
N ARG B 213 9.10 14.65 -25.29
CA ARG B 213 7.69 14.53 -24.96
C ARG B 213 7.13 13.21 -25.45
N PHE B 214 6.22 12.63 -24.66
CA PHE B 214 5.47 11.43 -25.05
C PHE B 214 3.99 11.79 -25.09
N HIS B 215 3.33 11.44 -26.18
CA HIS B 215 1.92 11.73 -26.37
C HIS B 215 1.10 10.49 -26.03
N LEU B 216 0.23 10.60 -25.03
CA LEU B 216 -0.62 9.51 -24.60
C LEU B 216 -2.07 9.91 -24.76
N GLU B 217 -2.85 9.08 -25.45
CA GLU B 217 -4.26 9.31 -25.67
C GLU B 217 -5.07 8.23 -24.96
N ARG B 218 -6.00 8.67 -24.09
CA ARG B 218 -6.81 7.72 -23.35
C ARG B 218 -7.86 7.10 -24.27
N GLN B 219 -8.12 5.81 -24.04
CA GLN B 219 -9.08 5.05 -24.85
C GLN B 219 -10.39 4.94 -24.09
N MET B 220 -11.48 5.35 -24.72
CA MET B 220 -12.75 5.52 -24.04
C MET B 220 -13.54 4.23 -23.87
N GLY B 221 -13.06 3.11 -24.43
CA GLY B 221 -13.87 1.90 -24.45
C GLY B 221 -14.25 1.41 -23.06
N TYR B 222 -13.28 1.35 -22.15
CA TYR B 222 -13.55 0.87 -20.81
C TYR B 222 -14.53 1.78 -20.08
N TYR B 223 -14.25 3.08 -20.06
CA TYR B 223 -15.13 4.03 -19.38
C TYR B 223 -16.52 4.04 -20.02
N LEU B 224 -16.57 3.99 -21.35
CA LEU B 224 -17.84 3.89 -22.05
C LEU B 224 -18.65 2.71 -21.53
N ILE B 225 -18.11 1.49 -21.70
CA ILE B 225 -18.87 0.28 -21.38
C ILE B 225 -19.17 0.20 -19.89
N GLN B 226 -18.39 0.87 -19.04
CA GLN B 226 -18.63 0.78 -17.61
C GLN B 226 -19.68 1.78 -17.14
N MET B 227 -19.62 3.03 -17.60
CA MET B 227 -20.45 4.08 -17.05
C MET B 227 -21.47 4.66 -18.02
N TYR B 228 -21.11 4.86 -19.30
CA TYR B 228 -22.01 5.58 -20.20
C TYR B 228 -23.27 4.77 -20.49
N ILE B 229 -23.15 3.46 -20.63
CA ILE B 229 -24.29 2.61 -20.93
C ILE B 229 -25.25 2.53 -19.74
N PRO B 230 -24.77 2.25 -18.51
CA PRO B 230 -25.73 2.17 -17.39
C PRO B 230 -26.52 3.45 -17.15
N SER B 231 -25.90 4.62 -17.30
CA SER B 231 -26.62 5.87 -17.08
C SER B 231 -27.71 6.06 -18.13
N LEU B 232 -27.40 5.74 -19.39
CA LEU B 232 -28.40 5.82 -20.44
C LEU B 232 -29.54 4.83 -20.19
N LEU B 233 -29.20 3.63 -19.71
CA LEU B 233 -30.24 2.66 -19.38
C LEU B 233 -31.12 3.18 -18.25
N ILE B 234 -30.51 3.83 -17.25
CA ILE B 234 -31.29 4.36 -16.14
C ILE B 234 -32.24 5.46 -16.61
N VAL B 235 -31.77 6.34 -17.49
CA VAL B 235 -32.67 7.41 -17.95
C VAL B 235 -33.76 6.84 -18.86
N ILE B 236 -33.45 5.81 -19.65
CA ILE B 236 -34.50 5.17 -20.44
C ILE B 236 -35.51 4.48 -19.52
N LEU B 237 -35.04 3.91 -18.41
CA LEU B 237 -35.95 3.32 -17.43
C LEU B 237 -36.82 4.40 -16.78
N SER B 238 -36.26 5.59 -16.57
CA SER B 238 -37.06 6.70 -16.08
C SER B 238 -38.13 7.10 -17.09
N TRP B 239 -37.80 7.08 -18.37
CA TRP B 239 -38.82 7.31 -19.40
C TRP B 239 -39.87 6.22 -19.36
N VAL B 240 -39.46 4.97 -19.16
CA VAL B 240 -40.39 3.86 -19.02
C VAL B 240 -41.34 4.11 -17.85
N SER B 241 -40.81 4.62 -16.74
CA SER B 241 -41.65 5.03 -15.63
C SER B 241 -42.63 6.11 -16.05
N PHE B 242 -42.15 7.09 -16.81
CA PHE B 242 -43.03 8.14 -17.32
C PHE B 242 -44.17 7.56 -18.15
N TRP B 243 -43.92 6.47 -18.87
CA TRP B 243 -44.97 5.87 -19.69
C TRP B 243 -46.03 5.14 -18.87
N ILE B 244 -45.81 4.94 -17.57
CA ILE B 244 -46.81 4.27 -16.73
C ILE B 244 -48.01 5.18 -16.54
N ASN B 245 -49.17 4.57 -16.32
CA ASN B 245 -50.40 5.32 -16.09
C ASN B 245 -50.38 5.96 -14.70
N MET B 246 -51.39 6.79 -14.44
CA MET B 246 -51.43 7.59 -13.22
C MET B 246 -51.81 6.76 -11.99
N ASP B 247 -52.53 5.65 -12.18
CA ASP B 247 -53.10 4.93 -11.04
C ASP B 247 -52.01 4.41 -10.10
N ALA B 248 -50.92 3.88 -10.67
CA ALA B 248 -49.83 3.32 -9.87
C ALA B 248 -48.84 4.41 -9.47
N ALA B 249 -49.34 5.39 -8.71
CA ALA B 249 -48.49 6.49 -8.27
C ALA B 249 -47.36 6.05 -7.35
N PRO B 250 -47.59 5.30 -6.27
CA PRO B 250 -46.45 4.90 -5.41
C PRO B 250 -45.41 4.10 -6.17
N ALA B 251 -45.83 3.22 -7.08
CA ALA B 251 -44.89 2.41 -7.84
C ALA B 251 -43.97 3.29 -8.69
N ARG B 252 -44.55 4.19 -9.48
CA ARG B 252 -43.75 5.04 -10.35
C ARG B 252 -42.84 5.96 -9.55
N VAL B 253 -43.36 6.56 -8.48
CA VAL B 253 -42.54 7.50 -7.72
C VAL B 253 -41.41 6.75 -7.03
N ALA B 254 -41.68 5.57 -6.47
CA ALA B 254 -40.64 4.80 -5.81
C ALA B 254 -39.56 4.37 -6.78
N LEU B 255 -39.95 3.94 -7.98
CA LEU B 255 -38.94 3.55 -8.96
C LEU B 255 -38.13 4.76 -9.43
N GLY B 256 -38.76 5.94 -9.52
CA GLY B 256 -38.01 7.14 -9.86
C GLY B 256 -36.99 7.50 -8.79
N ILE B 257 -37.39 7.43 -7.52
CA ILE B 257 -36.45 7.73 -6.44
C ILE B 257 -35.34 6.69 -6.42
N THR B 258 -35.66 5.43 -6.73
CA THR B 258 -34.64 4.39 -6.77
C THR B 258 -33.64 4.65 -7.90
N THR B 259 -34.13 5.12 -9.05
CA THR B 259 -33.22 5.51 -10.12
C THR B 259 -32.34 6.67 -9.70
N VAL B 260 -32.90 7.63 -8.98
CA VAL B 260 -32.10 8.74 -8.46
C VAL B 260 -30.99 8.20 -7.55
N LEU B 261 -31.35 7.28 -6.65
CA LEU B 261 -30.39 6.75 -5.70
C LEU B 261 -29.29 5.97 -6.41
N THR B 262 -29.65 5.17 -7.42
CA THR B 262 -28.61 4.41 -8.12
C THR B 262 -27.73 5.32 -8.96
N MET B 263 -28.29 6.40 -9.51
CA MET B 263 -27.45 7.38 -10.20
C MET B 263 -26.46 8.03 -9.24
N THR B 264 -26.93 8.38 -8.04
CA THR B 264 -26.02 8.96 -7.05
C THR B 264 -24.93 7.98 -6.66
N THR B 265 -25.29 6.70 -6.46
CA THR B 265 -24.28 5.70 -6.10
C THR B 265 -23.26 5.50 -7.21
N GLN B 266 -23.73 5.47 -8.47
CA GLN B 266 -22.80 5.35 -9.59
C GLN B 266 -21.88 6.56 -9.68
N SER B 267 -22.41 7.76 -9.46
CA SER B 267 -21.58 8.96 -9.46
C SER B 267 -20.54 8.91 -8.35
N SER B 268 -20.93 8.47 -7.16
CA SER B 268 -19.99 8.36 -6.05
C SER B 268 -18.90 7.35 -6.36
N GLY B 269 -19.26 6.20 -6.94
CA GLY B 269 -18.26 5.22 -7.31
C GLY B 269 -17.31 5.73 -8.37
N SER B 270 -17.84 6.42 -9.38
CA SER B 270 -16.99 6.97 -10.43
C SER B 270 -16.03 8.01 -9.87
N ARG B 271 -16.50 8.86 -8.95
CA ARG B 271 -15.62 9.82 -8.31
C ARG B 271 -14.56 9.13 -7.45
N ALA B 272 -14.95 8.07 -6.74
CA ALA B 272 -13.98 7.35 -5.91
C ALA B 272 -12.89 6.71 -6.76
N SER B 273 -13.26 6.15 -7.90
CA SER B 273 -12.26 5.55 -8.79
C SER B 273 -11.45 6.59 -9.56
N LEU B 274 -11.58 7.88 -9.28
CA LEU B 274 -10.89 8.93 -10.02
C LEU B 274 -10.20 9.88 -9.05
N PRO B 275 -8.97 10.29 -9.35
CA PRO B 275 -8.28 11.26 -8.50
C PRO B 275 -8.99 12.60 -8.48
N LYS B 276 -8.86 13.30 -7.36
CA LYS B 276 -9.61 14.53 -7.14
C LYS B 276 -8.99 15.69 -7.91
N VAL B 277 -9.84 16.51 -8.54
CA VAL B 277 -9.40 17.71 -9.23
C VAL B 277 -10.36 18.84 -8.88
N SER B 278 -9.85 20.08 -8.98
CA SER B 278 -10.63 21.23 -8.55
C SER B 278 -11.76 21.54 -9.52
N TYR B 279 -11.48 21.52 -10.82
CA TYR B 279 -12.45 21.92 -11.82
C TYR B 279 -13.36 20.75 -12.18
N VAL B 280 -14.18 20.93 -13.22
CA VAL B 280 -15.16 19.93 -13.61
C VAL B 280 -14.55 18.99 -14.66
N LYS B 281 -15.18 17.84 -14.81
CA LYS B 281 -14.75 16.82 -15.77
C LYS B 281 -15.93 16.39 -16.62
N ALA B 282 -15.61 15.78 -17.78
CA ALA B 282 -16.66 15.35 -18.70
C ALA B 282 -17.57 14.31 -18.07
N ILE B 283 -17.00 13.33 -17.37
CA ILE B 283 -17.81 12.34 -16.67
C ILE B 283 -18.66 13.01 -15.61
N ASP B 284 -18.10 14.00 -14.92
CA ASP B 284 -18.83 14.72 -13.88
C ASP B 284 -20.08 15.38 -14.46
N ILE B 285 -19.92 16.15 -15.54
CA ILE B 285 -21.05 16.86 -16.11
C ILE B 285 -22.04 15.89 -16.73
N TRP B 286 -21.55 14.81 -17.35
CA TRP B 286 -22.46 13.83 -17.93
C TRP B 286 -23.35 13.20 -16.87
N MET B 287 -22.75 12.73 -15.77
CA MET B 287 -23.54 12.15 -14.70
C MET B 287 -24.42 13.18 -14.01
N ALA B 288 -23.97 14.43 -13.90
CA ALA B 288 -24.82 15.47 -13.32
C ALA B 288 -26.05 15.70 -14.18
N VAL B 289 -25.90 15.73 -15.50
CA VAL B 289 -27.03 15.94 -16.38
C VAL B 289 -27.96 14.73 -16.35
N CYS B 290 -27.41 13.52 -16.27
CA CYS B 290 -28.26 12.34 -16.16
C CYS B 290 -29.09 12.38 -14.88
N LEU B 291 -28.45 12.73 -13.75
CA LEU B 291 -29.16 12.84 -12.49
C LEU B 291 -30.21 13.95 -12.56
N LEU B 292 -29.88 15.06 -13.24
CA LEU B 292 -30.83 16.16 -13.40
C LEU B 292 -32.04 15.72 -14.20
N PHE B 293 -31.83 14.93 -15.26
CA PHE B 293 -32.95 14.44 -16.07
C PHE B 293 -33.84 13.50 -15.26
N VAL B 294 -33.23 12.59 -14.49
CA VAL B 294 -34.04 11.69 -13.67
C VAL B 294 -34.83 12.47 -12.63
N PHE B 295 -34.18 13.45 -11.99
CA PHE B 295 -34.85 14.29 -11.02
C PHE B 295 -35.98 15.10 -11.65
N SER B 296 -35.76 15.59 -12.88
CA SER B 296 -36.80 16.34 -13.58
C SER B 296 -37.99 15.45 -13.90
N ALA B 297 -37.74 14.20 -14.30
CA ALA B 297 -38.85 13.27 -14.53
C ALA B 297 -39.63 13.04 -13.25
N LEU B 298 -38.92 12.84 -12.14
CA LEU B 298 -39.60 12.66 -10.86
C LEU B 298 -40.42 13.89 -10.50
N LEU B 299 -39.85 15.08 -10.69
CA LEU B 299 -40.54 16.32 -10.33
C LEU B 299 -41.77 16.54 -11.20
N GLU B 300 -41.67 16.26 -12.51
CA GLU B 300 -42.82 16.45 -13.37
C GLU B 300 -43.92 15.45 -13.07
N TYR B 301 -43.56 14.21 -12.71
CA TYR B 301 -44.61 13.28 -12.30
C TYR B 301 -45.25 13.73 -10.99
N ALA B 302 -44.46 14.28 -10.07
CA ALA B 302 -45.03 14.81 -8.84
C ALA B 302 -46.00 15.95 -9.14
N ALA B 303 -45.64 16.83 -10.08
CA ALA B 303 -46.55 17.90 -10.48
C ALA B 303 -47.82 17.36 -11.11
N VAL B 304 -47.69 16.31 -11.93
CA VAL B 304 -48.88 15.70 -12.53
C VAL B 304 -49.78 15.11 -11.46
N ASN B 305 -49.19 14.42 -10.47
CA ASN B 305 -50.00 13.85 -9.40
C ASN B 305 -50.66 14.94 -8.57
N PHE B 306 -49.96 16.06 -8.34
CA PHE B 306 -50.55 17.17 -7.59
C PHE B 306 -51.71 17.79 -8.35
N VAL B 307 -51.55 18.00 -9.66
CA VAL B 307 -52.63 18.61 -10.45
C VAL B 307 -53.78 17.63 -10.64
N SER B 308 -53.52 16.33 -10.50
CA SER B 308 -54.61 15.35 -10.56
C SER B 308 -55.54 15.47 -9.36
N ARG B 309 -55.01 15.90 -8.22
CA ARG B 309 -55.79 16.05 -6.99
C ARG B 309 -56.13 17.51 -6.71
N GLN B 310 -56.42 18.29 -7.75
CA GLN B 310 -56.71 19.70 -7.61
C GLN B 310 -58.19 19.98 -7.39
N HIS B 311 -59.01 18.94 -7.27
CA HIS B 311 -60.46 19.10 -7.10
C HIS B 311 -61.08 19.89 -8.25
N LYS B 377 -64.01 18.41 -13.93
CA LYS B 377 -63.60 17.11 -14.43
C LYS B 377 -62.62 17.26 -15.59
N VAL B 378 -62.29 18.50 -15.93
CA VAL B 378 -61.35 18.77 -17.01
C VAL B 378 -59.90 18.75 -16.56
N PHE B 379 -59.64 18.62 -15.25
CA PHE B 379 -58.27 18.57 -14.76
C PHE B 379 -57.53 17.34 -15.26
N ILE B 380 -58.22 16.20 -15.32
CA ILE B 380 -57.58 14.97 -15.77
C ILE B 380 -57.18 15.07 -17.24
N ASP B 381 -58.01 15.70 -18.06
CA ASP B 381 -57.67 15.88 -19.47
C ASP B 381 -56.42 16.74 -19.62
N ARG B 382 -56.34 17.85 -18.88
CA ARG B 382 -55.16 18.70 -18.96
C ARG B 382 -53.92 17.98 -18.44
N ALA B 383 -54.07 17.19 -17.37
CA ALA B 383 -52.94 16.44 -16.85
C ALA B 383 -52.45 15.42 -17.86
N LYS B 384 -53.37 14.71 -18.53
CA LYS B 384 -52.97 13.76 -19.56
C LYS B 384 -52.29 14.45 -20.73
N LYS B 385 -52.81 15.61 -21.14
CA LYS B 385 -52.17 16.36 -22.23
C LYS B 385 -50.75 16.78 -21.84
N ILE B 386 -50.57 17.27 -20.62
CA ILE B 386 -49.24 17.69 -20.16
C ILE B 386 -48.31 16.48 -20.11
N ASP B 387 -48.80 15.35 -19.61
CA ASP B 387 -47.97 14.15 -19.55
C ASP B 387 -47.54 13.69 -20.94
N THR B 388 -48.47 13.70 -21.89
CA THR B 388 -48.14 13.30 -23.25
C THR B 388 -47.13 14.27 -23.88
N ILE B 389 -47.33 15.57 -23.67
CA ILE B 389 -46.42 16.56 -24.24
C ILE B 389 -45.02 16.39 -23.66
N SER B 390 -44.93 16.17 -22.34
CA SER B 390 -43.63 16.00 -21.70
C SER B 390 -42.96 14.70 -22.15
N ARG B 391 -43.74 13.62 -22.29
CA ARG B 391 -43.18 12.35 -22.73
C ARG B 391 -42.73 12.43 -24.18
N ALA B 392 -43.34 13.30 -24.98
CA ALA B 392 -42.86 13.52 -26.34
C ALA B 392 -41.61 14.40 -26.36
N CYS B 393 -41.56 15.42 -25.51
CA CYS B 393 -40.45 16.37 -25.55
C CYS B 393 -39.18 15.84 -24.93
N PHE B 394 -39.28 15.01 -23.89
CA PHE B 394 -38.08 14.52 -23.21
C PHE B 394 -37.11 13.79 -24.13
N PRO B 395 -37.54 12.86 -25.00
CA PRO B 395 -36.57 12.24 -25.92
C PRO B 395 -35.87 13.23 -26.82
N LEU B 396 -36.58 14.27 -27.28
CA LEU B 396 -35.95 15.28 -28.14
C LEU B 396 -34.85 16.02 -27.39
N ALA B 397 -35.15 16.45 -26.16
CA ALA B 397 -34.15 17.16 -25.36
C ALA B 397 -32.95 16.27 -25.05
N PHE B 398 -33.20 15.02 -24.69
CA PHE B 398 -32.10 14.11 -24.41
C PHE B 398 -31.24 13.87 -25.64
N LEU B 399 -31.88 13.69 -26.80
CA LEU B 399 -31.13 13.43 -28.03
C LEU B 399 -30.30 14.65 -28.42
N ILE B 400 -30.87 15.86 -28.35
CA ILE B 400 -30.10 17.03 -28.73
C ILE B 400 -28.95 17.26 -27.75
N PHE B 401 -29.19 17.05 -26.45
CA PHE B 401 -28.09 17.17 -25.50
C PHE B 401 -27.00 16.15 -25.78
N ASN B 402 -27.38 14.91 -26.07
CA ASN B 402 -26.39 13.86 -26.32
C ASN B 402 -25.55 14.18 -27.54
N ILE B 403 -26.19 14.57 -28.65
CA ILE B 403 -25.43 14.85 -29.86
C ILE B 403 -24.55 16.08 -29.66
N PHE B 404 -25.07 17.13 -28.99
CA PHE B 404 -24.27 18.31 -28.75
C PHE B 404 -23.05 18.00 -27.88
N TYR B 405 -23.26 17.24 -26.80
CA TYR B 405 -22.17 16.88 -25.91
C TYR B 405 -21.11 16.05 -26.63
N TRP B 406 -21.54 15.02 -27.36
CA TRP B 406 -20.58 14.16 -28.04
C TRP B 406 -19.82 14.93 -29.11
N VAL B 407 -20.50 15.77 -29.89
CA VAL B 407 -19.80 16.49 -30.95
C VAL B 407 -18.83 17.52 -30.37
N ILE B 408 -19.23 18.20 -29.29
CA ILE B 408 -18.36 19.23 -28.73
C ILE B 408 -17.12 18.59 -28.11
N TYR B 409 -17.30 17.48 -27.38
CA TYR B 409 -16.14 16.82 -26.79
C TYR B 409 -15.35 15.98 -27.78
N LYS B 410 -15.89 15.77 -28.99
CA LYS B 410 -15.13 15.08 -30.03
C LYS B 410 -14.27 16.05 -30.85
N ILE B 411 -14.86 17.13 -31.34
CA ILE B 411 -14.15 18.03 -32.24
C ILE B 411 -13.65 19.29 -31.53
N LEU B 412 -14.45 19.87 -30.63
CA LEU B 412 -14.02 21.09 -29.96
C LEU B 412 -12.85 20.81 -29.00
N ARG B 413 -12.99 19.78 -28.18
CA ARG B 413 -11.93 19.42 -27.24
C ARG B 413 -12.03 17.96 -26.85
N SER C 9 48.49 23.25 -13.58
CA SER C 9 48.19 21.85 -13.31
C SER C 9 46.97 21.71 -12.41
N PRO C 10 45.86 21.22 -12.96
CA PRO C 10 44.63 21.10 -12.18
C PRO C 10 44.73 20.08 -11.06
N SER C 11 45.24 18.89 -11.36
CA SER C 11 45.35 17.85 -10.34
C SER C 11 46.29 18.27 -9.22
N ASP C 12 47.43 18.88 -9.56
CA ASP C 12 48.35 19.35 -8.54
C ASP C 12 47.72 20.44 -7.68
N PHE C 13 46.97 21.34 -8.30
CA PHE C 13 46.29 22.39 -7.54
C PHE C 13 45.24 21.80 -6.60
N LEU C 14 44.50 20.79 -7.07
CA LEU C 14 43.53 20.12 -6.21
C LEU C 14 44.22 19.44 -5.03
N ASP C 15 45.35 18.78 -5.29
CA ASP C 15 46.10 18.13 -4.21
C ASP C 15 46.63 19.16 -3.22
N LYS C 16 47.10 20.31 -3.71
CA LYS C 16 47.68 21.33 -2.84
C LYS C 16 46.62 22.10 -2.06
N LEU C 17 45.40 22.22 -2.57
CA LEU C 17 44.39 23.04 -1.93
C LEU C 17 43.54 22.24 -0.95
N MET C 18 42.94 21.14 -1.41
CA MET C 18 42.09 20.31 -0.56
C MET C 18 42.49 18.84 -0.60
N GLY C 19 43.68 18.53 -1.10
CA GLY C 19 44.13 17.16 -1.20
C GLY C 19 44.78 16.67 0.09
N ARG C 20 45.37 15.48 -0.02
CA ARG C 20 46.02 14.87 1.14
C ARG C 20 47.22 15.70 1.60
N THR C 21 48.01 16.21 0.65
CA THR C 21 49.18 17.01 0.99
C THR C 21 48.84 18.45 1.33
N SER C 22 47.57 18.85 1.21
CA SER C 22 47.20 20.22 1.52
C SER C 22 47.39 20.56 2.98
N GLY C 23 47.32 19.57 3.86
CA GLY C 23 47.42 19.80 5.29
C GLY C 23 46.13 20.26 5.95
N TYR C 24 45.03 20.34 5.20
CA TYR C 24 43.75 20.77 5.73
C TYR C 24 42.95 19.56 6.19
N ASP C 25 42.38 19.65 7.39
CA ASP C 25 41.59 18.57 7.97
C ASP C 25 40.12 18.93 7.90
N ALA C 26 39.31 18.01 7.37
CA ALA C 26 37.88 18.26 7.21
C ALA C 26 37.11 18.11 8.52
N ARG C 27 37.71 17.51 9.54
CA ARG C 27 37.04 17.30 10.81
C ARG C 27 37.12 18.52 11.72
N ILE C 28 37.83 19.56 11.33
CA ILE C 28 38.02 20.76 12.14
C ILE C 28 37.16 21.88 11.54
N ARG C 29 36.31 22.48 12.36
CA ARG C 29 35.46 23.55 11.90
C ARG C 29 36.29 24.78 11.56
N PRO C 30 35.88 25.56 10.55
CA PRO C 30 36.60 26.79 10.23
C PRO C 30 36.50 27.79 11.37
N ASN C 31 37.56 28.59 11.52
CA ASN C 31 37.66 29.58 12.60
C ASN C 31 37.47 28.92 13.97
N PHE C 32 38.25 27.86 14.20
CA PHE C 32 38.15 27.13 15.46
C PHE C 32 38.55 28.01 16.63
N LYS C 33 37.87 27.82 17.77
CA LYS C 33 38.09 28.62 18.97
C LYS C 33 37.88 30.11 18.69
N GLY C 34 36.88 30.41 17.86
CA GLY C 34 36.56 31.77 17.51
C GLY C 34 35.07 31.99 17.36
N PRO C 35 34.69 33.08 16.69
CA PRO C 35 33.27 33.34 16.49
C PRO C 35 32.64 32.30 15.59
N PRO C 36 31.35 32.02 15.76
CA PRO C 36 30.69 31.02 14.90
C PRO C 36 30.69 31.45 13.45
N VAL C 37 30.83 30.47 12.55
CA VAL C 37 30.87 30.74 11.13
C VAL C 37 29.45 30.95 10.63
N ASN C 38 29.21 32.08 9.96
CA ASN C 38 27.88 32.37 9.43
C ASN C 38 27.61 31.53 8.19
N VAL C 39 26.40 31.00 8.10
CA VAL C 39 25.97 30.17 6.98
C VAL C 39 24.68 30.75 6.42
N THR C 40 24.65 31.00 5.12
CA THR C 40 23.44 31.48 4.44
C THR C 40 22.93 30.36 3.54
N CYS C 41 21.66 30.01 3.71
CA CYS C 41 21.06 28.90 2.99
C CYS C 41 19.81 29.36 2.26
N ASN C 42 19.61 28.82 1.07
CA ASN C 42 18.42 29.10 0.27
C ASN C 42 18.04 27.83 -0.48
N ILE C 43 16.73 27.61 -0.61
CA ILE C 43 16.21 26.39 -1.22
C ILE C 43 15.49 26.77 -2.52
N PHE C 44 15.10 25.73 -3.27
CA PHE C 44 14.39 25.90 -4.53
C PHE C 44 13.40 24.75 -4.65
N ILE C 45 12.13 25.04 -4.39
CA ILE C 45 11.09 24.01 -4.42
C ILE C 45 10.94 23.51 -5.85
N ASN C 46 11.30 22.24 -6.09
CA ASN C 46 11.22 21.68 -7.42
C ASN C 46 9.88 21.03 -7.71
N SER C 47 9.20 20.50 -6.69
CA SER C 47 7.90 19.88 -6.88
C SER C 47 7.15 19.90 -5.56
N PHE C 48 5.97 19.29 -5.56
CA PHE C 48 5.06 19.28 -4.41
C PHE C 48 4.07 18.15 -4.62
N GLY C 49 3.03 18.13 -3.80
CA GLY C 49 1.94 17.19 -3.95
C GLY C 49 2.04 16.03 -2.98
N SER C 50 1.20 15.03 -3.22
CA SER C 50 1.09 13.83 -2.38
C SER C 50 0.82 14.20 -0.93
N ILE C 51 -0.03 15.22 -0.72
CA ILE C 51 -0.39 15.67 0.62
C ILE C 51 -1.48 14.74 1.13
N ALA C 52 -1.12 13.83 2.02
CA ALA C 52 -2.04 12.84 2.56
C ALA C 52 -2.31 13.18 4.02
N GLU C 53 -3.54 13.64 4.30
CA GLU C 53 -3.91 13.95 5.68
C GLU C 53 -4.02 12.70 6.54
N THR C 54 -4.20 11.53 5.92
CA THR C 54 -4.31 10.29 6.70
C THR C 54 -3.02 10.02 7.47
N THR C 55 -1.88 10.18 6.82
CA THR C 55 -0.58 9.98 7.47
C THR C 55 0.05 11.29 7.95
N MET C 56 -0.61 12.42 7.70
CA MET C 56 -0.14 13.73 8.18
C MET C 56 1.26 14.05 7.70
N ASP C 57 1.46 14.00 6.38
CA ASP C 57 2.75 14.34 5.80
C ASP C 57 2.57 14.81 4.36
N TYR C 58 3.59 15.48 3.84
CA TYR C 58 3.62 15.88 2.45
C TYR C 58 5.05 15.81 1.96
N ARG C 59 5.21 15.69 0.65
CA ARG C 59 6.50 15.43 0.01
C ARG C 59 7.01 16.67 -0.71
N VAL C 60 8.32 16.89 -0.61
CA VAL C 60 8.99 17.97 -1.33
C VAL C 60 10.22 17.39 -2.02
N ASN C 61 10.75 18.16 -2.97
CA ASN C 61 11.91 17.80 -3.78
C ASN C 61 12.90 18.95 -3.82
N ILE C 62 13.25 19.46 -2.64
CA ILE C 62 13.95 20.73 -2.50
C ILE C 62 15.32 20.70 -3.18
N PHE C 63 15.87 21.88 -3.42
CA PHE C 63 17.14 22.10 -4.11
C PHE C 63 18.08 22.89 -3.22
N LEU C 64 18.25 22.39 -1.99
CA LEU C 64 18.92 23.14 -0.93
C LEU C 64 20.33 23.56 -1.34
N ARG C 65 20.67 24.80 -1.03
CA ARG C 65 21.99 25.36 -1.27
C ARG C 65 22.51 26.03 -0.01
N GLN C 66 23.82 26.00 0.18
CA GLN C 66 24.46 26.56 1.36
C GLN C 66 25.68 27.38 0.94
N LYS C 67 25.87 28.51 1.60
CA LYS C 67 27.00 29.40 1.33
C LYS C 67 27.67 29.77 2.64
N TRP C 68 29.00 29.72 2.66
CA TRP C 68 29.78 30.11 3.82
C TRP C 68 31.19 30.44 3.36
N ASN C 69 32.03 30.89 4.30
CA ASN C 69 33.39 31.30 4.00
C ASN C 69 34.35 30.67 5.01
N ASP C 70 35.56 30.38 4.53
CA ASP C 70 36.60 29.83 5.38
C ASP C 70 37.97 30.17 4.80
N PRO C 71 38.83 30.84 5.57
CA PRO C 71 40.17 31.20 5.06
C PRO C 71 41.05 30.01 4.77
N ARG C 72 40.75 28.83 5.34
CA ARG C 72 41.60 27.67 5.13
C ARG C 72 41.57 27.19 3.68
N LEU C 73 40.42 27.28 3.01
CA LEU C 73 40.28 26.83 1.63
C LEU C 73 40.52 27.93 0.61
N ALA C 74 40.89 29.12 1.04
CA ALA C 74 41.14 30.22 0.12
C ALA C 74 42.39 29.94 -0.72
N TYR C 75 42.34 30.38 -1.98
CA TYR C 75 43.45 30.20 -2.90
C TYR C 75 43.68 31.49 -3.67
N SER C 76 44.91 31.65 -4.17
CA SER C 76 45.27 32.84 -4.93
C SER C 76 46.15 32.53 -6.13
N GLU C 77 46.16 31.29 -6.61
CA GLU C 77 47.00 30.90 -7.74
C GLU C 77 46.25 30.93 -9.06
N TYR C 78 45.09 30.30 -9.14
CA TYR C 78 44.33 30.25 -10.38
C TYR C 78 43.79 31.63 -10.71
N PRO C 79 43.99 32.13 -11.94
CA PRO C 79 43.41 33.43 -12.31
C PRO C 79 41.89 33.45 -12.23
N ASP C 80 41.23 32.34 -12.55
CA ASP C 80 39.78 32.28 -12.43
C ASP C 80 39.37 32.30 -10.96
N ASP C 81 38.34 33.08 -10.66
CA ASP C 81 37.88 33.26 -9.29
C ASP C 81 36.93 32.17 -8.82
N SER C 82 36.55 31.24 -9.69
CA SER C 82 35.62 30.18 -9.31
C SER C 82 35.95 28.92 -10.11
N LEU C 83 36.05 27.80 -9.41
CA LEU C 83 36.28 26.50 -10.03
C LEU C 83 35.22 25.51 -9.54
N ASP C 84 35.16 24.36 -10.21
CA ASP C 84 34.16 23.34 -9.93
C ASP C 84 34.84 22.04 -9.53
N LEU C 85 34.19 21.30 -8.62
CA LEU C 85 34.72 20.03 -8.14
C LEU C 85 33.69 18.92 -8.30
N ASP C 86 33.96 17.77 -7.71
CA ASP C 86 33.11 16.59 -7.79
C ASP C 86 32.80 16.09 -6.39
N PRO C 87 31.72 15.34 -6.22
CA PRO C 87 31.38 14.82 -4.88
C PRO C 87 32.46 13.96 -4.26
N SER C 88 33.23 13.24 -5.08
CA SER C 88 34.31 12.40 -4.57
C SER C 88 35.35 13.20 -3.80
N MET C 89 35.45 14.51 -4.06
CA MET C 89 36.25 15.40 -3.24
C MET C 89 35.41 16.31 -2.36
N LEU C 90 34.12 16.46 -2.67
CA LEU C 90 33.23 17.22 -1.80
C LEU C 90 33.10 16.55 -0.44
N ASP C 91 33.00 15.23 -0.42
CA ASP C 91 32.91 14.52 0.85
C ASP C 91 34.20 14.57 1.66
N SER C 92 35.30 15.02 1.06
CA SER C 92 36.59 15.09 1.74
C SER C 92 36.85 16.43 2.40
N ILE C 93 35.92 17.38 2.31
CA ILE C 93 36.07 18.69 2.94
C ILE C 93 34.97 18.86 3.97
N TRP C 94 35.17 19.84 4.85
CA TRP C 94 34.21 20.11 5.92
C TRP C 94 32.90 20.64 5.35
N LYS C 95 31.79 20.16 5.90
CA LYS C 95 30.46 20.63 5.56
C LYS C 95 29.69 20.91 6.84
N PRO C 96 28.81 21.92 6.83
CA PRO C 96 28.03 22.23 8.03
C PRO C 96 26.94 21.20 8.25
N ASP C 97 26.78 20.77 9.50
CA ASP C 97 25.72 19.84 9.84
C ASP C 97 24.36 20.51 9.67
N LEU C 98 23.43 19.78 9.06
CA LEU C 98 22.10 20.33 8.80
C LEU C 98 21.11 19.18 8.63
N PHE C 99 20.10 19.14 9.50
CA PHE C 99 19.02 18.18 9.41
C PHE C 99 17.70 18.92 9.52
N PHE C 100 16.61 18.22 9.23
CA PHE C 100 15.27 18.77 9.27
C PHE C 100 14.54 18.22 10.48
N ALA C 101 14.07 19.12 11.35
CA ALA C 101 13.45 18.71 12.61
C ALA C 101 12.17 17.92 12.36
N ASN C 102 11.34 18.36 11.44
CA ASN C 102 10.05 17.74 11.17
C ASN C 102 10.13 17.02 9.82
N GLU C 103 10.56 15.76 9.87
CA GLU C 103 10.60 14.92 8.67
C GLU C 103 10.49 13.46 9.11
N LYS C 104 9.93 12.64 8.23
CA LYS C 104 9.71 11.22 8.51
C LYS C 104 10.31 10.35 7.42
N GLY C 105 11.55 10.67 7.04
CA GLY C 105 12.24 9.89 6.04
C GLY C 105 12.64 10.70 4.81
N ALA C 106 13.94 10.96 4.68
CA ALA C 106 14.47 11.70 3.55
C ALA C 106 15.72 11.02 3.05
N ASN C 107 16.02 11.21 1.76
CA ASN C 107 17.16 10.54 1.14
C ASN C 107 17.67 11.39 0.00
N PHE C 108 18.90 11.09 -0.42
CA PHE C 108 19.53 11.78 -1.55
C PHE C 108 19.02 11.16 -2.86
N HIS C 109 19.62 11.55 -3.97
CA HIS C 109 19.32 10.99 -5.27
C HIS C 109 20.61 10.57 -5.96
N GLU C 110 20.55 9.45 -6.67
CA GLU C 110 21.72 8.89 -7.34
C GLU C 110 21.28 8.34 -8.70
N VAL C 111 21.56 9.11 -9.75
CA VAL C 111 21.23 8.70 -11.11
C VAL C 111 22.43 8.95 -12.00
N THR C 112 23.20 7.88 -12.27
CA THR C 112 24.41 7.87 -13.09
C THR C 112 25.55 8.60 -12.39
N THR C 113 25.25 9.26 -11.27
CA THR C 113 26.22 10.01 -10.48
C THR C 113 25.55 10.55 -9.22
N ASP C 114 26.32 11.21 -8.37
CA ASP C 114 25.72 11.91 -7.24
C ASP C 114 25.10 13.22 -7.72
N ASN C 115 24.25 13.80 -6.87
CA ASN C 115 23.55 15.03 -7.18
C ASN C 115 24.00 16.16 -6.26
N LYS C 116 25.31 16.26 -6.04
CA LYS C 116 25.90 17.29 -5.19
C LYS C 116 26.85 18.14 -6.02
N LEU C 117 26.73 19.46 -5.89
CA LEU C 117 27.57 20.41 -6.61
C LEU C 117 28.41 21.19 -5.60
N LEU C 118 29.70 21.29 -5.86
CA LEU C 118 30.62 22.02 -5.02
C LEU C 118 31.36 23.05 -5.87
N ARG C 119 31.23 24.32 -5.50
CA ARG C 119 31.93 25.41 -6.18
C ARG C 119 32.65 26.25 -5.14
N ILE C 120 33.93 26.52 -5.37
CA ILE C 120 34.78 27.24 -4.43
C ILE C 120 35.22 28.54 -5.09
N PHE C 121 35.04 29.65 -4.38
CA PHE C 121 35.43 30.95 -4.89
C PHE C 121 36.85 31.30 -4.44
N LYS C 122 37.46 32.26 -5.15
CA LYS C 122 38.84 32.62 -4.88
C LYS C 122 38.99 33.24 -3.49
N ASN C 123 38.04 34.08 -3.09
CA ASN C 123 38.12 34.74 -1.78
C ASN C 123 37.89 33.79 -0.62
N GLY C 124 37.44 32.55 -0.88
CA GLY C 124 37.19 31.58 0.16
C GLY C 124 35.73 31.21 0.33
N ASN C 125 34.81 31.91 -0.32
CA ASN C 125 33.41 31.54 -0.23
C ASN C 125 33.16 30.22 -0.92
N VAL C 126 32.31 29.39 -0.31
CA VAL C 126 32.03 28.05 -0.80
C VAL C 126 30.54 27.91 -1.05
N LEU C 127 30.16 27.42 -2.22
CA LEU C 127 28.78 27.13 -2.56
C LEU C 127 28.57 25.63 -2.55
N TYR C 128 27.40 25.19 -2.09
CA TYR C 128 27.14 23.77 -1.89
C TYR C 128 25.65 23.53 -2.15
N SER C 129 25.32 23.02 -3.32
CA SER C 129 23.95 22.70 -3.70
C SER C 129 23.82 21.20 -3.83
N ILE C 130 22.87 20.61 -3.10
CA ILE C 130 22.63 19.18 -3.09
C ILE C 130 21.14 18.93 -3.20
N ARG C 131 20.75 18.06 -4.14
CA ARG C 131 19.34 17.78 -4.35
C ARG C 131 18.84 16.78 -3.31
N LEU C 132 17.64 17.03 -2.79
CA LEU C 132 17.08 16.24 -1.71
C LEU C 132 15.62 15.91 -2.00
N THR C 133 15.16 14.83 -1.38
CA THR C 133 13.76 14.42 -1.42
C THR C 133 13.33 14.12 0.01
N LEU C 134 12.38 14.89 0.52
CA LEU C 134 12.00 14.86 1.92
C LEU C 134 10.54 14.43 2.08
N THR C 135 10.20 14.06 3.31
CA THR C 135 8.82 13.74 3.70
C THR C 135 8.55 14.48 5.00
N LEU C 136 8.08 15.73 4.89
CA LEU C 136 7.85 16.56 6.06
C LEU C 136 6.53 16.21 6.72
N SER C 137 6.41 16.58 8.00
CA SER C 137 5.20 16.34 8.77
C SER C 137 4.72 17.66 9.37
N CYS C 138 3.46 18.01 9.09
CA CYS C 138 2.85 19.21 9.63
C CYS C 138 1.48 18.86 10.20
N PRO C 139 1.21 19.20 11.46
CA PRO C 139 -0.14 18.99 12.00
C PRO C 139 -1.17 19.79 11.22
N MET C 140 -2.34 19.19 11.02
CA MET C 140 -3.41 19.80 10.23
C MET C 140 -4.67 19.88 11.09
N ASP C 141 -5.37 21.00 10.99
CA ASP C 141 -6.63 21.22 11.69
C ASP C 141 -7.78 21.21 10.68
N LEU C 142 -8.84 20.48 11.02
CA LEU C 142 -9.99 20.32 10.14
C LEU C 142 -11.26 20.80 10.81
N LYS C 143 -11.18 21.93 11.52
CA LYS C 143 -12.38 22.51 12.12
C LYS C 143 -13.38 22.91 11.05
N ASN C 144 -12.92 23.52 9.97
CA ASN C 144 -13.73 23.88 8.81
C ASN C 144 -13.06 23.24 7.60
N PHE C 145 -13.40 21.98 7.33
CA PHE C 145 -12.67 21.19 6.35
C PHE C 145 -12.73 21.75 4.93
N PRO C 146 -13.90 22.05 4.34
CA PRO C 146 -13.92 22.44 2.92
C PRO C 146 -13.30 23.81 2.64
N MET C 147 -13.26 24.71 3.61
CA MET C 147 -12.68 26.03 3.43
C MET C 147 -11.54 26.31 4.41
N ASP C 148 -10.74 25.29 4.71
CA ASP C 148 -9.64 25.46 5.64
C ASP C 148 -8.44 26.11 4.98
N VAL C 149 -7.52 26.59 5.81
CA VAL C 149 -6.24 27.13 5.37
C VAL C 149 -5.14 26.39 6.13
N GLN C 150 -4.22 25.79 5.40
CA GLN C 150 -3.17 24.97 5.99
C GLN C 150 -1.82 25.65 5.85
N THR C 151 -1.05 25.65 6.94
CA THR C 151 0.27 26.29 6.99
C THR C 151 1.30 25.22 7.38
N CYS C 152 1.81 24.50 6.39
CA CYS C 152 2.85 23.51 6.64
C CYS C 152 4.22 24.18 6.64
N ILE C 153 5.07 23.74 7.56
CA ILE C 153 6.33 24.41 7.84
C ILE C 153 7.51 23.53 7.45
N MET C 154 8.72 24.09 7.55
CA MET C 154 9.93 23.37 7.21
C MET C 154 11.04 23.93 8.08
N GLN C 155 11.48 23.17 9.07
CA GLN C 155 12.44 23.65 10.06
C GLN C 155 13.82 23.12 9.72
N LEU C 156 14.76 24.03 9.45
CA LEU C 156 16.15 23.70 9.19
C LEU C 156 16.99 24.10 10.40
N GLU C 157 17.77 23.17 10.92
CA GLU C 157 18.59 23.46 12.09
C GLU C 157 19.76 22.49 12.15
N SER C 158 20.79 22.89 12.89
CA SER C 158 21.95 22.05 13.11
C SER C 158 21.67 21.04 14.23
N PHE C 159 22.55 20.04 14.33
CA PHE C 159 22.40 19.00 15.33
C PHE C 159 23.69 18.80 16.12
N GLY C 160 24.82 19.02 15.48
CA GLY C 160 26.12 18.79 16.09
C GLY C 160 26.85 20.01 16.61
N TYR C 161 26.31 21.21 16.42
CA TYR C 161 26.98 22.42 16.85
C TYR C 161 25.98 23.34 17.53
N THR C 162 26.51 24.20 18.40
CA THR C 162 25.71 25.14 19.17
C THR C 162 25.72 26.51 18.49
N MET C 163 25.17 27.51 19.18
CA MET C 163 25.17 28.86 18.65
C MET C 163 26.59 29.42 18.55
N ASN C 164 27.49 28.95 19.41
CA ASN C 164 28.87 29.43 19.40
C ASN C 164 29.68 28.91 18.23
N ASP C 165 29.18 27.90 17.51
CA ASP C 165 29.92 27.29 16.41
C ASP C 165 29.25 27.50 15.06
N LEU C 166 27.94 27.29 14.98
CA LEU C 166 27.23 27.37 13.70
C LEU C 166 25.95 28.16 13.86
N ILE C 167 25.68 29.03 12.87
CA ILE C 167 24.46 29.82 12.82
C ILE C 167 23.91 29.76 11.40
N PHE C 168 22.61 30.01 11.27
CA PHE C 168 21.92 29.96 9.99
C PHE C 168 21.13 31.25 9.78
N GLU C 169 21.26 31.83 8.60
CA GLU C 169 20.50 33.01 8.21
C GLU C 169 19.99 32.83 6.78
N TRP C 170 18.76 33.28 6.53
CA TRP C 170 18.19 33.20 5.21
C TRP C 170 18.87 34.19 4.26
N GLN C 171 18.85 33.83 2.97
CA GLN C 171 19.36 34.75 1.95
C GLN C 171 18.45 35.96 1.84
N ASP C 172 19.06 37.14 1.63
CA ASP C 172 18.30 38.38 1.67
C ASP C 172 17.30 38.47 0.53
N GLU C 173 17.74 38.23 -0.69
CA GLU C 173 16.90 38.36 -1.88
C GLU C 173 16.57 36.98 -2.43
N ALA C 174 15.28 36.75 -2.70
CA ALA C 174 14.76 35.49 -3.24
C ALA C 174 15.28 34.29 -2.46
N PRO C 175 14.90 34.14 -1.19
CA PRO C 175 15.43 33.03 -0.39
C PRO C 175 14.80 31.69 -0.74
N VAL C 176 13.52 31.69 -1.11
CA VAL C 176 12.79 30.47 -1.43
C VAL C 176 12.12 30.69 -2.78
N GLN C 177 12.67 30.10 -3.83
CA GLN C 177 12.05 30.17 -5.15
C GLN C 177 11.13 28.97 -5.36
N VAL C 178 10.25 29.11 -6.34
CA VAL C 178 9.27 28.07 -6.68
C VAL C 178 9.39 27.78 -8.17
N ALA C 179 9.34 26.51 -8.53
CA ALA C 179 9.40 26.11 -9.93
C ALA C 179 8.24 26.73 -10.69
N GLU C 180 8.53 27.25 -11.88
CA GLU C 180 7.51 27.93 -12.67
C GLU C 180 6.39 26.96 -13.05
N GLY C 181 5.16 27.43 -12.89
CA GLY C 181 3.99 26.62 -13.20
C GLY C 181 3.79 25.44 -12.28
N LEU C 182 4.03 25.60 -10.98
CA LEU C 182 3.80 24.53 -10.03
C LEU C 182 2.31 24.21 -9.94
N THR C 183 1.98 22.93 -9.95
CA THR C 183 0.59 22.47 -9.96
C THR C 183 0.35 21.54 -8.78
N LEU C 184 -0.48 21.98 -7.84
CA LEU C 184 -0.89 21.14 -6.73
C LEU C 184 -2.20 20.43 -7.05
N PRO C 185 -2.39 19.19 -6.59
CA PRO C 185 -3.62 18.46 -6.92
C PRO C 185 -4.88 19.11 -6.40
N GLN C 186 -4.92 19.37 -5.09
CA GLN C 186 -6.10 19.98 -4.46
C GLN C 186 -5.86 21.43 -4.06
N PHE C 187 -4.79 21.70 -3.31
CA PHE C 187 -4.52 23.02 -2.79
C PHE C 187 -3.91 23.92 -3.86
N LEU C 188 -3.54 25.13 -3.45
CA LEU C 188 -2.75 26.03 -4.28
C LEU C 188 -1.72 26.71 -3.39
N LEU C 189 -0.50 26.85 -3.91
CA LEU C 189 0.60 27.40 -3.13
C LEU C 189 0.64 28.92 -3.35
N LYS C 190 0.33 29.67 -2.30
CA LYS C 190 0.33 31.12 -2.38
C LYS C 190 1.77 31.64 -2.54
N GLU C 191 1.90 32.72 -3.31
CA GLU C 191 3.22 33.29 -3.56
C GLU C 191 3.85 33.81 -2.28
N GLU C 192 3.05 34.45 -1.43
CA GLU C 192 3.57 34.98 -0.18
C GLU C 192 3.99 33.85 0.76
N LYS C 193 5.18 33.98 1.34
CA LYS C 193 5.72 32.99 2.26
C LYS C 193 6.28 33.68 3.49
N ASP C 194 6.29 32.97 4.61
CA ASP C 194 6.72 33.50 5.89
C ASP C 194 8.08 32.92 6.27
N LEU C 195 8.96 33.80 6.76
CA LEU C 195 10.29 33.41 7.24
C LEU C 195 10.52 34.02 8.61
N ARG C 196 11.12 33.24 9.51
CA ARG C 196 11.38 33.71 10.86
C ARG C 196 12.48 32.85 11.47
N TYR C 197 12.74 33.08 12.75
CA TYR C 197 13.74 32.33 13.52
C TYR C 197 13.02 31.43 14.53
N CYS C 198 13.64 30.28 14.82
CA CYS C 198 13.04 29.27 15.67
C CYS C 198 14.07 28.75 16.68
N THR C 199 14.87 29.65 17.24
CA THR C 199 15.97 29.27 18.12
C THR C 199 15.48 28.43 19.29
N LYS C 200 15.88 27.16 19.31
CA LYS C 200 15.42 26.22 20.32
C LYS C 200 16.42 26.12 21.47
N HIS C 201 15.94 25.61 22.60
CA HIS C 201 16.75 25.44 23.81
C HIS C 201 16.59 23.98 24.25
N TYR C 202 17.41 23.09 23.70
CA TYR C 202 17.36 21.69 24.06
C TYR C 202 18.05 21.46 25.40
N ASN C 203 17.95 20.22 25.90
CA ASN C 203 18.61 19.86 27.14
C ASN C 203 20.13 19.92 27.01
N THR C 204 20.65 19.55 25.84
CA THR C 204 22.10 19.56 25.64
C THR C 204 22.67 20.97 25.53
N GLY C 205 21.85 21.95 25.23
CA GLY C 205 22.32 23.32 25.12
C GLY C 205 21.43 24.12 24.18
N LYS C 206 22.04 25.10 23.53
CA LYS C 206 21.35 26.02 22.63
C LYS C 206 21.77 25.74 21.21
N PHE C 207 20.78 25.49 20.34
CA PHE C 207 21.02 25.17 18.94
C PHE C 207 20.33 26.19 18.04
N THR C 208 20.98 26.49 16.92
CA THR C 208 20.40 27.40 15.94
C THR C 208 19.24 26.72 15.21
N CYS C 209 18.44 27.52 14.52
CA CYS C 209 17.27 27.01 13.83
C CYS C 209 16.85 27.99 12.74
N ILE C 210 16.07 27.49 11.79
CA ILE C 210 15.59 28.27 10.66
C ILE C 210 14.26 27.68 10.20
N GLU C 211 13.27 28.55 9.97
CA GLU C 211 11.92 28.14 9.60
C GLU C 211 11.48 28.80 8.30
N VAL C 212 10.47 28.19 7.68
CA VAL C 212 9.82 28.75 6.50
C VAL C 212 8.42 28.16 6.44
N ARG C 213 7.44 29.02 6.18
CA ARG C 213 6.03 28.63 6.21
C ARG C 213 5.42 28.73 4.82
N PHE C 214 4.62 27.73 4.46
CA PHE C 214 3.90 27.71 3.19
C PHE C 214 2.41 27.83 3.48
N HIS C 215 1.77 28.82 2.87
CA HIS C 215 0.33 29.03 3.05
C HIS C 215 -0.43 28.31 1.96
N LEU C 216 -1.30 27.39 2.35
CA LEU C 216 -2.08 26.58 1.41
C LEU C 216 -3.56 26.88 1.60
N GLU C 217 -4.26 27.10 0.49
CA GLU C 217 -5.69 27.36 0.50
C GLU C 217 -6.39 26.25 -0.26
N ARG C 218 -7.11 25.40 0.46
CA ARG C 218 -7.81 24.28 -0.17
C ARG C 218 -8.94 24.77 -1.04
N GLN C 219 -9.07 24.17 -2.22
CA GLN C 219 -10.15 24.50 -3.15
C GLN C 219 -11.28 23.49 -3.00
N MET C 220 -12.51 24.00 -2.94
CA MET C 220 -13.68 23.20 -2.58
C MET C 220 -14.48 22.73 -3.79
N GLY C 221 -13.95 22.90 -5.01
CA GLY C 221 -14.72 22.54 -6.19
C GLY C 221 -15.08 21.07 -6.22
N TYR C 222 -14.09 20.20 -5.99
CA TYR C 222 -14.35 18.76 -5.96
C TYR C 222 -15.34 18.40 -4.86
N TYR C 223 -15.09 18.91 -3.65
CA TYR C 223 -15.98 18.61 -2.54
C TYR C 223 -17.39 19.13 -2.79
N LEU C 224 -17.50 20.34 -3.34
CA LEU C 224 -18.79 20.89 -3.71
C LEU C 224 -19.52 19.95 -4.66
N ILE C 225 -18.96 19.74 -5.85
CA ILE C 225 -19.62 18.95 -6.89
C ILE C 225 -19.88 17.53 -6.45
N GLN C 226 -19.10 17.01 -5.50
CA GLN C 226 -19.27 15.63 -5.07
C GLN C 226 -20.33 15.47 -3.99
N MET C 227 -20.41 16.40 -3.05
CA MET C 227 -21.26 16.19 -1.88
C MET C 227 -22.38 17.21 -1.72
N TYR C 228 -22.13 18.49 -2.02
CA TYR C 228 -23.13 19.50 -1.71
C TYR C 228 -24.34 19.40 -2.63
N ILE C 229 -24.11 19.21 -3.93
CA ILE C 229 -25.22 19.11 -4.88
C ILE C 229 -26.12 17.91 -4.60
N PRO C 230 -25.60 16.68 -4.42
CA PRO C 230 -26.52 15.55 -4.16
C PRO C 230 -27.38 15.73 -2.93
N SER C 231 -26.83 16.29 -1.85
CA SER C 231 -27.63 16.51 -0.64
C SER C 231 -28.75 17.52 -0.91
N LEU C 232 -28.45 18.58 -1.66
CA LEU C 232 -29.48 19.54 -2.02
C LEU C 232 -30.55 18.89 -2.88
N LEU C 233 -30.16 18.04 -3.82
CA LEU C 233 -31.16 17.35 -4.64
C LEU C 233 -32.02 16.42 -3.79
N ILE C 234 -31.42 15.78 -2.78
CA ILE C 234 -32.20 14.89 -1.92
C ILE C 234 -33.19 15.69 -1.07
N VAL C 235 -32.78 16.85 -0.55
CA VAL C 235 -33.73 17.64 0.23
C VAL C 235 -34.82 18.21 -0.67
N ILE C 236 -34.50 18.52 -1.93
CA ILE C 236 -35.56 18.92 -2.86
C ILE C 236 -36.49 17.75 -3.14
N LEU C 237 -35.97 16.54 -3.18
CA LEU C 237 -36.82 15.36 -3.32
C LEU C 237 -37.75 15.21 -2.12
N SER C 238 -37.25 15.50 -0.92
CA SER C 238 -38.11 15.48 0.26
C SER C 238 -39.21 16.54 0.15
N TRP C 239 -38.85 17.74 -0.32
CA TRP C 239 -39.84 18.77 -0.53
C TRP C 239 -40.88 18.35 -1.57
N VAL C 240 -40.45 17.60 -2.58
CA VAL C 240 -41.38 17.01 -3.53
C VAL C 240 -42.31 16.03 -2.82
N SER C 241 -41.76 15.22 -1.92
CA SER C 241 -42.58 14.33 -1.11
C SER C 241 -43.62 15.09 -0.31
N PHE C 242 -43.31 16.33 0.10
CA PHE C 242 -44.26 17.12 0.87
C PHE C 242 -45.56 17.37 0.11
N TRP C 243 -45.50 17.48 -1.21
CA TRP C 243 -46.65 17.85 -2.01
C TRP C 243 -47.48 16.66 -2.49
N ILE C 244 -47.12 15.45 -2.09
CA ILE C 244 -47.89 14.27 -2.49
C ILE C 244 -49.14 14.17 -1.62
N ASN C 245 -50.22 13.70 -2.22
CA ASN C 245 -51.50 13.59 -1.51
C ASN C 245 -51.41 12.55 -0.40
N MET C 246 -52.23 12.73 0.63
CA MET C 246 -52.21 11.84 1.78
C MET C 246 -52.64 10.42 1.42
N ASP C 247 -53.42 10.25 0.34
CA ASP C 247 -53.85 8.92 -0.06
C ASP C 247 -52.67 8.04 -0.43
N ALA C 248 -51.69 8.61 -1.14
CA ALA C 248 -50.50 7.87 -1.54
C ALA C 248 -49.50 7.77 -0.39
N ALA C 249 -49.94 7.12 0.69
CA ALA C 249 -49.06 6.92 1.84
C ALA C 249 -47.81 6.11 1.52
N PRO C 250 -47.88 4.97 0.81
CA PRO C 250 -46.63 4.26 0.48
C PRO C 250 -45.68 5.08 -0.36
N ALA C 251 -46.19 5.98 -1.20
CA ALA C 251 -45.32 6.84 -2.00
C ALA C 251 -44.45 7.72 -1.10
N ARG C 252 -45.09 8.43 -0.15
CA ARG C 252 -44.34 9.29 0.75
C ARG C 252 -43.42 8.48 1.66
N VAL C 253 -43.88 7.30 2.08
CA VAL C 253 -43.03 6.43 2.88
C VAL C 253 -41.76 6.07 2.11
N ALA C 254 -41.92 5.65 0.85
CA ALA C 254 -40.77 5.25 0.05
C ALA C 254 -39.82 6.43 -0.17
N LEU C 255 -40.38 7.61 -0.46
CA LEU C 255 -39.51 8.77 -0.68
C LEU C 255 -38.73 9.10 0.59
N GLY C 256 -39.40 9.13 1.73
CA GLY C 256 -38.71 9.44 2.98
C GLY C 256 -37.62 8.43 3.30
N ILE C 257 -37.93 7.13 3.16
CA ILE C 257 -36.95 6.11 3.51
C ILE C 257 -35.78 6.12 2.55
N THR C 258 -36.02 6.35 1.26
CA THR C 258 -34.92 6.40 0.30
C THR C 258 -34.04 7.62 0.54
N THR C 259 -34.65 8.75 0.90
CA THR C 259 -33.86 9.92 1.25
C THR C 259 -33.01 9.64 2.49
N VAL C 260 -33.59 8.94 3.49
CA VAL C 260 -32.82 8.56 4.66
C VAL C 260 -31.63 7.69 4.26
N LEU C 261 -31.87 6.70 3.40
CA LEU C 261 -30.81 5.79 2.99
C LEU C 261 -29.70 6.52 2.25
N THR C 262 -30.06 7.39 1.30
CA THR C 262 -29.02 8.07 0.53
C THR C 262 -28.25 9.05 1.40
N MET C 263 -28.93 9.73 2.34
CA MET C 263 -28.23 10.61 3.25
C MET C 263 -27.24 9.82 4.12
N THR C 264 -27.68 8.67 4.64
CA THR C 264 -26.80 7.87 5.48
C THR C 264 -25.58 7.39 4.71
N THR C 265 -25.79 6.87 3.49
CA THR C 265 -24.66 6.33 2.74
C THR C 265 -23.71 7.42 2.29
N GLN C 266 -24.25 8.58 1.86
CA GLN C 266 -23.37 9.68 1.46
C GLN C 266 -22.58 10.22 2.64
N SER C 267 -23.22 10.34 3.81
CA SER C 267 -22.49 10.80 5.00
C SER C 267 -21.40 9.80 5.38
N SER C 268 -21.71 8.51 5.33
CA SER C 268 -20.71 7.49 5.67
C SER C 268 -19.53 7.55 4.72
N GLY C 269 -19.80 7.64 3.41
CA GLY C 269 -18.71 7.73 2.45
C GLY C 269 -17.87 8.97 2.61
N SER C 270 -18.53 10.12 2.81
CA SER C 270 -17.80 11.38 2.97
C SER C 270 -16.94 11.36 4.23
N ARG C 271 -17.46 10.84 5.33
CA ARG C 271 -16.68 10.77 6.55
C ARG C 271 -15.54 9.75 6.45
N ALA C 272 -15.76 8.66 5.71
CA ALA C 272 -14.68 7.69 5.52
C ALA C 272 -13.58 8.24 4.62
N SER C 273 -13.93 9.07 3.65
CA SER C 273 -12.94 9.65 2.75
C SER C 273 -12.00 10.61 3.44
N LEU C 274 -12.31 11.05 4.66
CA LEU C 274 -11.52 12.00 5.40
C LEU C 274 -10.79 11.32 6.56
N PRO C 275 -9.68 11.90 7.03
CA PRO C 275 -8.94 11.26 8.14
C PRO C 275 -9.72 11.25 9.45
N LYS C 276 -9.14 10.62 10.47
CA LYS C 276 -9.83 10.40 11.74
C LYS C 276 -9.58 11.62 12.64
N VAL C 277 -10.62 12.44 12.78
CA VAL C 277 -10.55 13.66 13.58
C VAL C 277 -11.58 13.57 14.69
N SER C 278 -11.14 13.85 15.93
CA SER C 278 -12.02 13.72 17.09
C SER C 278 -13.12 14.76 17.08
N TYR C 279 -12.79 16.02 16.77
CA TYR C 279 -13.77 17.09 16.83
C TYR C 279 -14.63 17.08 15.58
N VAL C 280 -15.52 18.07 15.47
CA VAL C 280 -16.54 18.09 14.43
C VAL C 280 -16.06 18.87 13.23
N LYS C 281 -16.26 18.32 12.04
CA LYS C 281 -15.91 18.96 10.79
C LYS C 281 -17.16 19.58 10.16
N ALA C 282 -16.94 20.50 9.22
CA ALA C 282 -18.05 21.18 8.56
C ALA C 282 -18.91 20.21 7.75
N ILE C 283 -18.27 19.27 7.06
CA ILE C 283 -19.02 18.28 6.28
C ILE C 283 -19.86 17.41 7.21
N ASP C 284 -19.33 17.11 8.40
CA ASP C 284 -20.09 16.33 9.37
C ASP C 284 -21.36 17.05 9.77
N ILE C 285 -21.27 18.35 10.08
CA ILE C 285 -22.45 19.09 10.50
C ILE C 285 -23.42 19.25 9.33
N TRP C 286 -22.90 19.41 8.11
CA TRP C 286 -23.78 19.52 6.95
C TRP C 286 -24.58 18.24 6.75
N MET C 287 -23.89 17.09 6.78
CA MET C 287 -24.59 15.81 6.64
C MET C 287 -25.57 15.58 7.78
N ALA C 288 -25.18 15.96 9.00
CA ALA C 288 -26.08 15.78 10.14
C ALA C 288 -27.35 16.61 9.99
N VAL C 289 -27.21 17.86 9.57
CA VAL C 289 -28.39 18.70 9.42
C VAL C 289 -29.26 18.23 8.26
N CYS C 290 -28.65 17.78 7.17
CA CYS C 290 -29.44 17.24 6.05
C CYS C 290 -30.22 16.01 6.48
N LEU C 291 -29.56 15.08 7.19
CA LEU C 291 -30.24 13.89 7.67
C LEU C 291 -31.34 14.24 8.66
N LEU C 292 -31.09 15.25 9.51
CA LEU C 292 -32.09 15.68 10.47
C LEU C 292 -33.31 16.27 9.76
N PHE C 293 -33.09 17.05 8.69
CA PHE C 293 -34.20 17.59 7.93
C PHE C 293 -35.01 16.47 7.26
N VAL C 294 -34.32 15.47 6.71
CA VAL C 294 -35.03 14.35 6.10
C VAL C 294 -35.86 13.60 7.16
N PHE C 295 -35.25 13.38 8.32
CA PHE C 295 -35.95 12.69 9.42
C PHE C 295 -37.14 13.50 9.89
N SER C 296 -37.00 14.82 9.97
CA SER C 296 -38.12 15.67 10.39
C SER C 296 -39.23 15.65 9.36
N ALA C 297 -38.89 15.61 8.07
CA ALA C 297 -39.91 15.49 7.04
C ALA C 297 -40.67 14.17 7.19
N LEU C 298 -39.96 13.07 7.41
CA LEU C 298 -40.62 11.79 7.61
C LEU C 298 -41.49 11.80 8.85
N LEU C 299 -41.00 12.43 9.93
CA LEU C 299 -41.77 12.50 11.17
C LEU C 299 -43.04 13.32 10.99
N GLU C 300 -42.95 14.44 10.27
CA GLU C 300 -44.14 15.26 10.04
C GLU C 300 -45.14 14.52 9.14
N TYR C 301 -44.64 13.74 8.18
CA TYR C 301 -45.54 12.91 7.39
C TYR C 301 -46.25 11.88 8.25
N ALA C 302 -45.52 11.25 9.18
CA ALA C 302 -46.13 10.31 10.10
C ALA C 302 -47.17 10.99 10.99
N ALA C 303 -46.88 12.22 11.43
CA ALA C 303 -47.84 12.97 12.23
C ALA C 303 -49.09 13.29 11.43
N VAL C 304 -48.92 13.62 10.14
CA VAL C 304 -50.07 13.84 9.28
C VAL C 304 -50.91 12.57 9.15
N ASN C 305 -50.25 11.43 9.00
CA ASN C 305 -50.97 10.16 8.95
C ASN C 305 -51.73 9.92 10.25
N PHE C 306 -51.09 10.20 11.39
CA PHE C 306 -51.73 9.96 12.68
C PHE C 306 -52.95 10.86 12.88
N VAL C 307 -52.82 12.15 12.55
CA VAL C 307 -53.95 13.06 12.74
C VAL C 307 -55.06 12.75 11.75
N SER C 308 -54.71 12.33 10.53
CA SER C 308 -55.73 11.93 9.56
C SER C 308 -56.46 10.67 10.03
N ARG C 309 -55.72 9.70 10.57
CA ARG C 309 -56.32 8.47 11.08
C ARG C 309 -56.99 8.66 12.43
N GLN C 310 -56.76 9.80 13.10
CA GLN C 310 -57.41 10.06 14.37
C GLN C 310 -58.92 10.24 14.23
N HIS C 311 -59.37 10.57 13.01
CA HIS C 311 -60.81 10.81 12.77
C HIS C 311 -61.56 9.48 12.92
N LYS C 312 -60.96 8.39 12.43
CA LYS C 312 -61.62 7.07 12.47
C LYS C 312 -61.27 6.36 13.78
N LYS C 377 -63.69 14.73 11.76
CA LYS C 377 -64.30 16.01 12.08
C LYS C 377 -63.22 17.04 11.77
N VAL C 378 -63.34 17.67 10.61
CA VAL C 378 -62.46 18.73 10.10
C VAL C 378 -60.99 18.32 10.21
N PHE C 379 -60.73 17.02 10.32
CA PHE C 379 -59.36 16.53 10.41
C PHE C 379 -58.67 16.59 9.06
N ILE C 380 -59.43 16.43 7.96
CA ILE C 380 -58.84 16.60 6.63
C ILE C 380 -58.36 18.03 6.44
N ASP C 381 -59.16 19.01 6.86
CA ASP C 381 -58.76 20.40 6.76
C ASP C 381 -57.52 20.69 7.60
N ARG C 382 -57.47 20.17 8.82
CA ARG C 382 -56.31 20.37 9.68
C ARG C 382 -55.07 19.73 9.08
N ALA C 383 -55.21 18.51 8.54
CA ALA C 383 -54.06 17.84 7.92
C ALA C 383 -53.57 18.61 6.70
N LYS C 384 -54.49 19.11 5.87
CA LYS C 384 -54.07 19.89 4.72
C LYS C 384 -53.39 21.19 5.15
N LYS C 385 -53.92 21.83 6.20
CA LYS C 385 -53.31 23.06 6.69
C LYS C 385 -51.90 22.82 7.22
N ILE C 386 -51.72 21.76 8.01
CA ILE C 386 -50.39 21.50 8.55
C ILE C 386 -49.43 21.07 7.44
N ASP C 387 -49.93 20.35 6.43
CA ASP C 387 -49.07 19.99 5.30
C ASP C 387 -48.62 21.23 4.53
N THR C 388 -49.54 22.17 4.29
CA THR C 388 -49.16 23.41 3.62
C THR C 388 -48.20 24.23 4.47
N ILE C 389 -48.43 24.25 5.78
CA ILE C 389 -47.53 24.98 6.68
C ILE C 389 -46.13 24.40 6.63
N SER C 390 -46.03 23.07 6.64
CA SER C 390 -44.72 22.43 6.54
C SER C 390 -44.07 22.72 5.19
N ARG C 391 -44.83 22.62 4.10
CA ARG C 391 -44.29 22.85 2.77
C ARG C 391 -43.90 24.31 2.55
N ALA C 392 -44.44 25.24 3.35
CA ALA C 392 -44.05 26.63 3.25
C ALA C 392 -42.99 27.03 4.26
N CYS C 393 -42.80 26.24 5.32
CA CYS C 393 -41.84 26.57 6.37
C CYS C 393 -40.50 25.86 6.19
N PHE C 394 -40.52 24.56 5.91
CA PHE C 394 -39.26 23.83 5.76
C PHE C 394 -38.35 24.39 4.66
N PRO C 395 -38.85 24.78 3.47
CA PRO C 395 -37.96 25.46 2.53
C PRO C 395 -37.34 26.74 3.08
N LEU C 396 -38.12 27.53 3.82
CA LEU C 396 -37.57 28.75 4.42
C LEU C 396 -36.50 28.42 5.46
N ALA C 397 -36.77 27.42 6.30
CA ALA C 397 -35.79 27.02 7.31
C ALA C 397 -34.51 26.51 6.65
N PHE C 398 -34.64 25.70 5.61
CA PHE C 398 -33.46 25.21 4.90
C PHE C 398 -32.69 26.36 4.26
N LEU C 399 -33.40 27.32 3.67
CA LEU C 399 -32.72 28.45 3.03
C LEU C 399 -31.97 29.29 4.06
N ILE C 400 -32.60 29.59 5.18
CA ILE C 400 -31.94 30.42 6.19
C ILE C 400 -30.76 29.67 6.81
N PHE C 401 -30.92 28.35 7.04
CA PHE C 401 -29.80 27.58 7.56
C PHE C 401 -28.64 27.56 6.57
N ASN C 402 -28.94 27.38 5.28
CA ASN C 402 -27.88 27.31 4.29
C ASN C 402 -27.13 28.63 4.18
N ILE C 403 -27.87 29.74 4.12
CA ILE C 403 -27.19 31.03 4.00
C ILE C 403 -26.41 31.35 5.27
N PHE C 404 -26.96 31.04 6.45
CA PHE C 404 -26.25 31.30 7.70
C PHE C 404 -24.99 30.46 7.78
N TYR C 405 -25.07 29.18 7.43
CA TYR C 405 -23.92 28.29 7.49
C TYR C 405 -22.83 28.74 6.52
N TRP C 406 -23.21 29.06 5.28
CA TRP C 406 -22.22 29.48 4.31
C TRP C 406 -21.57 30.80 4.69
N VAL C 407 -22.35 31.76 5.19
CA VAL C 407 -21.77 33.03 5.62
C VAL C 407 -20.83 32.81 6.79
N ILE C 408 -21.23 32.00 7.77
CA ILE C 408 -20.40 31.76 8.94
C ILE C 408 -19.07 31.13 8.54
N TYR C 409 -19.13 30.07 7.75
CA TYR C 409 -17.89 29.38 7.37
C TYR C 409 -17.16 30.06 6.21
N LYS C 410 -17.69 31.14 5.67
CA LYS C 410 -16.98 31.92 4.67
C LYS C 410 -16.26 33.13 5.25
N ILE C 411 -16.87 33.85 6.18
CA ILE C 411 -16.27 35.06 6.75
C ILE C 411 -15.87 34.87 8.21
N LEU C 412 -16.71 34.21 9.02
CA LEU C 412 -16.40 34.06 10.43
C LEU C 412 -15.24 33.09 10.67
N ARG C 413 -14.90 32.27 9.70
CA ARG C 413 -13.80 31.32 9.84
C ARG C 413 -13.22 30.92 8.49
N SER D 9 45.50 22.26 18.58
CA SER D 9 45.63 21.17 17.63
C SER D 9 44.66 20.04 17.96
N PRO D 10 43.40 20.20 17.53
CA PRO D 10 42.40 19.15 17.80
C PRO D 10 42.73 17.81 17.19
N SER D 11 43.37 17.79 16.01
CA SER D 11 43.70 16.53 15.37
C SER D 11 44.67 15.72 16.21
N ASP D 12 45.72 16.37 16.73
CA ASP D 12 46.67 15.68 17.59
C ASP D 12 46.01 15.24 18.89
N PHE D 13 45.07 16.04 19.40
CA PHE D 13 44.35 15.67 20.60
C PHE D 13 43.54 14.39 20.37
N LEU D 14 42.85 14.31 19.23
CA LEU D 14 42.09 13.11 18.91
C LEU D 14 43.01 11.91 18.70
N ASP D 15 44.15 12.13 18.06
CA ASP D 15 45.11 11.05 17.85
C ASP D 15 45.65 10.52 19.18
N LYS D 16 45.86 11.41 20.15
CA LYS D 16 46.34 10.99 21.46
C LYS D 16 45.23 10.34 22.29
N LEU D 17 43.97 10.74 22.07
CA LEU D 17 42.88 10.19 22.87
C LEU D 17 42.40 8.85 22.33
N MET D 18 41.89 8.84 21.08
CA MET D 18 41.33 7.62 20.50
C MET D 18 41.97 7.30 19.15
N GLY D 19 43.11 7.90 18.83
CA GLY D 19 43.75 7.67 17.55
C GLY D 19 44.51 6.35 17.52
N ARG D 20 45.19 6.13 16.40
CA ARG D 20 45.97 4.92 16.22
C ARG D 20 47.11 4.83 17.23
N THR D 21 47.81 5.94 17.46
CA THR D 21 48.90 5.95 18.42
C THR D 21 48.40 5.99 19.87
N SER D 22 47.11 6.21 20.09
CA SER D 22 46.59 6.27 21.45
C SER D 22 46.59 4.91 22.13
N GLY D 23 46.61 3.82 21.36
CA GLY D 23 46.49 2.49 21.94
C GLY D 23 45.15 2.23 22.59
N TYR D 24 44.09 2.80 22.04
CA TYR D 24 42.74 2.66 22.57
C TYR D 24 41.96 1.72 21.66
N ASP D 25 41.88 0.45 22.04
CA ASP D 25 41.17 -0.55 21.25
C ASP D 25 39.68 -0.43 21.55
N ALA D 26 38.90 -0.08 20.51
CA ALA D 26 37.47 0.09 20.69
C ALA D 26 36.75 -1.20 21.04
N ARG D 27 37.35 -2.36 20.74
CA ARG D 27 36.72 -3.64 21.05
C ARG D 27 36.72 -3.93 22.55
N ILE D 28 37.48 -3.18 23.33
CA ILE D 28 37.59 -3.41 24.77
C ILE D 28 36.64 -2.46 25.48
N ARG D 29 35.72 -3.02 26.28
CA ARG D 29 34.81 -2.19 27.05
C ARG D 29 35.57 -1.48 28.17
N PRO D 30 35.08 -0.32 28.61
CA PRO D 30 35.72 0.35 29.75
C PRO D 30 35.62 -0.50 31.01
N ASN D 31 36.66 -0.38 31.85
CA ASN D 31 36.75 -1.15 33.09
C ASN D 31 36.68 -2.65 32.82
N PHE D 32 37.54 -3.12 31.91
CA PHE D 32 37.54 -4.52 31.53
C PHE D 32 38.00 -5.39 32.71
N LYS D 33 37.38 -6.56 32.83
CA LYS D 33 37.62 -7.47 33.96
C LYS D 33 37.42 -6.74 35.30
N GLY D 34 36.35 -5.96 35.38
CA GLY D 34 36.02 -5.24 36.59
C GLY D 34 34.53 -5.04 36.75
N PRO D 35 34.13 -4.02 37.50
CA PRO D 35 32.70 -3.75 37.68
C PRO D 35 32.06 -3.33 36.37
N PRO D 36 30.78 -3.64 36.18
CA PRO D 36 30.12 -3.26 34.93
C PRO D 36 30.02 -1.75 34.78
N VAL D 37 30.10 -1.30 33.53
CA VAL D 37 30.05 0.12 33.22
C VAL D 37 28.59 0.58 33.25
N ASN D 38 28.32 1.67 33.95
CA ASN D 38 26.98 2.22 34.05
C ASN D 38 26.69 3.19 32.92
N VAL D 39 25.48 3.13 32.39
CA VAL D 39 25.04 4.02 31.33
C VAL D 39 23.69 4.61 31.71
N THR D 40 23.59 5.94 31.69
CA THR D 40 22.34 6.64 31.95
C THR D 40 21.84 7.23 30.64
N CYS D 41 20.64 6.84 30.24
CA CYS D 41 20.07 7.23 28.96
C CYS D 41 18.71 7.89 29.15
N ASN D 42 18.46 8.93 28.36
CA ASN D 42 17.18 9.61 28.34
C ASN D 42 16.75 9.83 26.90
N ILE D 43 15.45 9.90 26.68
CA ILE D 43 14.89 10.04 25.34
C ILE D 43 14.18 11.39 25.24
N PHE D 44 13.99 11.83 23.99
CA PHE D 44 13.30 13.09 23.72
C PHE D 44 12.34 12.82 22.57
N ILE D 45 11.05 12.63 22.89
CA ILE D 45 10.06 12.35 21.87
C ILE D 45 9.87 13.58 21.00
N ASN D 46 9.95 13.39 19.69
CA ASN D 46 9.79 14.48 18.74
C ASN D 46 8.51 14.39 17.91
N SER D 47 7.96 13.20 17.74
CA SER D 47 6.72 13.03 17.00
C SER D 47 6.03 11.76 17.48
N PHE D 48 4.80 11.56 17.01
CA PHE D 48 3.99 10.42 17.41
C PHE D 48 2.94 10.20 16.33
N GLY D 49 1.96 9.35 16.62
CA GLY D 49 0.87 9.11 15.70
C GLY D 49 1.11 7.93 14.77
N SER D 50 0.25 7.85 13.75
CA SER D 50 0.25 6.77 12.77
C SER D 50 0.10 5.40 13.45
N ILE D 51 -0.74 5.35 14.48
CA ILE D 51 -1.02 4.10 15.17
C ILE D 51 -1.95 3.25 14.32
N ALA D 52 -1.40 2.22 13.69
CA ALA D 52 -2.17 1.34 12.81
C ALA D 52 -2.70 0.17 13.64
N GLU D 53 -4.02 0.13 13.82
CA GLU D 53 -4.63 -0.97 14.57
C GLU D 53 -4.48 -2.30 13.84
N THR D 54 -4.56 -2.28 12.50
CA THR D 54 -4.43 -3.51 11.73
C THR D 54 -3.04 -4.13 11.89
N THR D 55 -2.00 -3.30 11.83
CA THR D 55 -0.63 -3.80 11.91
C THR D 55 -0.11 -3.90 13.34
N MET D 56 -0.82 -3.34 14.31
CA MET D 56 -0.51 -3.48 15.73
C MET D 56 0.87 -2.91 16.06
N ASP D 57 1.06 -1.64 15.73
CA ASP D 57 2.32 -0.94 15.99
C ASP D 57 2.10 0.56 15.87
N TYR D 58 3.15 1.32 16.16
CA TYR D 58 3.13 2.78 16.05
C TYR D 58 4.53 3.26 15.71
N ARG D 59 4.69 4.57 15.57
CA ARG D 59 5.93 5.16 15.10
C ARG D 59 6.35 6.30 16.02
N VAL D 60 7.67 6.44 16.24
CA VAL D 60 8.23 7.52 17.03
C VAL D 60 9.48 8.04 16.33
N ASN D 61 9.95 9.20 16.80
CA ASN D 61 11.13 9.88 16.26
C ASN D 61 12.04 10.32 17.40
N ILE D 62 12.37 9.39 18.30
CA ILE D 62 13.05 9.74 19.54
C ILE D 62 14.43 10.35 19.27
N PHE D 63 14.95 11.03 20.29
CA PHE D 63 16.28 11.65 20.25
C PHE D 63 17.17 11.00 21.30
N LEU D 64 17.26 9.67 21.27
CA LEU D 64 17.98 8.88 22.27
C LEU D 64 19.37 9.44 22.55
N ARG D 65 19.59 9.78 23.82
CA ARG D 65 20.90 10.25 24.30
C ARG D 65 21.42 9.26 25.32
N GLN D 66 22.72 8.96 25.24
CA GLN D 66 23.36 8.01 26.14
C GLN D 66 24.53 8.69 26.84
N LYS D 67 24.64 8.45 28.15
CA LYS D 67 25.68 9.05 28.97
C LYS D 67 26.39 7.94 29.74
N TRP D 68 27.73 7.97 29.72
CA TRP D 68 28.53 7.00 30.46
C TRP D 68 29.91 7.61 30.69
N ASN D 69 30.76 6.87 31.38
CA ASN D 69 32.10 7.34 31.73
C ASN D 69 33.13 6.25 31.42
N ASP D 70 34.32 6.69 31.04
CA ASP D 70 35.42 5.78 30.76
C ASP D 70 36.75 6.48 31.02
N PRO D 71 37.59 5.96 31.93
CA PRO D 71 38.85 6.63 32.25
C PRO D 71 39.84 6.66 31.09
N ARG D 72 39.68 5.79 30.09
CA ARG D 72 40.62 5.76 28.97
C ARG D 72 40.56 7.02 28.13
N LEU D 73 39.49 7.80 28.23
CA LEU D 73 39.34 9.04 27.47
C LEU D 73 39.60 10.29 28.30
N ALA D 74 40.15 10.14 29.50
CA ALA D 74 40.45 11.30 30.34
C ALA D 74 41.55 12.14 29.71
N TYR D 75 41.37 13.46 29.75
CA TYR D 75 42.31 14.38 29.12
C TYR D 75 42.45 15.63 29.97
N SER D 76 43.59 16.31 29.82
CA SER D 76 43.81 17.58 30.50
C SER D 76 44.59 18.56 29.63
N GLU D 77 44.88 18.23 28.36
CA GLU D 77 45.70 19.11 27.54
C GLU D 77 44.99 20.43 27.24
N TYR D 78 43.74 20.35 26.77
CA TYR D 78 43.01 21.58 26.47
C TYR D 78 42.48 22.21 27.76
N PRO D 79 42.57 23.54 27.89
CA PRO D 79 41.92 24.21 29.03
C PRO D 79 40.42 24.00 29.06
N ASP D 80 39.77 23.91 27.91
CA ASP D 80 38.34 23.64 27.86
C ASP D 80 38.05 22.23 28.34
N ASP D 81 36.90 22.08 29.01
CA ASP D 81 36.54 20.79 29.60
C ASP D 81 35.64 19.95 28.70
N SER D 82 34.96 20.56 27.73
CA SER D 82 34.03 19.84 26.86
C SER D 82 34.33 20.22 25.41
N LEU D 83 34.79 19.26 24.62
CA LEU D 83 35.03 19.45 23.20
C LEU D 83 33.92 18.76 22.40
N ASP D 84 34.06 18.78 21.07
CA ASP D 84 33.08 18.18 20.18
C ASP D 84 33.77 17.25 19.20
N LEU D 85 32.97 16.41 18.55
CA LEU D 85 33.50 15.39 17.65
C LEU D 85 32.58 15.27 16.43
N ASP D 86 32.88 14.28 15.59
CA ASP D 86 32.11 13.96 14.40
C ASP D 86 31.99 12.45 14.31
N PRO D 87 30.99 11.94 13.57
CA PRO D 87 30.80 10.49 13.50
C PRO D 87 32.00 9.73 12.96
N SER D 88 32.84 10.36 12.14
CA SER D 88 34.01 9.67 11.61
C SER D 88 34.95 9.23 12.73
N MET D 89 35.19 10.12 13.69
CA MET D 89 35.95 9.74 14.89
C MET D 89 35.12 8.96 15.89
N LEU D 90 33.78 9.06 15.82
CA LEU D 90 32.93 8.22 16.67
C LEU D 90 33.11 6.74 16.31
N ASP D 91 33.23 6.43 15.03
CA ASP D 91 33.39 5.04 14.60
C ASP D 91 34.65 4.40 15.18
N SER D 92 35.62 5.21 15.62
CA SER D 92 36.88 4.70 16.14
C SER D 92 36.89 4.55 17.66
N ILE D 93 35.77 4.81 18.34
CA ILE D 93 35.70 4.71 19.78
C ILE D 93 34.67 3.66 20.16
N TRP D 94 34.75 3.20 21.40
CA TRP D 94 33.81 2.20 21.90
C TRP D 94 32.42 2.80 22.02
N LYS D 95 31.42 2.01 21.66
CA LYS D 95 30.03 2.43 21.69
C LYS D 95 29.22 1.39 22.47
N PRO D 96 28.50 1.80 23.50
CA PRO D 96 27.70 0.83 24.27
C PRO D 96 26.58 0.27 23.42
N ASP D 97 26.49 -1.06 23.38
CA ASP D 97 25.45 -1.72 22.58
C ASP D 97 24.07 -1.44 23.16
N LEU D 98 23.10 -1.19 22.27
CA LEU D 98 21.73 -0.93 22.68
C LEU D 98 20.81 -1.25 21.51
N PHE D 99 19.64 -1.80 21.84
CA PHE D 99 18.61 -2.06 20.84
C PHE D 99 17.27 -2.14 21.54
N PHE D 100 16.20 -2.05 20.76
CA PHE D 100 14.84 -2.05 21.28
C PHE D 100 14.23 -3.42 21.05
N ALA D 101 13.74 -4.05 22.12
CA ALA D 101 13.19 -5.39 22.01
C ALA D 101 11.92 -5.41 21.16
N ASN D 102 10.94 -4.59 21.54
CA ASN D 102 9.65 -4.58 20.85
C ASN D 102 9.68 -3.57 19.70
N GLU D 103 10.49 -3.90 18.69
CA GLU D 103 10.61 -3.08 17.50
C GLU D 103 10.50 -3.96 16.26
N LYS D 104 10.05 -3.37 15.16
CA LYS D 104 9.84 -4.09 13.91
C LYS D 104 10.42 -3.30 12.74
N GLY D 105 11.67 -2.86 12.88
CA GLY D 105 12.34 -2.17 11.79
C GLY D 105 12.60 -0.70 12.09
N ALA D 106 13.84 -0.37 12.44
CA ALA D 106 14.25 1.01 12.69
C ALA D 106 15.44 1.35 11.81
N ASN D 107 15.70 2.65 11.68
CA ASN D 107 16.77 3.10 10.81
C ASN D 107 17.25 4.47 11.28
N PHE D 108 18.46 4.83 10.86
CA PHE D 108 19.03 6.13 11.16
C PHE D 108 18.47 7.18 10.20
N HIS D 109 18.97 8.41 10.29
CA HIS D 109 18.60 9.48 9.38
C HIS D 109 19.86 10.00 8.72
N GLU D 110 19.88 10.02 7.40
CA GLU D 110 21.03 10.47 6.60
C GLU D 110 20.55 11.59 5.69
N VAL D 111 20.56 12.82 6.21
CA VAL D 111 20.10 13.99 5.47
C VAL D 111 21.23 15.01 5.49
N THR D 112 22.01 15.07 4.40
CA THR D 112 23.09 16.01 4.16
C THR D 112 24.30 15.73 5.06
N THR D 113 24.15 14.83 6.02
CA THR D 113 25.21 14.45 6.94
C THR D 113 24.65 13.37 7.86
N ASP D 114 25.55 12.81 8.68
CA ASP D 114 25.10 11.91 9.74
C ASP D 114 24.41 12.72 10.84
N ASN D 115 23.57 12.03 11.62
CA ASN D 115 22.79 12.64 12.67
C ASN D 115 23.22 12.14 14.05
N LYS D 116 24.53 12.03 14.26
CA LYS D 116 25.11 11.55 15.51
C LYS D 116 26.02 12.62 16.09
N LEU D 117 25.86 12.88 17.38
CA LEU D 117 26.62 13.91 18.08
C LEU D 117 27.44 13.28 19.20
N LEU D 118 28.71 13.69 19.28
CA LEU D 118 29.63 13.20 20.30
C LEU D 118 30.18 14.35 21.10
N ARG D 119 30.30 14.16 22.42
CA ARG D 119 30.84 15.17 23.31
C ARG D 119 31.58 14.46 24.44
N ILE D 120 32.82 14.85 24.67
CA ILE D 120 33.67 14.24 25.70
C ILE D 120 34.01 15.30 26.73
N PHE D 121 33.74 14.99 27.99
CA PHE D 121 34.03 15.92 29.09
C PHE D 121 35.40 15.63 29.68
N LYS D 122 35.94 16.63 30.39
CA LYS D 122 37.28 16.53 30.94
C LYS D 122 37.37 15.41 31.97
N ASN D 123 36.34 15.26 32.80
CA ASN D 123 36.33 14.21 33.82
C ASN D 123 36.24 12.81 33.23
N GLY D 124 35.93 12.68 31.93
CA GLY D 124 35.81 11.40 31.27
C GLY D 124 34.42 11.04 30.84
N ASN D 125 33.40 11.81 31.25
CA ASN D 125 32.04 11.53 30.82
C ASN D 125 31.88 11.79 29.34
N VAL D 126 31.13 10.92 28.66
CA VAL D 126 30.92 11.01 27.22
C VAL D 126 29.41 11.03 26.97
N LEU D 127 28.96 11.98 26.15
CA LEU D 127 27.57 12.09 25.75
C LEU D 127 27.44 11.64 24.31
N TYR D 128 26.44 10.80 24.04
CA TYR D 128 26.23 10.21 22.72
C TYR D 128 24.75 10.31 22.38
N SER D 129 24.39 11.34 21.61
CA SER D 129 23.02 11.56 21.18
C SER D 129 22.91 11.24 19.70
N ILE D 130 21.94 10.40 19.35
CA ILE D 130 21.75 9.96 17.96
C ILE D 130 20.27 9.97 17.64
N ARG D 131 19.91 10.58 16.51
CA ARG D 131 18.52 10.65 16.08
C ARG D 131 18.09 9.30 15.50
N LEU D 132 16.91 8.83 15.90
CA LEU D 132 16.38 7.54 15.48
C LEU D 132 14.97 7.70 14.96
N THR D 133 14.47 6.63 14.35
CA THR D 133 13.09 6.57 13.85
C THR D 133 12.62 5.13 14.00
N LEU D 134 11.75 4.87 14.97
CA LEU D 134 11.38 3.53 15.36
C LEU D 134 9.96 3.20 14.91
N THR D 135 9.68 1.90 14.87
CA THR D 135 8.33 1.38 14.60
C THR D 135 8.09 0.29 15.66
N LEU D 136 7.57 0.70 16.81
CA LEU D 136 7.40 -0.20 17.94
C LEU D 136 6.01 -0.84 17.92
N SER D 137 5.94 -2.10 18.33
CA SER D 137 4.71 -2.87 18.33
C SER D 137 4.23 -3.08 19.75
N CYS D 138 2.96 -2.77 19.99
CA CYS D 138 2.33 -2.97 21.29
C CYS D 138 0.97 -3.64 21.08
N PRO D 139 0.68 -4.73 21.78
CA PRO D 139 -0.66 -5.33 21.69
C PRO D 139 -1.74 -4.36 22.16
N MET D 140 -2.88 -4.40 21.49
CA MET D 140 -4.00 -3.53 21.78
C MET D 140 -5.13 -4.34 22.43
N ASP D 141 -5.62 -3.85 23.56
CA ASP D 141 -6.76 -4.45 24.24
C ASP D 141 -8.02 -3.74 23.77
N LEU D 142 -8.89 -4.47 23.07
CA LEU D 142 -10.08 -3.92 22.46
C LEU D 142 -11.34 -4.46 23.13
N LYS D 143 -11.28 -4.66 24.45
CA LYS D 143 -12.46 -5.11 25.18
C LYS D 143 -13.59 -4.10 25.07
N ASN D 144 -13.26 -2.81 25.17
CA ASN D 144 -14.20 -1.72 24.95
C ASN D 144 -13.55 -0.76 23.95
N PHE D 145 -13.76 -1.03 22.66
CA PHE D 145 -13.05 -0.30 21.62
C PHE D 145 -13.30 1.21 21.64
N PRO D 146 -14.54 1.71 21.70
CA PRO D 146 -14.71 3.17 21.70
C PRO D 146 -14.38 3.83 23.02
N MET D 147 -14.07 3.06 24.07
CA MET D 147 -13.75 3.58 25.38
C MET D 147 -12.40 3.09 25.89
N ASP D 148 -11.59 2.51 25.01
CA ASP D 148 -10.37 1.83 25.45
C ASP D 148 -9.31 2.84 25.91
N VAL D 149 -8.42 2.35 26.77
CA VAL D 149 -7.26 3.10 27.24
C VAL D 149 -6.04 2.24 26.96
N GLN D 150 -5.26 2.61 25.97
CA GLN D 150 -4.14 1.81 25.51
C GLN D 150 -2.89 2.08 26.35
N THR D 151 -2.01 1.08 26.38
CA THR D 151 -0.74 1.19 27.10
C THR D 151 0.35 0.59 26.20
N CYS D 152 1.06 1.46 25.49
CA CYS D 152 2.15 1.06 24.62
C CYS D 152 3.48 1.36 25.28
N ILE D 153 4.43 0.44 25.13
CA ILE D 153 5.68 0.48 25.90
C ILE D 153 6.86 0.58 24.93
N MET D 154 7.96 1.12 25.45
CA MET D 154 9.22 1.22 24.72
C MET D 154 10.30 0.64 25.62
N GLN D 155 10.85 -0.50 25.22
CA GLN D 155 11.83 -1.23 26.01
C GLN D 155 13.22 -1.04 25.43
N LEU D 156 14.16 -0.68 26.29
CA LEU D 156 15.57 -0.54 25.92
C LEU D 156 16.38 -1.58 26.69
N GLU D 157 17.25 -2.29 25.97
CA GLU D 157 18.04 -3.33 26.62
C GLU D 157 19.30 -3.58 25.81
N SER D 158 20.28 -4.21 26.46
CA SER D 158 21.53 -4.57 25.83
C SER D 158 21.42 -5.93 25.17
N PHE D 159 22.30 -6.17 24.19
CA PHE D 159 22.28 -7.42 23.45
C PHE D 159 23.68 -8.04 23.39
N GLY D 160 24.71 -7.20 23.44
CA GLY D 160 26.08 -7.67 23.34
C GLY D 160 26.76 -8.00 24.65
N TYR D 161 26.15 -7.61 25.78
CA TYR D 161 26.74 -7.84 27.09
C TYR D 161 25.65 -8.31 28.05
N THR D 162 26.06 -8.61 29.27
CA THR D 162 25.16 -9.07 30.33
C THR D 162 25.15 -8.04 31.46
N MET D 163 24.47 -8.38 32.55
CA MET D 163 24.49 -7.54 33.73
C MET D 163 25.88 -7.40 34.33
N ASN D 164 26.76 -8.37 34.08
CA ASN D 164 28.11 -8.34 34.63
C ASN D 164 29.00 -7.32 33.93
N ASP D 165 28.65 -6.91 32.71
CA ASP D 165 29.46 -5.98 31.94
C ASP D 165 28.78 -4.66 31.64
N LEU D 166 27.49 -4.68 31.27
CA LEU D 166 26.77 -3.48 30.92
C LEU D 166 25.46 -3.43 31.68
N ILE D 167 25.17 -2.28 32.30
CA ILE D 167 23.93 -2.05 33.02
C ILE D 167 23.30 -0.76 32.50
N PHE D 168 22.05 -0.53 32.90
CA PHE D 168 21.30 0.63 32.47
C PHE D 168 20.57 1.25 33.64
N GLU D 169 20.28 2.55 33.52
CA GLU D 169 19.56 3.28 34.56
C GLU D 169 18.93 4.51 33.94
N TRP D 170 17.66 4.75 34.25
CA TRP D 170 16.98 5.94 33.76
C TRP D 170 17.57 7.20 34.37
N GLN D 171 17.57 8.27 33.59
CA GLN D 171 18.00 9.56 34.10
C GLN D 171 16.97 10.06 35.12
N ASP D 172 17.47 10.77 36.14
CA ASP D 172 16.64 11.08 37.30
C ASP D 172 15.64 12.20 37.02
N GLU D 173 16.14 13.41 36.73
CA GLU D 173 15.28 14.59 36.61
C GLU D 173 14.82 14.76 35.17
N ALA D 174 13.53 14.50 34.92
CA ALA D 174 12.88 14.62 33.63
C ALA D 174 13.57 13.76 32.58
N PRO D 175 13.45 12.44 32.66
CA PRO D 175 14.13 11.59 31.67
C PRO D 175 13.44 11.58 30.32
N VAL D 176 12.11 11.58 30.28
CA VAL D 176 11.37 11.50 29.03
C VAL D 176 10.63 12.81 28.84
N GLN D 177 11.06 13.60 27.87
CA GLN D 177 10.40 14.86 27.54
C GLN D 177 9.53 14.69 26.30
N VAL D 178 8.62 15.64 26.12
CA VAL D 178 7.73 15.68 24.96
C VAL D 178 7.81 17.07 24.36
N ALA D 179 8.00 17.14 23.05
CA ALA D 179 8.07 18.43 22.38
C ALA D 179 6.74 19.16 22.50
N GLU D 180 6.81 20.46 22.80
CA GLU D 180 5.61 21.25 23.00
C GLU D 180 4.81 21.35 21.70
N GLY D 181 3.49 21.33 21.84
CA GLY D 181 2.61 21.41 20.70
C GLY D 181 2.38 20.10 19.95
N LEU D 182 2.77 18.97 20.52
CA LEU D 182 2.54 17.68 19.88
C LEU D 182 1.04 17.41 19.80
N THR D 183 0.59 16.95 18.63
CA THR D 183 -0.83 16.71 18.38
C THR D 183 -1.00 15.30 17.84
N LEU D 184 -1.55 14.41 18.67
CA LEU D 184 -1.87 13.08 18.21
C LEU D 184 -3.11 13.10 17.31
N PRO D 185 -3.18 12.19 16.34
CA PRO D 185 -4.35 12.17 15.44
C PRO D 185 -5.63 11.79 16.15
N GLN D 186 -5.59 10.71 16.94
CA GLN D 186 -6.78 10.21 17.62
C GLN D 186 -6.66 10.27 19.14
N PHE D 187 -5.58 9.73 19.70
CA PHE D 187 -5.46 9.60 21.14
C PHE D 187 -4.93 10.90 21.76
N LEU D 188 -4.74 10.87 23.08
CA LEU D 188 -4.13 11.97 23.82
C LEU D 188 -3.08 11.38 24.75
N LEU D 189 -1.82 11.78 24.57
CA LEU D 189 -0.73 11.26 25.38
C LEU D 189 -0.83 11.82 26.79
N LYS D 190 -1.01 10.95 27.78
CA LYS D 190 -1.08 11.38 29.17
C LYS D 190 0.27 11.91 29.63
N GLU D 191 0.25 13.00 30.39
CA GLU D 191 1.48 13.62 30.86
C GLU D 191 2.25 12.68 31.79
N GLU D 192 1.54 11.99 32.67
CA GLU D 192 2.20 11.08 33.61
C GLU D 192 2.62 9.80 32.88
N LYS D 193 3.91 9.46 32.97
CA LYS D 193 4.47 8.31 32.30
C LYS D 193 5.16 7.41 33.32
N ASP D 194 4.90 6.11 33.23
CA ASP D 194 5.50 5.15 34.15
C ASP D 194 6.90 4.77 33.69
N LEU D 195 7.77 4.50 34.67
CA LEU D 195 9.13 4.03 34.41
C LEU D 195 9.49 2.99 35.45
N ARG D 196 10.01 1.85 34.99
CA ARG D 196 10.42 0.78 35.89
C ARG D 196 11.43 -0.10 35.16
N TYR D 197 11.72 -1.26 35.73
CA TYR D 197 12.71 -2.19 35.19
C TYR D 197 12.02 -3.39 34.55
N CYS D 198 12.73 -4.02 33.62
CA CYS D 198 12.22 -5.16 32.87
C CYS D 198 13.28 -6.24 32.71
N THR D 199 14.19 -6.36 33.68
CA THR D 199 15.35 -7.24 33.57
C THR D 199 14.94 -8.66 33.16
N LYS D 200 15.42 -9.08 32.00
CA LYS D 200 15.08 -10.37 31.43
C LYS D 200 16.17 -11.40 31.73
N HIS D 201 15.79 -12.68 31.59
CA HIS D 201 16.68 -13.81 31.83
C HIS D 201 16.62 -14.73 30.61
N TYR D 202 17.47 -14.46 29.62
CA TYR D 202 17.52 -15.27 28.42
C TYR D 202 18.32 -16.55 28.66
N ASN D 203 18.37 -17.40 27.64
CA ASN D 203 19.12 -18.64 27.75
C ASN D 203 20.61 -18.37 27.91
N THR D 204 21.14 -17.38 27.18
CA THR D 204 22.57 -17.08 27.24
C THR D 204 22.99 -16.50 28.59
N GLY D 205 22.10 -15.82 29.28
CA GLY D 205 22.44 -15.25 30.57
C GLY D 205 21.42 -14.20 30.98
N LYS D 206 21.86 -13.33 31.88
CA LYS D 206 21.01 -12.27 32.44
C LYS D 206 21.34 -10.96 31.75
N PHE D 207 20.34 -10.39 31.07
CA PHE D 207 20.51 -9.15 30.33
C PHE D 207 19.78 -8.01 31.01
N THR D 208 20.40 -6.84 31.02
CA THR D 208 19.77 -5.64 31.56
C THR D 208 18.64 -5.18 30.64
N CYS D 209 17.71 -4.42 31.22
CA CYS D 209 16.56 -3.95 30.46
C CYS D 209 16.09 -2.63 31.05
N ILE D 210 15.38 -1.86 30.22
CA ILE D 210 14.84 -0.56 30.61
C ILE D 210 13.53 -0.34 29.85
N GLU D 211 12.49 0.06 30.57
CA GLU D 211 11.15 0.18 30.01
C GLU D 211 10.52 1.49 30.44
N VAL D 212 9.84 2.14 29.48
CA VAL D 212 9.04 3.32 29.75
C VAL D 212 7.64 3.07 29.19
N ARG D 213 6.63 3.31 30.01
CA ARG D 213 5.24 3.01 29.66
C ARG D 213 4.48 4.30 29.39
N PHE D 214 3.77 4.33 28.26
CA PHE D 214 2.92 5.44 27.89
C PHE D 214 1.48 5.17 28.34
N HIS D 215 0.62 6.18 28.13
CA HIS D 215 -0.81 6.06 28.39
C HIS D 215 -1.57 6.83 27.32
N LEU D 216 -2.48 6.14 26.64
CA LEU D 216 -3.24 6.72 25.54
C LEU D 216 -4.72 6.67 25.86
N GLU D 217 -5.45 7.72 25.49
CA GLU D 217 -6.89 7.82 25.74
C GLU D 217 -7.59 8.12 24.42
N ARG D 218 -8.46 7.22 23.99
CA ARG D 218 -9.19 7.40 22.75
C ARG D 218 -10.36 8.36 22.96
N GLN D 219 -10.72 9.08 21.90
CA GLN D 219 -11.79 10.07 21.94
C GLN D 219 -13.03 9.52 21.26
N MET D 220 -14.16 9.61 21.97
CA MET D 220 -15.42 9.08 21.43
C MET D 220 -15.92 9.92 20.27
N GLY D 221 -15.70 11.24 20.31
CA GLY D 221 -16.27 12.20 19.39
C GLY D 221 -16.35 11.75 17.93
N TYR D 222 -15.22 11.34 17.37
CA TYR D 222 -15.22 10.84 15.99
C TYR D 222 -16.14 9.64 15.85
N TYR D 223 -15.87 8.56 16.59
CA TYR D 223 -16.71 7.37 16.52
C TYR D 223 -18.14 7.67 16.96
N LEU D 224 -18.30 8.60 17.92
CA LEU D 224 -19.63 9.01 18.35
C LEU D 224 -20.44 9.51 17.16
N ILE D 225 -19.96 10.58 16.51
CA ILE D 225 -20.68 11.16 15.38
C ILE D 225 -20.75 10.19 14.21
N GLN D 226 -19.83 9.24 14.12
CA GLN D 226 -19.88 8.26 13.03
C GLN D 226 -21.01 7.26 13.22
N MET D 227 -21.14 6.70 14.43
CA MET D 227 -22.03 5.55 14.64
C MET D 227 -23.23 5.83 15.53
N TYR D 228 -23.03 6.48 16.67
CA TYR D 228 -24.07 6.47 17.71
C TYR D 228 -25.29 7.28 17.31
N ILE D 229 -25.09 8.47 16.76
CA ILE D 229 -26.23 9.32 16.37
C ILE D 229 -27.10 8.65 15.32
N PRO D 230 -26.55 8.10 14.22
CA PRO D 230 -27.43 7.41 13.25
C PRO D 230 -28.20 6.26 13.87
N SER D 231 -27.62 5.54 14.83
CA SER D 231 -28.34 4.45 15.48
C SER D 231 -29.56 4.97 16.23
N LEU D 232 -29.39 6.04 17.00
CA LEU D 232 -30.52 6.62 17.72
C LEU D 232 -31.58 7.14 16.75
N LEU D 233 -31.13 7.79 15.67
CA LEU D 233 -32.09 8.32 14.71
C LEU D 233 -32.87 7.20 14.03
N ILE D 234 -32.21 6.10 13.68
CA ILE D 234 -32.93 4.99 13.04
C ILE D 234 -33.84 4.28 14.04
N VAL D 235 -33.48 4.28 15.33
CA VAL D 235 -34.37 3.72 16.33
C VAL D 235 -35.63 4.57 16.45
N ILE D 236 -35.48 5.89 16.46
CA ILE D 236 -36.66 6.76 16.48
C ILE D 236 -37.46 6.59 15.20
N LEU D 237 -36.79 6.35 14.06
CA LEU D 237 -37.52 6.08 12.82
C LEU D 237 -38.30 4.78 12.91
N SER D 238 -37.74 3.78 13.60
CA SER D 238 -38.48 2.54 13.83
C SER D 238 -39.72 2.80 14.69
N TRP D 239 -39.59 3.66 15.70
CA TRP D 239 -40.76 4.04 16.47
C TRP D 239 -41.78 4.77 15.60
N VAL D 240 -41.31 5.60 14.68
CA VAL D 240 -42.20 6.26 13.72
C VAL D 240 -42.94 5.23 12.89
N SER D 241 -42.23 4.20 12.42
CA SER D 241 -42.88 3.08 11.74
C SER D 241 -43.95 2.43 12.62
N PHE D 242 -43.64 2.30 13.91
CA PHE D 242 -44.61 1.73 14.85
C PHE D 242 -45.88 2.56 14.90
N TRP D 243 -45.75 3.90 14.95
CA TRP D 243 -46.92 4.74 15.12
C TRP D 243 -47.82 4.80 13.88
N ILE D 244 -47.39 4.24 12.75
CA ILE D 244 -48.22 4.24 11.55
C ILE D 244 -49.44 3.35 11.77
N ASN D 245 -50.54 3.68 11.07
CA ASN D 245 -51.79 2.94 11.22
C ASN D 245 -51.65 1.52 10.67
N MET D 246 -52.56 0.65 11.11
CA MET D 246 -52.43 -0.77 10.83
C MET D 246 -52.73 -1.11 9.37
N ASP D 247 -53.71 -0.44 8.76
CA ASP D 247 -54.13 -0.79 7.42
C ASP D 247 -53.04 -0.48 6.38
N ALA D 248 -52.08 0.37 6.71
CA ALA D 248 -50.97 0.67 5.82
C ALA D 248 -49.82 -0.31 6.05
N ALA D 249 -50.14 -1.59 5.88
CA ALA D 249 -49.14 -2.64 6.10
C ALA D 249 -47.93 -2.53 5.17
N PRO D 250 -48.07 -2.32 3.85
CA PRO D 250 -46.87 -2.20 3.02
C PRO D 250 -45.96 -1.05 3.45
N ALA D 251 -46.52 0.08 3.87
CA ALA D 251 -45.70 1.20 4.30
C ALA D 251 -44.87 0.84 5.53
N ARG D 252 -45.53 0.23 6.54
CA ARG D 252 -44.82 -0.14 7.76
C ARG D 252 -43.76 -1.20 7.49
N VAL D 253 -44.08 -2.20 6.66
CA VAL D 253 -43.10 -3.24 6.40
C VAL D 253 -41.93 -2.69 5.59
N ALA D 254 -42.19 -1.75 4.67
CA ALA D 254 -41.11 -1.13 3.93
C ALA D 254 -40.21 -0.30 4.83
N LEU D 255 -40.81 0.44 5.78
CA LEU D 255 -40.00 1.21 6.72
C LEU D 255 -39.17 0.30 7.60
N GLY D 256 -39.74 -0.81 8.06
CA GLY D 256 -38.96 -1.77 8.82
C GLY D 256 -37.82 -2.35 8.00
N ILE D 257 -38.07 -2.66 6.74
CA ILE D 257 -37.05 -3.24 5.87
C ILE D 257 -35.91 -2.25 5.66
N THR D 258 -36.24 -0.99 5.39
CA THR D 258 -35.17 -0.01 5.17
C THR D 258 -34.41 0.29 6.46
N THR D 259 -35.09 0.29 7.60
CA THR D 259 -34.38 0.50 8.86
C THR D 259 -33.42 -0.64 9.15
N VAL D 260 -33.86 -1.89 8.96
CA VAL D 260 -32.95 -3.01 9.19
C VAL D 260 -31.83 -3.01 8.16
N LEU D 261 -32.10 -2.58 6.94
CA LEU D 261 -31.05 -2.50 5.91
C LEU D 261 -29.97 -1.50 6.31
N THR D 262 -30.37 -0.28 6.68
CA THR D 262 -29.36 0.71 7.06
C THR D 262 -28.65 0.31 8.34
N MET D 263 -29.36 -0.33 9.28
CA MET D 263 -28.72 -0.77 10.52
C MET D 263 -27.66 -1.84 10.24
N THR D 264 -27.97 -2.81 9.38
CA THR D 264 -26.99 -3.85 9.10
C THR D 264 -25.83 -3.30 8.28
N THR D 265 -26.08 -2.34 7.38
CA THR D 265 -24.97 -1.72 6.67
C THR D 265 -24.07 -0.94 7.61
N GLN D 266 -24.67 -0.23 8.57
CA GLN D 266 -23.88 0.49 9.56
C GLN D 266 -23.06 -0.47 10.42
N SER D 267 -23.66 -1.59 10.82
CA SER D 267 -22.93 -2.58 11.61
C SER D 267 -21.77 -3.17 10.82
N SER D 268 -22.00 -3.47 9.53
CA SER D 268 -20.93 -4.02 8.70
C SER D 268 -19.80 -3.01 8.52
N GLY D 269 -20.14 -1.74 8.29
CA GLY D 269 -19.13 -0.72 8.08
C GLY D 269 -18.48 -0.18 9.33
N SER D 270 -19.01 -0.51 10.51
CA SER D 270 -18.43 -0.01 11.75
C SER D 270 -17.01 -0.54 11.96
N ARG D 271 -16.79 -1.82 11.66
CA ARG D 271 -15.52 -2.48 11.90
C ARG D 271 -14.63 -2.49 10.66
N ALA D 272 -14.85 -1.56 9.73
CA ALA D 272 -14.03 -1.52 8.52
C ALA D 272 -12.56 -1.22 8.84
N SER D 273 -12.33 -0.29 9.76
CA SER D 273 -10.98 0.11 10.14
C SER D 273 -10.52 -0.54 11.44
N LEU D 274 -10.93 -1.78 11.69
CA LEU D 274 -10.56 -2.48 12.90
C LEU D 274 -10.05 -3.89 12.58
N PRO D 275 -9.16 -4.42 13.41
CA PRO D 275 -8.70 -5.80 13.20
C PRO D 275 -9.78 -6.80 13.55
N LYS D 276 -9.61 -8.02 13.03
CA LYS D 276 -10.54 -9.11 13.27
C LYS D 276 -10.29 -9.68 14.67
N VAL D 277 -10.73 -8.91 15.67
CA VAL D 277 -10.51 -9.30 17.06
C VAL D 277 -11.38 -10.49 17.42
N SER D 278 -10.86 -11.35 18.30
CA SER D 278 -11.56 -12.59 18.64
C SER D 278 -12.79 -12.33 19.51
N TYR D 279 -12.64 -11.48 20.53
CA TYR D 279 -13.72 -11.24 21.47
C TYR D 279 -14.66 -10.16 20.92
N VAL D 280 -15.60 -9.71 21.75
CA VAL D 280 -16.67 -8.81 21.33
C VAL D 280 -16.36 -7.42 21.87
N LYS D 281 -16.49 -6.41 21.01
CA LYS D 281 -16.24 -5.02 21.37
C LYS D 281 -17.55 -4.33 21.74
N ALA D 282 -17.41 -3.14 22.32
CA ALA D 282 -18.58 -2.37 22.75
C ALA D 282 -19.43 -1.94 21.55
N ILE D 283 -18.79 -1.51 20.46
CA ILE D 283 -19.53 -1.11 19.28
C ILE D 283 -20.30 -2.28 18.70
N ASP D 284 -19.73 -3.49 18.78
CA ASP D 284 -20.44 -4.67 18.33
C ASP D 284 -21.69 -4.90 19.17
N ILE D 285 -21.59 -4.72 20.48
CA ILE D 285 -22.75 -4.89 21.36
C ILE D 285 -23.83 -3.86 21.01
N TRP D 286 -23.42 -2.60 20.82
CA TRP D 286 -24.39 -1.56 20.49
C TRP D 286 -25.09 -1.85 19.17
N MET D 287 -24.33 -2.25 18.14
CA MET D 287 -24.92 -2.58 16.86
C MET D 287 -25.87 -3.77 16.99
N ALA D 288 -25.47 -4.80 17.73
CA ALA D 288 -26.31 -5.97 17.88
C ALA D 288 -27.62 -5.63 18.58
N VAL D 289 -27.55 -4.82 19.64
CA VAL D 289 -28.78 -4.49 20.37
C VAL D 289 -29.69 -3.61 19.52
N CYS D 290 -29.12 -2.65 18.79
CA CYS D 290 -29.95 -1.82 17.92
C CYS D 290 -30.61 -2.66 16.82
N LEU D 291 -29.86 -3.58 16.23
CA LEU D 291 -30.44 -4.48 15.22
C LEU D 291 -31.54 -5.33 15.83
N LEU D 292 -31.32 -5.83 17.04
CA LEU D 292 -32.33 -6.66 17.69
C LEU D 292 -33.59 -5.86 18.01
N PHE D 293 -33.44 -4.59 18.41
CA PHE D 293 -34.61 -3.77 18.70
C PHE D 293 -35.40 -3.47 17.43
N VAL D 294 -34.71 -3.14 16.33
CA VAL D 294 -35.41 -2.92 15.07
C VAL D 294 -36.11 -4.20 14.62
N PHE D 295 -35.44 -5.35 14.77
CA PHE D 295 -36.03 -6.63 14.42
C PHE D 295 -37.26 -6.92 15.26
N SER D 296 -37.21 -6.61 16.56
CA SER D 296 -38.37 -6.84 17.42
C SER D 296 -39.52 -5.91 17.06
N ALA D 297 -39.21 -4.68 16.65
CA ALA D 297 -40.25 -3.77 16.18
C ALA D 297 -40.95 -4.35 14.94
N LEU D 298 -40.16 -4.87 13.99
CA LEU D 298 -40.75 -5.49 12.82
C LEU D 298 -41.57 -6.72 13.20
N LEU D 299 -41.06 -7.51 14.15
CA LEU D 299 -41.76 -8.72 14.58
C LEU D 299 -43.09 -8.39 15.25
N GLU D 300 -43.13 -7.35 16.08
CA GLU D 300 -44.38 -6.98 16.71
C GLU D 300 -45.35 -6.35 15.71
N TYR D 301 -44.82 -5.66 14.70
CA TYR D 301 -45.70 -5.22 13.60
C TYR D 301 -46.33 -6.40 12.90
N ALA D 302 -45.54 -7.45 12.65
CA ALA D 302 -46.10 -8.67 12.06
C ALA D 302 -47.14 -9.30 12.97
N ALA D 303 -46.88 -9.31 14.28
CA ALA D 303 -47.84 -9.87 15.22
C ALA D 303 -49.14 -9.09 15.22
N VAL D 304 -49.05 -7.76 15.14
CA VAL D 304 -50.25 -6.94 15.03
C VAL D 304 -51.01 -7.28 13.76
N ASN D 305 -50.29 -7.49 12.66
CA ASN D 305 -50.95 -7.90 11.42
C ASN D 305 -51.67 -9.23 11.60
N PHE D 306 -51.04 -10.19 12.29
CA PHE D 306 -51.66 -11.49 12.49
C PHE D 306 -52.92 -11.35 13.35
N VAL D 307 -52.85 -10.56 14.40
CA VAL D 307 -54.00 -10.37 15.29
C VAL D 307 -55.15 -9.71 14.53
N SER D 308 -54.84 -8.70 13.72
CA SER D 308 -55.88 -8.01 12.97
C SER D 308 -56.52 -8.92 11.92
N ARG D 309 -55.80 -9.93 11.46
CA ARG D 309 -56.31 -10.84 10.44
C ARG D 309 -56.98 -12.07 11.01
N GLN D 310 -57.04 -12.21 12.33
CA GLN D 310 -57.67 -13.37 12.95
C GLN D 310 -59.00 -13.00 13.58
N VAL D 378 -63.61 -7.52 18.43
CA VAL D 378 -62.76 -7.39 19.59
C VAL D 378 -61.30 -7.58 19.19
N PHE D 379 -61.09 -8.24 18.04
CA PHE D 379 -59.74 -8.46 17.55
C PHE D 379 -59.05 -7.13 17.23
N ILE D 380 -59.77 -6.19 16.64
CA ILE D 380 -59.21 -4.87 16.37
C ILE D 380 -58.86 -4.17 17.68
N ASP D 381 -59.70 -4.34 18.70
CA ASP D 381 -59.40 -3.76 20.00
C ASP D 381 -58.12 -4.32 20.59
N ARG D 382 -57.95 -5.65 20.51
CA ARG D 382 -56.72 -6.26 21.02
C ARG D 382 -55.51 -5.81 20.23
N ALA D 383 -55.63 -5.71 18.91
CA ALA D 383 -54.52 -5.25 18.09
C ALA D 383 -54.13 -3.83 18.46
N LYS D 384 -55.11 -2.94 18.63
CA LYS D 384 -54.81 -1.57 19.02
C LYS D 384 -54.18 -1.52 20.39
N LYS D 385 -54.67 -2.31 21.35
CA LYS D 385 -54.13 -2.26 22.70
C LYS D 385 -52.70 -2.77 22.73
N ILE D 386 -52.39 -3.85 22.01
CA ILE D 386 -51.02 -4.34 22.01
C ILE D 386 -50.11 -3.36 21.27
N ASP D 387 -50.61 -2.76 20.20
CA ASP D 387 -49.81 -1.79 19.46
C ASP D 387 -49.45 -0.60 20.34
N THR D 388 -50.43 -0.04 21.04
CA THR D 388 -50.15 1.14 21.87
C THR D 388 -49.30 0.77 23.08
N ILE D 389 -49.51 -0.41 23.67
CA ILE D 389 -48.71 -0.83 24.81
C ILE D 389 -47.25 -0.98 24.41
N SER D 390 -47.01 -1.67 23.29
CA SER D 390 -45.63 -1.85 22.85
C SER D 390 -45.02 -0.53 22.38
N ARG D 391 -45.81 0.34 21.77
CA ARG D 391 -45.28 1.64 21.33
C ARG D 391 -44.93 2.52 22.52
N ALA D 392 -45.62 2.36 23.64
CA ALA D 392 -45.27 3.13 24.84
C ALA D 392 -44.18 2.45 25.65
N CYS D 393 -43.96 1.14 25.46
CA CYS D 393 -42.98 0.42 26.26
C CYS D 393 -41.60 0.36 25.60
N PHE D 394 -41.54 0.22 24.29
CA PHE D 394 -40.25 0.06 23.60
C PHE D 394 -39.31 1.24 23.79
N PRO D 395 -39.75 2.50 23.65
CA PRO D 395 -38.81 3.61 23.95
C PRO D 395 -38.28 3.59 25.37
N LEU D 396 -39.11 3.19 26.34
CA LEU D 396 -38.64 3.07 27.71
C LEU D 396 -37.55 2.01 27.83
N ALA D 397 -37.74 0.86 27.16
CA ALA D 397 -36.73 -0.19 27.18
C ALA D 397 -35.44 0.30 26.54
N PHE D 398 -35.54 1.00 25.41
CA PHE D 398 -34.35 1.53 24.76
C PHE D 398 -33.64 2.52 25.66
N LEU D 399 -34.38 3.39 26.34
CA LEU D 399 -33.77 4.39 27.23
C LEU D 399 -33.06 3.72 28.39
N ILE D 400 -33.71 2.73 29.02
CA ILE D 400 -33.07 2.08 30.17
C ILE D 400 -31.85 1.28 29.73
N PHE D 401 -31.92 0.62 28.57
CA PHE D 401 -30.74 -0.05 28.06
C PHE D 401 -29.61 0.93 27.78
N ASN D 402 -29.94 2.07 27.17
CA ASN D 402 -28.91 3.05 26.83
C ASN D 402 -28.23 3.59 28.08
N ILE D 403 -29.01 3.96 29.10
CA ILE D 403 -28.41 4.50 30.31
C ILE D 403 -27.60 3.43 31.03
N PHE D 404 -28.10 2.19 31.08
CA PHE D 404 -27.36 1.11 31.72
C PHE D 404 -26.03 0.86 31.00
N TYR D 405 -26.08 0.78 29.68
CA TYR D 405 -24.87 0.52 28.89
C TYR D 405 -23.85 1.63 29.08
N TRP D 406 -24.30 2.88 28.96
CA TRP D 406 -23.36 4.01 29.08
C TRP D 406 -22.75 4.06 30.47
N VAL D 407 -23.56 3.88 31.52
CA VAL D 407 -23.01 3.98 32.87
C VAL D 407 -22.07 2.80 33.14
N ILE D 408 -22.40 1.60 32.67
CA ILE D 408 -21.57 0.44 32.97
C ILE D 408 -20.23 0.52 32.24
N TYR D 409 -20.26 0.94 30.97
CA TYR D 409 -19.01 1.03 30.21
C TYR D 409 -18.28 2.35 30.42
N LYS D 410 -18.85 3.28 31.19
CA LYS D 410 -18.12 4.48 31.57
C LYS D 410 -17.56 4.42 32.99
N ILE D 411 -18.14 3.59 33.86
CA ILE D 411 -17.64 3.50 35.23
C ILE D 411 -17.38 2.07 35.65
N LEU D 412 -18.37 1.19 35.48
CA LEU D 412 -18.42 -0.03 36.26
C LEU D 412 -17.48 -1.11 35.72
N ARG D 413 -17.72 -1.58 34.49
CA ARG D 413 -17.04 -2.79 34.03
C ARG D 413 -15.63 -2.52 33.53
N HIS D 414 -15.51 -1.79 32.41
CA HIS D 414 -14.21 -1.55 31.78
C HIS D 414 -14.09 -0.05 31.50
N GLU D 415 -13.65 0.70 32.50
CA GLU D 415 -13.36 2.11 32.39
C GLU D 415 -12.83 2.58 33.74
N ASP D 416 -12.14 3.71 33.73
CA ASP D 416 -11.55 4.29 34.93
C ASP D 416 -10.66 3.27 35.65
N ILE D 417 -9.78 2.65 34.87
CA ILE D 417 -8.89 1.60 35.35
C ILE D 417 -9.68 0.45 35.97
N VAL E 27 49.54 -10.12 29.20
CA VAL E 27 49.08 -10.02 27.83
C VAL E 27 47.70 -9.40 27.77
N PRO E 28 47.54 -8.37 26.93
CA PRO E 28 46.22 -7.72 26.80
C PRO E 28 45.18 -8.67 26.23
N ALA E 29 43.93 -8.43 26.60
CA ALA E 29 42.83 -9.25 26.08
C ALA E 29 42.71 -9.11 24.57
N ASN E 30 42.89 -7.90 24.05
CA ASN E 30 42.86 -7.70 22.60
C ASN E 30 43.99 -8.49 21.92
N SER E 31 45.15 -8.58 22.57
CA SER E 31 46.24 -9.38 22.02
C SER E 31 45.85 -10.85 21.94
N THR E 32 45.18 -11.36 22.98
CA THR E 32 44.71 -12.75 22.95
C THR E 32 43.68 -12.96 21.85
N SER E 33 42.75 -12.00 21.70
CA SER E 33 41.74 -12.12 20.65
C SER E 33 42.38 -12.11 19.28
N ASN E 34 43.39 -11.27 19.07
CA ASN E 34 44.08 -11.23 17.78
C ASN E 34 44.84 -12.51 17.52
N ILE E 35 45.65 -12.96 18.49
CA ILE E 35 46.44 -14.17 18.29
C ILE E 35 45.55 -15.39 18.09
N LEU E 36 44.33 -15.35 18.63
CA LEU E 36 43.37 -16.41 18.32
C LEU E 36 42.93 -16.34 16.86
N ASN E 37 42.54 -15.15 16.40
CA ASN E 37 42.16 -14.95 15.01
C ASN E 37 42.14 -13.46 14.72
N ARG E 38 42.55 -13.11 13.50
CA ARG E 38 42.55 -11.72 13.03
C ARG E 38 42.93 -11.73 11.55
N LEU E 39 42.55 -10.64 10.86
CA LEU E 39 42.90 -10.50 9.45
C LEU E 39 44.39 -10.41 9.22
N LEU E 40 45.17 -10.03 10.24
CA LEU E 40 46.62 -10.00 10.15
C LEU E 40 47.25 -11.30 10.64
N VAL E 41 46.76 -11.84 11.75
CA VAL E 41 47.30 -13.08 12.29
C VAL E 41 46.93 -14.25 11.37
N SER E 42 47.78 -15.29 11.39
CA SER E 42 47.67 -16.41 10.45
C SER E 42 46.48 -17.29 10.82
N TYR E 43 45.29 -16.81 10.47
CA TYR E 43 44.08 -17.61 10.56
C TYR E 43 43.25 -17.38 9.30
N ASP E 44 42.73 -18.45 8.72
CA ASP E 44 41.98 -18.35 7.48
C ASP E 44 40.51 -18.63 7.74
N PRO E 45 39.64 -17.61 7.76
CA PRO E 45 38.20 -17.88 7.93
C PRO E 45 37.57 -18.63 6.78
N ARG E 46 38.22 -18.68 5.62
CA ARG E 46 37.62 -19.32 4.45
C ARG E 46 37.57 -20.84 4.56
N ILE E 47 38.57 -21.45 5.17
CA ILE E 47 38.60 -22.90 5.29
C ILE E 47 37.71 -23.33 6.46
N ARG E 48 36.86 -24.32 6.21
CA ARG E 48 35.92 -24.80 7.26
C ARG E 48 36.68 -25.46 8.41
N PRO E 49 36.13 -25.53 9.64
CA PRO E 49 36.81 -26.25 10.72
C PRO E 49 36.75 -27.76 10.43
N ASN E 50 37.68 -28.54 10.99
CA ASN E 50 37.69 -30.01 10.79
C ASN E 50 37.65 -30.34 9.29
N PHE E 51 38.39 -29.58 8.48
CA PHE E 51 38.43 -29.83 7.01
C PHE E 51 38.82 -31.29 6.71
N LYS E 52 38.41 -31.79 5.54
CA LYS E 52 38.74 -33.16 5.12
C LYS E 52 38.57 -34.14 6.26
N GLY E 53 37.51 -33.96 7.04
CA GLY E 53 37.24 -34.80 8.20
C GLY E 53 35.75 -34.94 8.43
N ILE E 54 35.39 -35.10 9.70
CA ILE E 54 33.98 -35.27 10.09
C ILE E 54 33.21 -34.00 9.77
N PRO E 55 32.01 -34.09 9.21
CA PRO E 55 31.21 -32.89 8.97
C PRO E 55 30.91 -32.15 10.25
N VAL E 56 30.86 -30.82 10.14
CA VAL E 56 30.66 -29.98 11.31
C VAL E 56 29.26 -30.19 11.87
N ASP E 57 29.18 -30.39 13.19
CA ASP E 57 27.90 -30.55 13.89
C ASP E 57 27.52 -29.21 14.50
N VAL E 58 26.38 -28.66 14.09
CA VAL E 58 25.91 -27.36 14.53
C VAL E 58 24.58 -27.53 15.24
N VAL E 59 24.49 -26.99 16.44
CA VAL E 59 23.25 -27.00 17.23
C VAL E 59 22.57 -25.66 17.03
N VAL E 60 21.31 -25.70 16.57
CA VAL E 60 20.55 -24.51 16.26
C VAL E 60 19.28 -24.49 17.10
N ASN E 61 19.04 -23.38 17.80
CA ASN E 61 17.81 -23.17 18.55
C ASN E 61 17.30 -21.77 18.24
N ILE E 62 15.97 -21.63 18.23
CA ILE E 62 15.33 -20.38 17.84
C ILE E 62 14.62 -19.79 19.05
N PHE E 63 14.29 -18.50 18.96
CA PHE E 63 13.60 -17.81 20.05
C PHE E 63 12.65 -16.79 19.42
N ILE E 64 11.35 -17.07 19.49
CA ILE E 64 10.36 -16.16 18.94
C ILE E 64 10.21 -14.95 19.84
N ASN E 65 10.20 -13.76 19.22
CA ASN E 65 10.01 -12.52 19.94
C ASN E 65 8.72 -11.79 19.59
N SER E 66 8.16 -12.02 18.40
CA SER E 66 6.89 -11.41 18.02
C SER E 66 6.26 -12.27 16.94
N PHE E 67 5.13 -11.81 16.43
CA PHE E 67 4.34 -12.53 15.44
C PHE E 67 3.36 -11.54 14.82
N GLY E 68 2.44 -12.04 14.01
CA GLY E 68 1.42 -11.21 13.41
C GLY E 68 1.67 -10.95 11.94
N SER E 69 0.92 -9.98 11.41
CA SER E 69 0.99 -9.59 10.00
C SER E 69 0.72 -10.80 9.10
N ILE E 70 -0.28 -11.60 9.46
CA ILE E 70 -0.61 -12.80 8.68
C ILE E 70 -1.61 -12.36 7.61
N GLN E 71 -1.07 -11.90 6.49
CA GLN E 71 -1.88 -11.44 5.35
C GLN E 71 -2.35 -12.67 4.59
N GLU E 72 -3.62 -13.05 4.80
CA GLU E 72 -4.18 -14.19 4.09
C GLU E 72 -4.28 -13.95 2.59
N THR E 73 -4.35 -12.69 2.16
CA THR E 73 -4.45 -12.39 0.73
C THR E 73 -3.13 -12.63 -0.01
N THR E 74 -2.01 -12.63 0.71
CA THR E 74 -0.70 -12.83 0.08
C THR E 74 0.01 -14.09 0.58
N MET E 75 -0.56 -14.79 1.57
CA MET E 75 -0.02 -16.05 2.08
C MET E 75 1.41 -15.86 2.59
N ASP E 76 1.56 -15.04 3.63
CA ASP E 76 2.85 -14.81 4.25
C ASP E 76 2.64 -14.25 5.65
N TYR E 77 3.50 -14.67 6.58
CA TYR E 77 3.47 -14.19 7.95
C TYR E 77 4.85 -13.72 8.35
N ARG E 78 4.90 -12.60 9.09
CA ARG E 78 6.14 -11.97 9.48
C ARG E 78 6.50 -12.37 10.91
N VAL E 79 7.77 -12.69 11.13
CA VAL E 79 8.26 -13.08 12.44
C VAL E 79 9.46 -12.23 12.81
N ASN E 80 9.89 -12.35 14.06
CA ASN E 80 11.08 -11.65 14.56
C ASN E 80 11.75 -12.60 15.55
N ILE E 81 12.82 -13.25 15.12
CA ILE E 81 13.42 -14.34 15.85
C ILE E 81 14.73 -13.89 16.49
N PHE E 82 15.27 -14.74 17.36
CA PHE E 82 16.55 -14.55 18.04
C PHE E 82 17.44 -15.76 17.80
N LEU E 83 17.61 -16.11 16.52
CA LEU E 83 18.31 -17.33 16.14
C LEU E 83 19.69 -17.40 16.80
N ARG E 84 19.96 -18.55 17.42
CA ARG E 84 21.24 -18.82 18.06
C ARG E 84 21.77 -20.15 17.53
N GLN E 85 23.05 -20.17 17.14
CA GLN E 85 23.65 -21.38 16.55
C GLN E 85 25.03 -21.61 17.17
N LYS E 86 25.26 -22.83 17.70
CA LYS E 86 26.56 -23.15 18.34
C LYS E 86 27.34 -24.08 17.40
N TRP E 87 28.53 -23.66 16.97
CA TRP E 87 29.40 -24.51 16.12
C TRP E 87 30.77 -24.57 16.80
N ASN E 88 31.46 -25.71 16.72
CA ASN E 88 32.76 -25.84 17.43
C ASN E 88 33.87 -25.91 16.40
N ASP E 89 34.88 -25.04 16.54
CA ASP E 89 36.02 -25.01 15.59
C ASP E 89 37.28 -25.38 16.35
N PRO E 90 38.10 -26.34 15.86
CA PRO E 90 39.34 -26.72 16.53
C PRO E 90 40.25 -25.48 16.53
N ARG E 91 40.31 -24.79 15.39
CA ARG E 91 41.20 -23.60 15.25
C ARG E 91 40.65 -22.47 16.12
N LEU E 92 39.33 -22.29 16.15
CA LEU E 92 38.75 -21.26 17.05
C LEU E 92 38.58 -21.89 18.43
N LYS E 93 39.70 -22.14 19.12
CA LYS E 93 39.69 -22.73 20.48
C LYS E 93 40.62 -21.88 21.36
N LEU E 94 40.40 -21.86 22.68
CA LEU E 94 41.21 -20.96 23.56
C LEU E 94 42.68 -21.39 23.52
N PRO E 95 43.65 -20.46 23.56
CA PRO E 95 45.07 -20.80 23.45
C PRO E 95 45.59 -21.10 24.85
N SER E 96 44.71 -21.11 25.86
CA SER E 96 45.12 -21.40 27.25
C SER E 96 46.01 -20.28 27.82
N ASP E 97 45.66 -19.75 29.00
CA ASP E 97 46.50 -18.71 29.67
C ASP E 97 46.22 -17.33 29.07
N PHE E 98 45.25 -17.22 28.16
CA PHE E 98 44.88 -15.88 27.64
C PHE E 98 44.34 -15.08 28.82
N ARG E 99 43.54 -15.70 29.69
CA ARG E 99 42.84 -15.04 30.84
C ARG E 99 41.36 -15.38 30.68
N GLY E 100 41.07 -16.61 30.26
CA GLY E 100 39.67 -16.99 29.98
C GLY E 100 38.80 -16.93 31.22
N SER E 101 39.21 -17.54 32.33
CA SER E 101 38.29 -17.57 33.51
C SER E 101 36.83 -17.71 33.06
N ASP E 102 36.06 -16.60 33.09
CA ASP E 102 34.63 -16.60 32.66
C ASP E 102 34.54 -16.80 31.15
N ALA E 103 33.45 -17.38 30.64
CA ALA E 103 33.45 -17.70 29.19
C ALA E 103 33.67 -16.39 28.43
N LEU E 104 34.55 -16.42 27.43
CA LEU E 104 34.93 -15.17 26.69
C LEU E 104 33.80 -14.66 25.80
N THR E 105 33.75 -13.34 25.58
CA THR E 105 32.76 -12.76 24.64
C THR E 105 33.56 -12.22 23.45
N VAL E 106 33.18 -12.60 22.23
CA VAL E 106 33.98 -12.20 21.03
C VAL E 106 33.31 -11.01 20.34
N ASP E 107 34.11 -10.08 19.82
CA ASP E 107 33.55 -8.87 19.15
C ASP E 107 32.82 -9.28 17.87
N PRO E 108 31.71 -8.61 17.51
CA PRO E 108 30.94 -8.94 16.31
C PRO E 108 31.81 -8.75 15.07
N THR E 109 32.63 -7.70 15.04
CA THR E 109 33.56 -7.52 13.89
C THR E 109 34.51 -8.72 13.88
N MET E 110 34.96 -9.16 15.06
CA MET E 110 35.80 -10.38 15.15
C MET E 110 34.93 -11.55 14.67
N TYR E 111 33.65 -11.55 15.02
CA TYR E 111 32.72 -12.63 14.60
C TYR E 111 32.63 -12.63 13.07
N LYS E 112 32.58 -11.43 12.47
CA LYS E 112 32.56 -11.36 10.98
C LYS E 112 33.87 -11.98 10.47
N CYS E 113 34.99 -11.69 11.13
CA CYS E 113 36.27 -12.33 10.75
C CYS E 113 36.12 -13.83 10.98
N LEU E 114 35.49 -14.23 12.09
CA LEU E 114 35.35 -15.66 12.44
C LEU E 114 34.50 -16.40 11.39
N TRP E 115 34.87 -17.64 11.07
CA TRP E 115 34.14 -18.43 10.03
C TRP E 115 32.70 -18.69 10.48
N LYS E 116 31.73 -18.61 9.57
CA LYS E 116 30.33 -18.91 9.92
C LYS E 116 29.76 -20.00 9.01
N PRO E 117 29.10 -21.05 9.55
CA PRO E 117 28.43 -22.04 8.69
C PRO E 117 27.25 -21.37 7.97
N ASP E 118 27.02 -21.69 6.70
CA ASP E 118 25.94 -21.01 5.93
C ASP E 118 24.58 -21.36 6.53
N LEU E 119 23.68 -20.38 6.69
CA LEU E 119 22.29 -20.69 7.13
C LEU E 119 21.30 -20.03 6.17
N PHE E 120 20.32 -20.78 5.67
CA PHE E 120 19.24 -20.16 4.84
C PHE E 120 17.91 -20.86 5.17
N PHE E 121 16.77 -20.16 5.01
CA PHE E 121 15.47 -20.85 5.22
C PHE E 121 14.70 -20.88 3.90
N ALA E 122 14.33 -22.07 3.44
CA ALA E 122 13.65 -22.17 2.12
C ALA E 122 12.28 -21.47 2.12
N ASN E 123 11.48 -21.65 3.17
CA ASN E 123 10.10 -21.07 3.13
C ASN E 123 10.07 -19.64 3.66
N GLU E 124 10.74 -18.69 3.00
CA GLU E 124 10.59 -17.27 3.42
C GLU E 124 10.28 -16.41 2.20
N LYS E 125 9.25 -15.55 2.26
CA LYS E 125 9.07 -14.63 1.11
C LYS E 125 10.31 -13.74 1.09
N SER E 126 10.75 -13.27 2.26
CA SER E 126 12.01 -12.49 2.36
C SER E 126 12.53 -12.58 3.80
N ALA E 127 13.82 -12.36 4.04
CA ALA E 127 14.33 -12.30 5.43
C ALA E 127 15.07 -10.97 5.61
N ASN E 128 14.78 -10.22 6.67
CA ASN E 128 15.54 -8.97 6.93
C ASN E 128 16.19 -9.01 8.31
N PHE E 129 17.47 -8.68 8.41
CA PHE E 129 18.17 -8.61 9.72
C PHE E 129 17.66 -7.40 10.50
N HIS E 130 17.71 -7.46 11.84
CA HIS E 130 17.27 -6.31 12.68
C HIS E 130 18.51 -5.61 13.26
N ASP E 131 18.62 -4.29 13.06
CA ASP E 131 19.80 -3.51 13.52
C ASP E 131 19.32 -2.29 14.30
N VAL E 132 18.90 -2.45 15.56
CA VAL E 132 18.33 -1.29 16.30
C VAL E 132 19.48 -0.48 16.92
N THR E 133 20.22 0.27 16.09
CA THR E 133 21.34 1.16 16.53
C THR E 133 22.62 0.35 16.67
N GLN E 134 22.56 -0.97 16.46
CA GLN E 134 23.79 -1.80 16.47
C GLN E 134 23.49 -3.06 15.66
N GLU E 135 24.52 -3.72 15.12
CA GLU E 135 24.21 -5.02 14.46
C GLU E 135 23.73 -5.92 15.60
N ASN E 136 22.66 -6.69 15.39
CA ASN E 136 22.26 -7.62 16.48
C ASN E 136 23.04 -8.93 16.31
N ILE E 137 24.33 -8.92 16.68
CA ILE E 137 25.13 -10.17 16.63
C ILE E 137 25.94 -10.29 17.91
N LEU E 138 25.81 -11.40 18.63
CA LEU E 138 26.66 -11.64 19.83
C LEU E 138 27.47 -12.90 19.59
N LEU E 139 28.79 -12.84 19.80
CA LEU E 139 29.66 -14.03 19.61
C LEU E 139 30.24 -14.42 20.97
N PHE E 140 30.20 -15.71 21.30
CA PHE E 140 30.76 -16.19 22.59
C PHE E 140 31.88 -17.20 22.32
N ILE E 141 33.04 -17.02 22.96
CA ILE E 141 34.20 -17.93 22.74
C ILE E 141 34.54 -18.60 24.08
N PHE E 142 34.78 -19.91 24.06
CA PHE E 142 35.06 -20.67 25.31
C PHE E 142 36.29 -21.54 25.07
N ARG E 143 36.95 -21.98 26.14
CA ARG E 143 38.22 -22.76 25.97
C ARG E 143 37.86 -24.00 25.16
N ASP E 144 36.71 -24.61 25.45
CA ASP E 144 36.25 -25.74 24.59
C ASP E 144 36.43 -25.35 23.12
N GLY E 145 36.62 -24.06 22.83
CA GLY E 145 36.71 -23.63 21.42
C GLY E 145 35.35 -23.68 20.75
N ASP E 146 34.31 -24.04 21.50
CA ASP E 146 32.92 -23.98 20.94
C ASP E 146 32.58 -22.50 20.75
N VAL E 147 31.85 -22.16 19.69
CA VAL E 147 31.55 -20.72 19.41
C VAL E 147 30.03 -20.51 19.42
N LEU E 148 29.53 -19.67 20.33
CA LEU E 148 28.10 -19.37 20.34
C LEU E 148 27.85 -18.07 19.59
N VAL E 149 26.97 -18.12 18.61
CA VAL E 149 26.66 -16.98 17.76
C VAL E 149 25.15 -16.79 17.73
N SER E 150 24.71 -15.55 17.94
CA SER E 150 23.28 -15.22 17.96
C SER E 150 23.05 -13.95 17.17
N MET E 151 22.05 -13.97 16.30
CA MET E 151 21.64 -12.80 15.53
C MET E 151 20.19 -12.45 15.86
N ARG E 152 19.69 -11.41 15.20
CA ARG E 152 18.31 -10.96 15.34
C ARG E 152 17.74 -10.75 13.94
N LEU E 153 16.78 -11.58 13.55
CA LEU E 153 16.21 -11.57 12.22
C LEU E 153 14.77 -11.09 12.24
N SER E 154 14.28 -10.69 11.07
CA SER E 154 12.93 -10.19 10.86
C SER E 154 12.32 -10.85 9.63
N ILE E 155 12.45 -12.18 9.55
CA ILE E 155 12.06 -12.90 8.35
C ILE E 155 10.56 -12.76 8.07
N THR E 156 10.21 -12.81 6.79
CA THR E 156 8.83 -12.82 6.34
C THR E 156 8.62 -14.12 5.57
N LEU E 157 8.24 -15.17 6.29
CA LEU E 157 8.10 -16.50 5.72
C LEU E 157 6.80 -16.60 4.93
N SER E 158 6.67 -17.70 4.17
CA SER E 158 5.50 -17.95 3.34
C SER E 158 5.01 -19.37 3.58
N CYS E 159 3.70 -19.53 3.72
CA CYS E 159 3.08 -20.84 3.87
C CYS E 159 1.84 -20.92 2.99
N PRO E 160 1.55 -22.10 2.44
CA PRO E 160 0.31 -22.27 1.64
C PRO E 160 -0.90 -22.47 2.55
N LEU E 161 -1.76 -21.46 2.59
CA LEU E 161 -2.96 -21.53 3.42
C LEU E 161 -3.98 -22.46 2.78
N ASP E 162 -4.68 -23.22 3.62
CA ASP E 162 -5.75 -24.12 3.20
C ASP E 162 -7.06 -23.55 3.73
N LEU E 163 -7.94 -23.14 2.82
CA LEU E 163 -9.18 -22.47 3.19
C LEU E 163 -10.41 -23.27 2.76
N THR E 164 -10.32 -24.59 2.77
CA THR E 164 -11.48 -25.42 2.47
C THR E 164 -12.58 -25.19 3.51
N LEU E 165 -12.29 -25.49 4.77
CA LEU E 165 -13.19 -25.14 5.87
C LEU E 165 -12.72 -23.86 6.56
N PHE E 166 -12.77 -22.77 5.78
CA PHE E 166 -12.16 -21.51 6.19
C PHE E 166 -12.63 -21.00 7.55
N PRO E 167 -13.92 -20.95 7.87
CA PRO E 167 -14.32 -20.41 9.18
C PRO E 167 -13.79 -21.20 10.37
N MET E 168 -13.47 -22.47 10.19
CA MET E 168 -12.99 -23.33 11.26
C MET E 168 -11.81 -24.17 10.80
N ASP E 169 -10.87 -23.55 10.10
CA ASP E 169 -9.74 -24.25 9.53
C ASP E 169 -8.63 -24.43 10.56
N THR E 170 -7.51 -25.00 10.14
CA THR E 170 -6.35 -25.18 11.02
C THR E 170 -5.12 -25.17 10.14
N GLN E 171 -4.41 -24.04 10.13
CA GLN E 171 -3.25 -23.87 9.26
C GLN E 171 -2.02 -24.52 9.87
N ARG E 172 -1.06 -24.87 9.01
CA ARG E 172 0.18 -25.54 9.40
C ARG E 172 1.38 -24.78 8.85
N CYS E 173 1.40 -23.47 9.06
CA CYS E 173 2.53 -22.66 8.61
C CYS E 173 3.81 -23.12 9.29
N LYS E 174 4.87 -23.27 8.50
CA LYS E 174 6.07 -23.95 8.94
C LYS E 174 7.31 -23.16 8.52
N MET E 175 8.39 -23.36 9.26
CA MET E 175 9.68 -22.74 8.99
C MET E 175 10.73 -23.83 8.91
N GLN E 176 11.56 -23.80 7.86
CA GLN E 176 12.60 -24.78 7.66
C GLN E 176 13.93 -24.08 7.42
N LEU E 177 14.97 -24.51 8.13
CA LEU E 177 16.31 -23.98 7.99
C LEU E 177 17.16 -24.94 7.18
N GLU E 178 17.88 -24.42 6.19
CA GLU E 178 18.67 -25.25 5.28
C GLU E 178 20.07 -24.68 5.15
N SER E 179 21.00 -25.55 4.78
CA SER E 179 22.36 -25.16 4.46
C SER E 179 22.50 -25.00 2.95
N PHE E 180 23.28 -24.00 2.53
CA PHE E 180 23.42 -23.67 1.12
C PHE E 180 24.83 -23.88 0.60
N GLY E 181 25.84 -23.30 1.26
CA GLY E 181 27.20 -23.41 0.77
C GLY E 181 27.75 -24.82 0.85
N TYR E 182 27.47 -25.53 1.93
CA TYR E 182 28.03 -26.84 2.18
C TYR E 182 26.95 -27.91 2.11
N THR E 183 27.35 -29.10 1.67
CA THR E 183 26.44 -30.23 1.53
C THR E 183 26.40 -31.04 2.82
N THR E 184 25.75 -32.21 2.78
CA THR E 184 25.72 -33.09 3.94
C THR E 184 27.10 -33.61 4.29
N ASP E 185 28.01 -33.72 3.33
CA ASP E 185 29.34 -34.24 3.57
C ASP E 185 30.20 -33.30 4.40
N ASP E 186 29.76 -32.06 4.62
CA ASP E 186 30.56 -31.09 5.36
C ASP E 186 29.80 -30.38 6.48
N LEU E 187 28.47 -30.31 6.43
CA LEU E 187 27.70 -29.60 7.44
C LEU E 187 26.48 -30.43 7.85
N ARG E 188 26.03 -30.21 9.08
CA ARG E 188 24.89 -30.94 9.62
C ARG E 188 24.27 -30.12 10.74
N PHE E 189 22.94 -30.13 10.81
CA PHE E 189 22.19 -29.36 11.79
C PHE E 189 21.38 -30.28 12.68
N ILE E 190 21.41 -30.02 13.98
CA ILE E 190 20.65 -30.77 14.97
C ILE E 190 19.99 -29.78 15.92
N TRP E 191 18.70 -29.98 16.20
CA TRP E 191 17.97 -29.10 17.09
C TRP E 191 18.47 -29.25 18.53
N GLN E 192 18.21 -28.21 19.33
CA GLN E 192 18.60 -28.21 20.73
C GLN E 192 17.83 -29.27 21.51
N SER E 193 18.54 -29.98 22.38
CA SER E 193 17.91 -31.07 23.14
C SER E 193 16.84 -30.53 24.09
N GLY E 194 17.14 -29.46 24.81
CA GLY E 194 16.21 -28.92 25.78
C GLY E 194 15.43 -27.73 25.29
N ASP E 195 14.18 -27.96 24.87
CA ASP E 195 13.27 -26.93 24.40
C ASP E 195 13.91 -26.07 23.33
N PRO E 196 14.11 -26.59 22.12
CA PRO E 196 14.80 -25.81 21.08
C PRO E 196 14.04 -24.57 20.64
N VAL E 197 12.73 -24.53 20.83
CA VAL E 197 11.91 -23.40 20.39
C VAL E 197 11.20 -22.83 21.61
N GLN E 198 11.36 -21.53 21.84
CA GLN E 198 10.72 -20.84 22.94
C GLN E 198 9.93 -19.64 22.43
N LEU E 199 9.07 -19.10 23.29
CA LEU E 199 8.27 -17.93 22.98
C LEU E 199 7.77 -17.33 24.27
N GLU E 200 7.78 -16.00 24.33
CA GLU E 200 7.41 -15.27 25.54
C GLU E 200 5.92 -14.90 25.53
N LYS E 201 5.08 -15.93 25.41
CA LYS E 201 3.63 -15.79 25.49
C LYS E 201 3.11 -14.74 24.50
N ILE E 202 3.51 -14.88 23.24
CA ILE E 202 3.08 -13.93 22.21
C ILE E 202 1.59 -14.09 21.97
N ALA E 203 0.89 -12.96 21.89
CA ALA E 203 -0.54 -12.93 21.65
C ALA E 203 -0.81 -12.50 20.21
N LEU E 204 -1.65 -13.27 19.52
CA LEU E 204 -1.97 -13.02 18.13
C LEU E 204 -3.37 -12.44 17.98
N PRO E 205 -3.60 -11.58 16.99
CA PRO E 205 -4.93 -10.98 16.81
C PRO E 205 -6.00 -11.99 16.43
N GLN E 206 -5.73 -12.79 15.39
CA GLN E 206 -6.71 -13.74 14.86
C GLN E 206 -6.47 -15.15 15.35
N PHE E 207 -5.28 -15.69 15.10
CA PHE E 207 -4.97 -17.07 15.46
C PHE E 207 -4.54 -17.16 16.92
N ASP E 208 -4.28 -18.39 17.37
CA ASP E 208 -3.83 -18.65 18.74
C ASP E 208 -2.79 -19.77 18.67
N ILE E 209 -1.51 -19.38 18.64
CA ILE E 209 -0.43 -20.37 18.63
C ILE E 209 -0.34 -21.02 20.00
N LYS E 210 -0.30 -22.34 20.01
CA LYS E 210 -0.19 -23.12 21.24
C LYS E 210 1.15 -23.83 21.28
N LYS E 211 1.89 -23.64 22.37
CA LYS E 211 3.21 -24.22 22.51
C LYS E 211 3.18 -25.73 22.72
N GLU E 212 1.99 -26.31 22.95
CA GLU E 212 1.90 -27.75 23.17
C GLU E 212 2.32 -28.52 21.92
N ASP E 213 1.92 -28.05 20.75
CA ASP E 213 2.19 -28.74 19.49
C ASP E 213 3.09 -27.86 18.62
N ILE E 214 4.40 -28.01 18.80
CA ILE E 214 5.40 -27.33 17.99
C ILE E 214 6.26 -28.40 17.34
N GLU E 215 5.65 -29.55 17.03
CA GLU E 215 6.39 -30.71 16.56
C GLU E 215 7.25 -30.38 15.35
N TYR E 216 8.48 -30.89 15.36
CA TYR E 216 9.48 -30.55 14.37
C TYR E 216 10.22 -31.80 13.91
N GLY E 217 10.65 -31.78 12.66
CA GLY E 217 11.49 -32.84 12.13
C GLY E 217 12.62 -32.30 11.28
N ASN E 218 13.02 -33.03 10.25
CA ASN E 218 13.99 -32.53 9.29
C ASN E 218 13.70 -33.14 7.93
N CYS E 219 14.05 -32.40 6.88
CA CYS E 219 13.73 -32.83 5.52
C CYS E 219 14.92 -33.30 4.71
N THR E 220 16.12 -32.78 5.00
CA THR E 220 17.37 -33.10 4.29
C THR E 220 17.14 -33.29 2.79
N LYS E 221 16.51 -32.28 2.18
CA LYS E 221 16.13 -32.35 0.77
C LYS E 221 17.37 -32.40 -0.12
N TYR E 222 17.22 -33.07 -1.26
CA TYR E 222 18.29 -33.26 -2.22
C TYR E 222 17.95 -32.52 -3.50
N TYR E 223 18.91 -31.74 -4.00
CA TYR E 223 18.76 -31.02 -5.26
C TYR E 223 19.38 -31.85 -6.38
N LYS E 224 18.61 -32.04 -7.46
CA LYS E 224 19.07 -32.84 -8.60
C LYS E 224 19.95 -31.96 -9.48
N GLY E 225 21.25 -32.01 -9.23
CA GLY E 225 22.19 -31.25 -10.01
C GLY E 225 23.33 -30.66 -9.21
N THR E 226 23.16 -30.58 -7.89
CA THR E 226 24.20 -30.01 -7.05
C THR E 226 24.64 -30.95 -5.94
N GLY E 227 23.72 -31.68 -5.32
CA GLY E 227 24.03 -32.60 -4.27
C GLY E 227 23.03 -32.50 -3.13
N TYR E 228 23.33 -33.21 -2.04
CA TYR E 228 22.45 -33.24 -0.88
C TYR E 228 22.62 -31.98 -0.04
N TYR E 229 21.60 -31.70 0.78
CA TYR E 229 21.63 -30.60 1.72
C TYR E 229 20.78 -30.98 2.93
N THR E 230 21.29 -30.69 4.12
CA THR E 230 20.57 -30.97 5.35
C THR E 230 19.63 -29.82 5.68
N CYS E 231 18.35 -30.13 5.88
CA CYS E 231 17.37 -29.11 6.22
C CYS E 231 16.53 -29.57 7.39
N VAL E 232 16.57 -28.79 8.48
CA VAL E 232 15.69 -28.99 9.62
C VAL E 232 14.49 -28.09 9.47
N GLU E 233 13.39 -28.46 10.13
CA GLU E 233 12.13 -27.77 9.96
C GLU E 233 11.45 -27.57 11.30
N VAL E 234 10.55 -26.58 11.33
CA VAL E 234 9.68 -26.32 12.47
C VAL E 234 8.27 -26.13 11.95
N ILE E 235 7.31 -26.85 12.53
CA ILE E 235 5.92 -26.79 12.12
C ILE E 235 5.11 -26.20 13.27
N PHE E 236 4.44 -25.08 13.00
CA PHE E 236 3.60 -24.43 13.99
C PHE E 236 2.18 -25.00 13.91
N THR E 237 1.26 -24.39 14.64
CA THR E 237 -0.14 -24.78 14.61
C THR E 237 -0.97 -23.55 14.93
N LEU E 238 -1.55 -22.93 13.90
CA LEU E 238 -2.34 -21.71 14.05
C LEU E 238 -3.78 -22.02 13.67
N ARG E 239 -4.68 -21.95 14.65
CA ARG E 239 -6.10 -22.19 14.44
C ARG E 239 -6.85 -20.87 14.49
N ARG E 240 -7.63 -20.60 13.44
CA ARG E 240 -8.37 -19.36 13.35
C ARG E 240 -9.51 -19.33 14.36
N GLN E 241 -9.72 -18.16 14.97
CA GLN E 241 -10.78 -17.98 15.95
C GLN E 241 -12.05 -17.54 15.22
N VAL E 242 -13.15 -18.24 15.50
CA VAL E 242 -14.41 -17.97 14.81
C VAL E 242 -15.25 -16.89 15.49
N GLY E 243 -14.80 -16.36 16.62
CA GLY E 243 -15.61 -15.40 17.35
C GLY E 243 -15.97 -14.18 16.52
N PHE E 244 -14.98 -13.61 15.83
CA PHE E 244 -15.25 -12.45 14.97
C PHE E 244 -16.26 -12.80 13.89
N TYR E 245 -16.05 -13.93 13.21
CA TYR E 245 -16.98 -14.34 12.15
C TYR E 245 -18.35 -14.68 12.74
N MET E 246 -18.37 -15.46 13.81
CA MET E 246 -19.64 -15.88 14.40
C MET E 246 -20.44 -14.70 14.94
N MET E 247 -19.77 -13.59 15.24
CA MET E 247 -20.46 -12.41 15.73
C MET E 247 -20.71 -11.35 14.66
N GLY E 248 -20.06 -11.45 13.50
CA GLY E 248 -20.24 -10.42 12.49
C GLY E 248 -20.89 -10.85 11.19
N VAL E 249 -20.70 -12.10 10.77
CA VAL E 249 -21.19 -12.56 9.48
C VAL E 249 -22.25 -13.64 9.61
N TYR E 250 -22.35 -14.32 10.74
CA TYR E 250 -23.35 -15.36 10.91
C TYR E 250 -24.67 -14.81 11.44
N ALA E 251 -24.60 -13.93 12.45
CA ALA E 251 -25.81 -13.36 13.02
C ALA E 251 -26.64 -12.56 12.01
N PRO E 252 -26.06 -11.66 11.21
CA PRO E 252 -26.89 -10.97 10.21
C PRO E 252 -27.57 -11.91 9.23
N THR E 253 -26.90 -12.98 8.82
CA THR E 253 -27.52 -13.95 7.91
C THR E 253 -28.70 -14.64 8.59
N LEU E 254 -28.56 -15.02 9.86
CA LEU E 254 -29.67 -15.62 10.58
C LEU E 254 -30.82 -14.64 10.72
N LEU E 255 -30.52 -13.36 10.97
CA LEU E 255 -31.58 -12.37 11.07
C LEU E 255 -32.30 -12.18 9.75
N ILE E 256 -31.57 -12.20 8.64
CA ILE E 256 -32.19 -12.12 7.33
C ILE E 256 -33.05 -13.36 7.08
N VAL E 257 -32.60 -14.52 7.53
CA VAL E 257 -33.40 -15.74 7.41
C VAL E 257 -34.70 -15.62 8.18
N VAL E 258 -34.64 -15.08 9.41
CA VAL E 258 -35.85 -14.94 10.21
C VAL E 258 -36.78 -13.89 9.59
N LEU E 259 -36.20 -12.88 8.94
CA LEU E 259 -37.05 -11.90 8.23
C LEU E 259 -37.76 -12.62 7.10
N SER E 260 -37.03 -13.45 6.35
CA SER E 260 -37.64 -14.21 5.27
C SER E 260 -38.77 -15.10 5.80
N TRP E 261 -38.56 -15.72 6.96
CA TRP E 261 -39.61 -16.51 7.59
C TRP E 261 -40.82 -15.65 7.92
N LEU E 262 -40.58 -14.47 8.50
CA LEU E 262 -41.67 -13.56 8.83
C LEU E 262 -42.42 -13.11 7.59
N SER E 263 -41.74 -13.07 6.45
CA SER E 263 -42.38 -12.67 5.20
C SER E 263 -43.53 -13.60 4.84
N PHE E 264 -43.50 -14.85 5.30
CA PHE E 264 -44.55 -15.81 4.96
C PHE E 264 -45.89 -15.43 5.57
N TRP E 265 -45.91 -15.06 6.84
CA TRP E 265 -47.14 -14.98 7.62
C TRP E 265 -47.92 -13.69 7.40
N ILE E 266 -47.37 -12.74 6.63
CA ILE E 266 -48.07 -11.48 6.40
C ILE E 266 -49.33 -11.73 5.58
N ASN E 267 -50.31 -10.86 5.73
CA ASN E 267 -51.59 -11.02 5.06
C ASN E 267 -51.40 -11.00 3.54
N PRO E 268 -51.82 -12.04 2.82
CA PRO E 268 -51.60 -12.09 1.37
C PRO E 268 -52.68 -11.38 0.56
N ASP E 269 -53.53 -10.61 1.24
CA ASP E 269 -54.59 -9.89 0.53
C ASP E 269 -54.01 -8.81 -0.37
N ALA E 270 -53.12 -7.97 0.18
CA ALA E 270 -52.48 -6.94 -0.61
C ALA E 270 -51.47 -7.55 -1.58
N SER E 271 -50.63 -8.46 -1.08
CA SER E 271 -49.62 -9.19 -1.85
C SER E 271 -48.56 -8.26 -2.44
N ALA E 272 -48.59 -6.97 -2.13
CA ALA E 272 -47.60 -6.03 -2.61
C ALA E 272 -46.52 -5.73 -1.57
N ALA E 273 -46.58 -6.38 -0.40
CA ALA E 273 -45.61 -6.16 0.66
C ALA E 273 -44.67 -7.33 0.89
N ARG E 274 -44.99 -8.51 0.35
CA ARG E 274 -44.14 -9.68 0.57
C ARG E 274 -42.90 -9.64 -0.31
N VAL E 275 -43.02 -9.08 -1.52
CA VAL E 275 -41.86 -8.97 -2.41
C VAL E 275 -40.72 -8.15 -1.80
N PRO E 276 -40.97 -7.00 -1.16
CA PRO E 276 -39.84 -6.23 -0.60
C PRO E 276 -38.98 -7.02 0.36
N LEU E 277 -39.55 -7.88 1.19
CA LEU E 277 -38.73 -8.68 2.11
C LEU E 277 -37.76 -9.56 1.33
N GLY E 278 -38.25 -10.27 0.32
CA GLY E 278 -37.39 -11.14 -0.45
C GLY E 278 -36.32 -10.38 -1.23
N ILE E 279 -36.69 -9.28 -1.86
CA ILE E 279 -35.70 -8.54 -2.65
C ILE E 279 -34.65 -7.91 -1.74
N PHE E 280 -35.07 -7.39 -0.58
CA PHE E 280 -34.09 -6.87 0.38
C PHE E 280 -33.17 -7.98 0.87
N SER E 281 -33.73 -9.15 1.15
CA SER E 281 -32.91 -10.27 1.62
C SER E 281 -31.85 -10.64 0.58
N VAL E 282 -32.26 -10.79 -0.68
CA VAL E 282 -31.29 -11.20 -1.70
C VAL E 282 -30.26 -10.10 -1.94
N LEU E 283 -30.67 -8.83 -1.91
CA LEU E 283 -29.72 -7.74 -2.11
C LEU E 283 -28.71 -7.68 -0.97
N SER E 284 -29.19 -7.80 0.27
CA SER E 284 -28.29 -7.75 1.42
C SER E 284 -27.33 -8.93 1.43
N LEU E 285 -27.82 -10.12 1.06
CA LEU E 285 -26.96 -11.29 1.01
C LEU E 285 -25.90 -11.15 -0.08
N ALA E 286 -26.29 -10.60 -1.24
CA ALA E 286 -25.30 -10.35 -2.28
C ALA E 286 -24.24 -9.35 -1.83
N SER E 287 -24.67 -8.28 -1.15
CA SER E 287 -23.72 -7.29 -0.66
C SER E 287 -22.78 -7.89 0.36
N GLU E 288 -23.30 -8.70 1.29
CA GLU E 288 -22.44 -9.34 2.27
C GLU E 288 -21.47 -10.31 1.62
N CYS E 289 -21.93 -11.07 0.61
CA CYS E 289 -21.04 -11.97 -0.09
C CYS E 289 -19.92 -11.21 -0.79
N THR E 290 -20.25 -10.09 -1.45
CA THR E 290 -19.23 -9.30 -2.11
C THR E 290 -18.23 -8.72 -1.11
N THR E 291 -18.72 -8.22 0.03
CA THR E 291 -17.82 -7.66 1.03
C THR E 291 -16.89 -8.73 1.59
N LEU E 292 -17.43 -9.90 1.92
CA LEU E 292 -16.61 -10.97 2.46
C LEU E 292 -15.61 -11.49 1.43
N ALA E 293 -16.00 -11.53 0.16
CA ALA E 293 -15.05 -11.89 -0.90
C ALA E 293 -13.95 -10.84 -0.99
N ALA E 294 -14.29 -9.57 -0.84
CA ALA E 294 -13.28 -8.52 -0.84
C ALA E 294 -12.28 -8.69 0.29
N GLU E 295 -12.77 -9.03 1.48
CA GLU E 295 -11.88 -9.26 2.62
C GLU E 295 -11.56 -10.75 2.76
N LEU E 296 -11.04 -11.32 1.67
CA LEU E 296 -10.71 -12.75 1.63
C LEU E 296 -9.86 -13.08 0.41
N PRO E 297 -8.86 -13.93 0.55
CA PRO E 297 -8.11 -14.38 -0.63
C PRO E 297 -8.98 -15.25 -1.53
N LYS E 298 -8.63 -15.28 -2.81
CA LYS E 298 -9.39 -15.99 -3.83
C LYS E 298 -8.84 -17.40 -3.99
N VAL E 299 -9.70 -18.40 -3.80
CA VAL E 299 -9.33 -19.80 -3.98
C VAL E 299 -10.38 -20.48 -4.84
N SER E 300 -9.96 -21.54 -5.54
CA SER E 300 -10.86 -22.22 -6.47
C SER E 300 -11.89 -23.05 -5.72
N TYR E 301 -11.48 -23.79 -4.70
CA TYR E 301 -12.39 -24.67 -3.98
C TYR E 301 -13.40 -23.86 -3.18
N VAL E 302 -14.55 -24.50 -2.91
CA VAL E 302 -15.64 -23.82 -2.24
C VAL E 302 -15.34 -23.70 -0.75
N LYS E 303 -15.68 -22.56 -0.17
CA LYS E 303 -15.46 -22.28 1.24
C LYS E 303 -16.77 -22.41 2.01
N ALA E 304 -16.66 -22.76 3.30
CA ALA E 304 -17.84 -22.94 4.12
C ALA E 304 -18.64 -21.64 4.26
N LEU E 305 -17.93 -20.51 4.32
CA LEU E 305 -18.62 -19.22 4.33
C LEU E 305 -19.44 -19.01 3.08
N ASP E 306 -18.88 -19.36 1.92
CA ASP E 306 -19.64 -19.30 0.67
C ASP E 306 -20.81 -20.25 0.71
N VAL E 307 -20.64 -21.43 1.31
CA VAL E 307 -21.74 -22.39 1.41
C VAL E 307 -22.89 -21.79 2.22
N TRP E 308 -22.56 -21.19 3.37
CA TRP E 308 -23.59 -20.60 4.22
C TRP E 308 -24.30 -19.45 3.50
N LEU E 309 -23.52 -18.58 2.83
CA LEU E 309 -24.12 -17.44 2.15
C LEU E 309 -25.02 -17.89 1.00
N ILE E 310 -24.57 -18.87 0.20
CA ILE E 310 -25.37 -19.32 -0.92
C ILE E 310 -26.61 -20.06 -0.42
N ALA E 311 -26.50 -20.78 0.70
CA ALA E 311 -27.69 -21.43 1.27
C ALA E 311 -28.70 -20.41 1.75
N CYS E 312 -28.24 -19.34 2.40
CA CYS E 312 -29.15 -18.28 2.84
C CYS E 312 -29.82 -17.62 1.65
N LEU E 313 -29.05 -17.32 0.60
CA LEU E 313 -29.62 -16.73 -0.59
C LEU E 313 -30.64 -17.66 -1.24
N LEU E 314 -30.33 -18.95 -1.30
CA LEU E 314 -31.25 -19.92 -1.89
C LEU E 314 -32.53 -20.04 -1.07
N PHE E 315 -32.44 -19.96 0.25
CA PHE E 315 -33.64 -20.04 1.07
C PHE E 315 -34.50 -18.78 0.91
N GLY E 316 -33.88 -17.61 0.82
CA GLY E 316 -34.65 -16.41 0.52
C GLY E 316 -35.33 -16.49 -0.83
N PHE E 317 -34.61 -16.99 -1.83
CA PHE E 317 -35.21 -17.17 -3.15
C PHE E 317 -36.35 -18.18 -3.11
N ALA E 318 -36.20 -19.24 -2.31
CA ALA E 318 -37.27 -20.22 -2.15
C ALA E 318 -38.49 -19.58 -1.50
N SER E 319 -38.29 -18.71 -0.51
CA SER E 319 -39.41 -17.99 0.08
C SER E 319 -40.12 -17.13 -0.96
N LEU E 320 -39.35 -16.41 -1.79
CA LEU E 320 -39.98 -15.56 -2.80
C LEU E 320 -40.74 -16.38 -3.83
N VAL E 321 -40.17 -17.50 -4.28
CA VAL E 321 -40.89 -18.33 -5.25
C VAL E 321 -42.09 -19.01 -4.61
N GLU E 322 -42.04 -19.28 -3.31
CA GLU E 322 -43.22 -19.78 -2.60
C GLU E 322 -44.33 -18.74 -2.62
N TYR E 323 -43.97 -17.48 -2.37
CA TYR E 323 -44.98 -16.42 -2.49
C TYR E 323 -45.54 -16.34 -3.91
N ALA E 324 -44.67 -16.49 -4.91
CA ALA E 324 -45.13 -16.45 -6.29
C ALA E 324 -46.10 -17.60 -6.59
N VAL E 325 -45.78 -18.79 -6.09
CA VAL E 325 -46.67 -19.94 -6.28
C VAL E 325 -48.01 -19.70 -5.60
N VAL E 326 -48.00 -19.16 -4.38
CA VAL E 326 -49.24 -18.87 -3.69
C VAL E 326 -50.05 -17.85 -4.49
N GLN E 327 -49.39 -16.81 -5.01
CA GLN E 327 -50.09 -15.77 -5.77
C GLN E 327 -50.70 -16.34 -7.04
N VAL E 328 -49.96 -17.19 -7.76
CA VAL E 328 -50.49 -17.74 -9.00
C VAL E 328 -51.60 -18.75 -8.71
N MET E 329 -51.54 -19.43 -7.57
CA MET E 329 -52.61 -20.34 -7.18
C MET E 329 -53.85 -19.61 -6.66
N LEU E 330 -53.70 -18.36 -6.22
CA LEU E 330 -54.83 -17.58 -5.75
C LEU E 330 -55.80 -17.20 -6.85
N ASN E 331 -55.42 -17.37 -8.12
CA ASN E 331 -56.30 -17.03 -9.23
C ASN E 331 -56.59 -18.25 -10.09
N ILE E 649 -59.89 -23.02 -3.90
CA ILE E 649 -58.57 -22.49 -4.21
C ILE E 649 -57.97 -21.66 -3.07
N PRO E 650 -58.73 -20.72 -2.48
CA PRO E 650 -58.20 -20.00 -1.31
C PRO E 650 -57.80 -20.92 -0.17
N THR E 651 -58.58 -21.98 0.08
CA THR E 651 -58.22 -22.93 1.12
C THR E 651 -56.89 -23.61 0.81
N ALA E 652 -56.68 -24.00 -0.46
CA ALA E 652 -55.42 -24.62 -0.84
C ALA E 652 -54.25 -23.67 -0.66
N ALA E 653 -54.43 -22.40 -1.05
CA ALA E 653 -53.36 -21.42 -0.89
C ALA E 653 -53.04 -21.19 0.58
N LYS E 654 -54.08 -21.08 1.42
CA LYS E 654 -53.86 -20.91 2.86
C LYS E 654 -53.14 -22.11 3.46
N ARG E 655 -53.55 -23.32 3.06
CA ARG E 655 -52.89 -24.52 3.57
C ARG E 655 -51.43 -24.57 3.13
N ILE E 656 -51.15 -24.21 1.87
CA ILE E 656 -49.78 -24.22 1.37
C ILE E 656 -48.94 -23.21 2.15
N ASP E 657 -49.48 -22.00 2.37
CA ASP E 657 -48.73 -20.98 3.10
C ASP E 657 -48.45 -21.44 4.53
N LEU E 658 -49.45 -22.02 5.19
CA LEU E 658 -49.25 -22.50 6.56
C LEU E 658 -48.24 -23.63 6.60
N TYR E 659 -48.31 -24.56 5.66
CA TYR E 659 -47.36 -25.67 5.63
C TYR E 659 -45.94 -25.17 5.39
N ALA E 660 -45.78 -24.19 4.50
CA ALA E 660 -44.45 -23.63 4.26
C ALA E 660 -43.92 -22.93 5.51
N ARG E 661 -44.77 -22.12 6.16
CA ARG E 661 -44.34 -21.42 7.35
C ARG E 661 -44.04 -22.39 8.50
N ALA E 662 -44.63 -23.58 8.46
CA ALA E 662 -44.38 -24.56 9.50
C ALA E 662 -43.14 -25.42 9.20
N LEU E 663 -42.85 -25.68 7.93
CA LEU E 663 -41.78 -26.61 7.58
C LEU E 663 -40.45 -25.92 7.29
N PHE E 664 -40.46 -24.72 6.70
CA PHE E 664 -39.19 -24.06 6.38
C PHE E 664 -38.33 -23.79 7.61
N PRO E 665 -38.85 -23.31 8.74
CA PRO E 665 -37.99 -23.20 9.93
C PRO E 665 -37.40 -24.53 10.36
N PHE E 666 -38.17 -25.62 10.29
CA PHE E 666 -37.64 -26.92 10.70
C PHE E 666 -36.62 -27.43 9.69
N CYS E 667 -36.86 -27.21 8.40
CA CYS E 667 -35.88 -27.59 7.38
C CYS E 667 -34.58 -26.83 7.58
N PHE E 668 -34.67 -25.54 7.88
CA PHE E 668 -33.46 -24.75 8.12
C PHE E 668 -32.77 -25.18 9.41
N LEU E 669 -33.52 -25.59 10.44
CA LEU E 669 -32.89 -26.11 11.65
C LEU E 669 -32.13 -27.40 11.35
N PHE E 670 -32.73 -28.29 10.56
CA PHE E 670 -32.04 -29.51 10.16
C PHE E 670 -30.77 -29.18 9.36
N PHE E 671 -30.88 -28.24 8.43
CA PHE E 671 -29.71 -27.86 7.64
C PHE E 671 -28.63 -27.25 8.52
N ASN E 672 -29.03 -26.42 9.49
CA ASN E 672 -28.06 -25.77 10.38
C ASN E 672 -27.34 -26.79 11.24
N VAL E 673 -28.07 -27.74 11.82
CA VAL E 673 -27.41 -28.73 12.66
C VAL E 673 -26.51 -29.64 11.83
N ILE E 674 -26.94 -30.01 10.62
CA ILE E 674 -26.10 -30.82 9.76
C ILE E 674 -24.84 -30.06 9.36
N TYR E 675 -24.97 -28.77 9.04
CA TYR E 675 -23.83 -27.96 8.66
C TYR E 675 -22.84 -27.80 9.81
N TRP E 676 -23.35 -27.53 11.02
CA TRP E 676 -22.47 -27.38 12.16
C TRP E 676 -21.88 -28.72 12.60
N SER E 677 -22.49 -29.83 12.17
CA SER E 677 -21.90 -31.13 12.46
C SER E 677 -20.80 -31.49 11.46
N ILE E 678 -21.04 -31.26 10.16
CA ILE E 678 -20.05 -31.65 9.16
C ILE E 678 -18.80 -30.78 9.26
N TYR E 679 -18.97 -29.48 9.52
CA TYR E 679 -17.85 -28.58 9.74
C TYR E 679 -17.51 -28.51 11.24
N LEU E 680 -17.20 -29.68 11.79
CA LEU E 680 -16.87 -29.81 13.20
C LEU E 680 -15.59 -29.06 13.56
#